data_5YUH
# 
_entry.id   5YUH 
# 
_audit_conform.dict_name       mmcif_pdbx.dic 
_audit_conform.dict_version    5.387 
_audit_conform.dict_location   http://mmcif.pdb.org/dictionaries/ascii/mmcif_pdbx.dic 
# 
loop_
_database_2.database_id 
_database_2.database_code 
_database_2.pdbx_database_accession 
_database_2.pdbx_DOI 
PDB   5YUH         pdb_00005yuh 10.2210/pdb5yuh/pdb 
WWPDB D_1300005937 ?            ?                   
# 
loop_
_pdbx_audit_revision_history.ordinal 
_pdbx_audit_revision_history.data_content_type 
_pdbx_audit_revision_history.major_revision 
_pdbx_audit_revision_history.minor_revision 
_pdbx_audit_revision_history.revision_date 
1 'Structure model' 1 0 2018-05-02 
2 'Structure model' 1 1 2019-02-20 
3 'Structure model' 1 2 2024-03-27 
# 
_pdbx_audit_revision_details.ordinal             1 
_pdbx_audit_revision_details.revision_ordinal    1 
_pdbx_audit_revision_details.data_content_type   'Structure model' 
_pdbx_audit_revision_details.provider            repository 
_pdbx_audit_revision_details.type                'Initial release' 
_pdbx_audit_revision_details.description         ? 
_pdbx_audit_revision_details.details             ? 
# 
loop_
_pdbx_audit_revision_group.ordinal 
_pdbx_audit_revision_group.revision_ordinal 
_pdbx_audit_revision_group.data_content_type 
_pdbx_audit_revision_group.group 
1 2 'Structure model' 'Data collection'     
2 2 'Structure model' 'Source and taxonomy' 
3 3 'Structure model' 'Data collection'     
4 3 'Structure model' 'Database references' 
# 
loop_
_pdbx_audit_revision_category.ordinal 
_pdbx_audit_revision_category.revision_ordinal 
_pdbx_audit_revision_category.data_content_type 
_pdbx_audit_revision_category.category 
1 2 'Structure model' entity_src_gen 
2 3 'Structure model' chem_comp_atom 
3 3 'Structure model' chem_comp_bond 
4 3 'Structure model' database_2     
# 
loop_
_pdbx_audit_revision_item.ordinal 
_pdbx_audit_revision_item.revision_ordinal 
_pdbx_audit_revision_item.data_content_type 
_pdbx_audit_revision_item.item 
1 2 'Structure model' '_entity_src_gen.pdbx_host_org_ncbi_taxonomy_id' 
2 2 'Structure model' '_entity_src_gen.pdbx_host_org_scientific_name'  
3 3 'Structure model' '_database_2.pdbx_DOI'                           
4 3 'Structure model' '_database_2.pdbx_database_accession'            
# 
_pdbx_database_status.status_code                     REL 
_pdbx_database_status.status_code_sf                  REL 
_pdbx_database_status.status_code_mr                  ? 
_pdbx_database_status.entry_id                        5YUH 
_pdbx_database_status.recvd_initial_deposition_date   2017-11-22 
_pdbx_database_status.SG_entry                        N 
_pdbx_database_status.deposit_site                    PDBJ 
_pdbx_database_status.process_site                    PDBJ 
_pdbx_database_status.status_code_cs                  ? 
_pdbx_database_status.methods_development_category    ? 
_pdbx_database_status.pdb_format_compatible           Y 
_pdbx_database_status.status_code_nmr_data            ? 
# 
loop_
_audit_author.name 
_audit_author.pdbx_ordinal 
_audit_author.identifier_ORCID 
'Zhang, M.M.' 1 ? 
'Wu, B.X.'    2 ? 
# 
_citation.abstract                  ? 
_citation.abstract_id_CAS           ? 
_citation.book_id_ISBN              ? 
_citation.book_publisher            ? 
_citation.book_publisher_city       ? 
_citation.book_title                ? 
_citation.coordinate_linkage        ? 
_citation.country                   ? 
_citation.database_id_Medline       ? 
_citation.details                   ? 
_citation.id                        primary 
_citation.journal_abbrev            'To Be Published' 
_citation.journal_id_ASTM           ? 
_citation.journal_id_CSD            0353 
_citation.journal_id_ISSN           ? 
_citation.journal_full              ? 
_citation.journal_issue             ? 
_citation.journal_volume            ? 
_citation.language                  ? 
_citation.page_first                ? 
_citation.page_last                 ? 
_citation.title                     'AtVAL1 PHD-Like domain in the P6122 space group' 
_citation.year                      ? 
_citation.database_id_CSD           ? 
_citation.pdbx_database_id_DOI      ? 
_citation.pdbx_database_id_PubMed   ? 
_citation.unpublished_flag          ? 
# 
loop_
_citation_author.citation_id 
_citation_author.name 
_citation_author.ordinal 
_citation_author.identifier_ORCID 
primary 'Zhang, M.M.' 1 ? 
primary 'Wu, B.X.'    2 ? 
# 
loop_
_entity.id 
_entity.type 
_entity.src_method 
_entity.pdbx_description 
_entity.formula_weight 
_entity.pdbx_number_of_molecules 
_entity.pdbx_ec 
_entity.pdbx_mutation 
_entity.pdbx_fragment 
_entity.details 
1 polymer     man 'B3 domain-containing transcription repressor VAL1' 12261.192 1  ? ? 'PHD-Like domain' ? 
2 non-polymer syn 'ZINC ION'                                          65.409    3  ? ? ?                 ? 
3 water       nat water                                               18.015    17 ? ? ?                 ? 
# 
_entity_name_com.entity_id   1 
_entity_name_com.name        'Protein HIGH-LEVEL EXPRESSION OF SUGAR-INDUCIBLE 2,Protein VP1/ABI3-LIKE 1' 
# 
_entity_poly.entity_id                      1 
_entity_poly.type                           'polypeptide(L)' 
_entity_poly.nstd_linkage                   no 
_entity_poly.nstd_monomer                   no 
_entity_poly.pdbx_seq_one_letter_code       
;MFEVKMGSKMCMNASCGTTSTVEWKKGWPLRSGLLADLCYRCGSAYESSLFCEQFHKDQSGWRECYLCSKRLHCGCIASK
VTIELMDYGGVGCSTCACCHQLNLNTRGEN
;
_entity_poly.pdbx_seq_one_letter_code_can   
;MFEVKMGSKMCMNASCGTTSTVEWKKGWPLRSGLLADLCYRCGSAYESSLFCEQFHKDQSGWRECYLCSKRLHCGCIASK
VTIELMDYGGVGCSTCACCHQLNLNTRGEN
;
_entity_poly.pdbx_strand_id                 A 
_entity_poly.pdbx_target_identifier         ? 
# 
loop_
_pdbx_entity_nonpoly.entity_id 
_pdbx_entity_nonpoly.name 
_pdbx_entity_nonpoly.comp_id 
2 'ZINC ION' ZN  
3 water      HOH 
# 
loop_
_entity_poly_seq.entity_id 
_entity_poly_seq.num 
_entity_poly_seq.mon_id 
_entity_poly_seq.hetero 
1 1   MET n 
1 2   PHE n 
1 3   GLU n 
1 4   VAL n 
1 5   LYS n 
1 6   MET n 
1 7   GLY n 
1 8   SER n 
1 9   LYS n 
1 10  MET n 
1 11  CYS n 
1 12  MET n 
1 13  ASN n 
1 14  ALA n 
1 15  SER n 
1 16  CYS n 
1 17  GLY n 
1 18  THR n 
1 19  THR n 
1 20  SER n 
1 21  THR n 
1 22  VAL n 
1 23  GLU n 
1 24  TRP n 
1 25  LYS n 
1 26  LYS n 
1 27  GLY n 
1 28  TRP n 
1 29  PRO n 
1 30  LEU n 
1 31  ARG n 
1 32  SER n 
1 33  GLY n 
1 34  LEU n 
1 35  LEU n 
1 36  ALA n 
1 37  ASP n 
1 38  LEU n 
1 39  CYS n 
1 40  TYR n 
1 41  ARG n 
1 42  CYS n 
1 43  GLY n 
1 44  SER n 
1 45  ALA n 
1 46  TYR n 
1 47  GLU n 
1 48  SER n 
1 49  SER n 
1 50  LEU n 
1 51  PHE n 
1 52  CYS n 
1 53  GLU n 
1 54  GLN n 
1 55  PHE n 
1 56  HIS n 
1 57  LYS n 
1 58  ASP n 
1 59  GLN n 
1 60  SER n 
1 61  GLY n 
1 62  TRP n 
1 63  ARG n 
1 64  GLU n 
1 65  CYS n 
1 66  TYR n 
1 67  LEU n 
1 68  CYS n 
1 69  SER n 
1 70  LYS n 
1 71  ARG n 
1 72  LEU n 
1 73  HIS n 
1 74  CYS n 
1 75  GLY n 
1 76  CYS n 
1 77  ILE n 
1 78  ALA n 
1 79  SER n 
1 80  LYS n 
1 81  VAL n 
1 82  THR n 
1 83  ILE n 
1 84  GLU n 
1 85  LEU n 
1 86  MET n 
1 87  ASP n 
1 88  TYR n 
1 89  GLY n 
1 90  GLY n 
1 91  VAL n 
1 92  GLY n 
1 93  CYS n 
1 94  SER n 
1 95  THR n 
1 96  CYS n 
1 97  ALA n 
1 98  CYS n 
1 99  CYS n 
1 100 HIS n 
1 101 GLN n 
1 102 LEU n 
1 103 ASN n 
1 104 LEU n 
1 105 ASN n 
1 106 THR n 
1 107 ARG n 
1 108 GLY n 
1 109 GLU n 
1 110 ASN n 
# 
_entity_src_gen.entity_id                          1 
_entity_src_gen.pdbx_src_id                        1 
_entity_src_gen.pdbx_alt_source_flag               sample 
_entity_src_gen.pdbx_seq_type                      'Biological sequence' 
_entity_src_gen.pdbx_beg_seq_num                   1 
_entity_src_gen.pdbx_end_seq_num                   110 
_entity_src_gen.gene_src_common_name               'Mouse-ear cress' 
_entity_src_gen.gene_src_genus                     ? 
_entity_src_gen.pdbx_gene_src_gene                 'VAL1, HSI2, At2g30470, T6B20.17' 
_entity_src_gen.gene_src_species                   ? 
_entity_src_gen.gene_src_strain                    ? 
_entity_src_gen.gene_src_tissue                    ? 
_entity_src_gen.gene_src_tissue_fraction           ? 
_entity_src_gen.gene_src_details                   ? 
_entity_src_gen.pdbx_gene_src_fragment             ? 
_entity_src_gen.pdbx_gene_src_scientific_name      'Arabidopsis thaliana' 
_entity_src_gen.pdbx_gene_src_ncbi_taxonomy_id     3702 
_entity_src_gen.pdbx_gene_src_variant              ? 
_entity_src_gen.pdbx_gene_src_cell_line            ? 
_entity_src_gen.pdbx_gene_src_atcc                 ? 
_entity_src_gen.pdbx_gene_src_organ                ? 
_entity_src_gen.pdbx_gene_src_organelle            ? 
_entity_src_gen.pdbx_gene_src_cell                 ? 
_entity_src_gen.pdbx_gene_src_cellular_location    ? 
_entity_src_gen.host_org_common_name               ? 
_entity_src_gen.pdbx_host_org_scientific_name      'Escherichia coli' 
_entity_src_gen.pdbx_host_org_ncbi_taxonomy_id     562 
_entity_src_gen.host_org_genus                     ? 
_entity_src_gen.pdbx_host_org_gene                 ? 
_entity_src_gen.pdbx_host_org_organ                ? 
_entity_src_gen.host_org_species                   ? 
_entity_src_gen.pdbx_host_org_tissue               ? 
_entity_src_gen.pdbx_host_org_tissue_fraction      ? 
_entity_src_gen.pdbx_host_org_strain               ? 
_entity_src_gen.pdbx_host_org_variant              ? 
_entity_src_gen.pdbx_host_org_cell_line            ? 
_entity_src_gen.pdbx_host_org_atcc                 ? 
_entity_src_gen.pdbx_host_org_culture_collection   ? 
_entity_src_gen.pdbx_host_org_cell                 ? 
_entity_src_gen.pdbx_host_org_organelle            ? 
_entity_src_gen.pdbx_host_org_cellular_location    ? 
_entity_src_gen.pdbx_host_org_vector_type          ? 
_entity_src_gen.pdbx_host_org_vector               ? 
_entity_src_gen.host_org_details                   ? 
_entity_src_gen.expression_system_id               ? 
_entity_src_gen.plasmid_name                       ? 
_entity_src_gen.plasmid_details                    ? 
_entity_src_gen.pdbx_description                   ? 
# 
loop_
_chem_comp.id 
_chem_comp.type 
_chem_comp.mon_nstd_flag 
_chem_comp.name 
_chem_comp.pdbx_synonyms 
_chem_comp.formula 
_chem_comp.formula_weight 
ALA 'L-peptide linking' y ALANINE         ? 'C3 H7 N O2'     89.093  
ARG 'L-peptide linking' y ARGININE        ? 'C6 H15 N4 O2 1' 175.209 
ASN 'L-peptide linking' y ASPARAGINE      ? 'C4 H8 N2 O3'    132.118 
ASP 'L-peptide linking' y 'ASPARTIC ACID' ? 'C4 H7 N O4'     133.103 
CYS 'L-peptide linking' y CYSTEINE        ? 'C3 H7 N O2 S'   121.158 
GLN 'L-peptide linking' y GLUTAMINE       ? 'C5 H10 N2 O3'   146.144 
GLU 'L-peptide linking' y 'GLUTAMIC ACID' ? 'C5 H9 N O4'     147.129 
GLY 'peptide linking'   y GLYCINE         ? 'C2 H5 N O2'     75.067  
HIS 'L-peptide linking' y HISTIDINE       ? 'C6 H10 N3 O2 1' 156.162 
HOH non-polymer         . WATER           ? 'H2 O'           18.015  
ILE 'L-peptide linking' y ISOLEUCINE      ? 'C6 H13 N O2'    131.173 
LEU 'L-peptide linking' y LEUCINE         ? 'C6 H13 N O2'    131.173 
LYS 'L-peptide linking' y LYSINE          ? 'C6 H15 N2 O2 1' 147.195 
MET 'L-peptide linking' y METHIONINE      ? 'C5 H11 N O2 S'  149.211 
PHE 'L-peptide linking' y PHENYLALANINE   ? 'C9 H11 N O2'    165.189 
PRO 'L-peptide linking' y PROLINE         ? 'C5 H9 N O2'     115.130 
SER 'L-peptide linking' y SERINE          ? 'C3 H7 N O3'     105.093 
THR 'L-peptide linking' y THREONINE       ? 'C4 H9 N O3'     119.119 
TRP 'L-peptide linking' y TRYPTOPHAN      ? 'C11 H12 N2 O2'  204.225 
TYR 'L-peptide linking' y TYROSINE        ? 'C9 H11 N O3'    181.189 
VAL 'L-peptide linking' y VALINE          ? 'C5 H11 N O2'    117.146 
ZN  non-polymer         . 'ZINC ION'      ? 'Zn 2'           65.409  
# 
loop_
_pdbx_poly_seq_scheme.asym_id 
_pdbx_poly_seq_scheme.entity_id 
_pdbx_poly_seq_scheme.seq_id 
_pdbx_poly_seq_scheme.mon_id 
_pdbx_poly_seq_scheme.ndb_seq_num 
_pdbx_poly_seq_scheme.pdb_seq_num 
_pdbx_poly_seq_scheme.auth_seq_num 
_pdbx_poly_seq_scheme.pdb_mon_id 
_pdbx_poly_seq_scheme.auth_mon_id 
_pdbx_poly_seq_scheme.pdb_strand_id 
_pdbx_poly_seq_scheme.pdb_ins_code 
_pdbx_poly_seq_scheme.hetero 
A 1 1   MET 1   1   ?  ?   ?   A . n 
A 1 2   PHE 2   2   ?  ?   ?   A . n 
A 1 3   GLU 3   3   ?  ?   ?   A . n 
A 1 4   VAL 4   4   ?  ?   ?   A . n 
A 1 5   LYS 5   5   ?  ?   ?   A . n 
A 1 6   MET 6   6   ?  ?   ?   A . n 
A 1 7   GLY 7   7   ?  ?   ?   A . n 
A 1 8   SER 8   8   ?  ?   ?   A . n 
A 1 9   LYS 9   9   9  LYS LYS A . n 
A 1 10  MET 10  10  10 MET MET A . n 
A 1 11  CYS 11  11  11 CYS CYS A . n 
A 1 12  MET 12  12  12 MET MET A . n 
A 1 13  ASN 13  13  13 ASN ASN A . n 
A 1 14  ALA 14  14  14 ALA ALA A . n 
A 1 15  SER 15  15  15 SER SER A . n 
A 1 16  CYS 16  16  16 CYS CYS A . n 
A 1 17  GLY 17  17  17 GLY GLY A . n 
A 1 18  THR 18  18  18 THR THR A . n 
A 1 19  THR 19  19  19 THR THR A . n 
A 1 20  SER 20  20  20 SER SER A . n 
A 1 21  THR 21  21  21 THR THR A . n 
A 1 22  VAL 22  22  22 VAL VAL A . n 
A 1 23  GLU 23  23  23 GLU GLU A . n 
A 1 24  TRP 24  24  24 TRP TRP A . n 
A 1 25  LYS 25  25  25 LYS LYS A . n 
A 1 26  LYS 26  26  26 LYS LYS A . n 
A 1 27  GLY 27  27  27 GLY GLY A . n 
A 1 28  TRP 28  28  28 TRP TRP A . n 
A 1 29  PRO 29  29  29 PRO PRO A . n 
A 1 30  LEU 30  30  30 LEU LEU A . n 
A 1 31  ARG 31  31  31 ARG ARG A . n 
A 1 32  SER 32  32  32 SER SER A . n 
A 1 33  GLY 33  33  33 GLY GLY A . n 
A 1 34  LEU 34  34  34 LEU LEU A . n 
A 1 35  LEU 35  35  35 LEU LEU A . n 
A 1 36  ALA 36  36  36 ALA ALA A . n 
A 1 37  ASP 37  37  37 ASP ASP A . n 
A 1 38  LEU 38  38  38 LEU LEU A . n 
A 1 39  CYS 39  39  39 CYS CYS A . n 
A 1 40  TYR 40  40  40 TYR TYR A . n 
A 1 41  ARG 41  41  41 ARG ARG A . n 
A 1 42  CYS 42  42  42 CYS CYS A . n 
A 1 43  GLY 43  43  43 GLY GLY A . n 
A 1 44  SER 44  44  44 SER SER A . n 
A 1 45  ALA 45  45  45 ALA ALA A . n 
A 1 46  TYR 46  46  46 TYR TYR A . n 
A 1 47  GLU 47  47  47 GLU GLU A . n 
A 1 48  SER 48  48  48 SER SER A . n 
A 1 49  SER 49  49  49 SER SER A . n 
A 1 50  LEU 50  50  50 LEU LEU A . n 
A 1 51  PHE 51  51  51 PHE PHE A . n 
A 1 52  CYS 52  52  52 CYS CYS A . n 
A 1 53  GLU 53  53  53 GLU GLU A . n 
A 1 54  GLN 54  54  54 GLN GLN A . n 
A 1 55  PHE 55  55  55 PHE PHE A . n 
A 1 56  HIS 56  56  56 HIS HIS A . n 
A 1 57  LYS 57  57  57 LYS LYS A . n 
A 1 58  ASP 58  58  58 ASP ASP A . n 
A 1 59  GLN 59  59  59 GLN GLN A . n 
A 1 60  SER 60  60  60 SER SER A . n 
A 1 61  GLY 61  61  61 GLY GLY A . n 
A 1 62  TRP 62  62  62 TRP TRP A . n 
A 1 63  ARG 63  63  63 ARG ARG A . n 
A 1 64  GLU 64  64  64 GLU GLU A . n 
A 1 65  CYS 65  65  65 CYS CYS A . n 
A 1 66  TYR 66  66  66 TYR TYR A . n 
A 1 67  LEU 67  67  67 LEU LEU A . n 
A 1 68  CYS 68  68  68 CYS CYS A . n 
A 1 69  SER 69  69  69 SER SER A . n 
A 1 70  LYS 70  70  70 LYS LYS A . n 
A 1 71  ARG 71  71  71 ARG ARG A . n 
A 1 72  LEU 72  72  72 LEU LEU A . n 
A 1 73  HIS 73  73  73 HIS HIS A . n 
A 1 74  CYS 74  74  74 CYS CYS A . n 
A 1 75  GLY 75  75  75 GLY GLY A . n 
A 1 76  CYS 76  76  76 CYS CYS A . n 
A 1 77  ILE 77  77  77 ILE ILE A . n 
A 1 78  ALA 78  78  78 ALA ALA A . n 
A 1 79  SER 79  79  79 SER SER A . n 
A 1 80  LYS 80  80  80 LYS LYS A . n 
A 1 81  VAL 81  81  81 VAL VAL A . n 
A 1 82  THR 82  82  82 THR THR A . n 
A 1 83  ILE 83  83  83 ILE ILE A . n 
A 1 84  GLU 84  84  84 GLU GLU A . n 
A 1 85  LEU 85  85  85 LEU LEU A . n 
A 1 86  MET 86  86  86 MET MET A . n 
A 1 87  ASP 87  87  87 ASP ASP A . n 
A 1 88  TYR 88  88  88 TYR TYR A . n 
A 1 89  GLY 89  89  89 GLY GLY A . n 
A 1 90  GLY 90  90  90 GLY GLY A . n 
A 1 91  VAL 91  91  91 VAL VAL A . n 
A 1 92  GLY 92  92  92 GLY GLY A . n 
A 1 93  CYS 93  93  93 CYS CYS A . n 
A 1 94  SER 94  94  94 SER SER A . n 
A 1 95  THR 95  95  95 THR THR A . n 
A 1 96  CYS 96  96  96 CYS CYS A . n 
A 1 97  ALA 97  97  97 ALA ALA A . n 
A 1 98  CYS 98  98  98 CYS CYS A . n 
A 1 99  CYS 99  99  ?  ?   ?   A . n 
A 1 100 HIS 100 100 ?  ?   ?   A . n 
A 1 101 GLN 101 101 ?  ?   ?   A . n 
A 1 102 LEU 102 102 ?  ?   ?   A . n 
A 1 103 ASN 103 103 ?  ?   ?   A . n 
A 1 104 LEU 104 104 ?  ?   ?   A . n 
A 1 105 ASN 105 105 ?  ?   ?   A . n 
A 1 106 THR 106 106 ?  ?   ?   A . n 
A 1 107 ARG 107 107 ?  ?   ?   A . n 
A 1 108 GLY 108 108 ?  ?   ?   A . n 
A 1 109 GLU 109 109 ?  ?   ?   A . n 
A 1 110 ASN 110 110 ?  ?   ?   A . n 
# 
loop_
_pdbx_nonpoly_scheme.asym_id 
_pdbx_nonpoly_scheme.entity_id 
_pdbx_nonpoly_scheme.mon_id 
_pdbx_nonpoly_scheme.ndb_seq_num 
_pdbx_nonpoly_scheme.pdb_seq_num 
_pdbx_nonpoly_scheme.auth_seq_num 
_pdbx_nonpoly_scheme.pdb_mon_id 
_pdbx_nonpoly_scheme.auth_mon_id 
_pdbx_nonpoly_scheme.pdb_strand_id 
_pdbx_nonpoly_scheme.pdb_ins_code 
B 2 ZN  1  201 1  ZN  ZN  A . 
C 2 ZN  1  202 2  ZN  ZN  A . 
D 2 ZN  1  203 3  ZN  ZN  A . 
E 3 HOH 1  301 3  HOH HOH A . 
E 3 HOH 2  302 2  HOH HOH A . 
E 3 HOH 3  303 1  HOH HOH A . 
E 3 HOH 4  304 11 HOH HOH A . 
E 3 HOH 5  305 12 HOH HOH A . 
E 3 HOH 6  306 6  HOH HOH A . 
E 3 HOH 7  307 17 HOH HOH A . 
E 3 HOH 8  308 4  HOH HOH A . 
E 3 HOH 9  309 14 HOH HOH A . 
E 3 HOH 10 310 19 HOH HOH A . 
E 3 HOH 11 311 5  HOH HOH A . 
E 3 HOH 12 312 10 HOH HOH A . 
E 3 HOH 13 313 16 HOH HOH A . 
E 3 HOH 14 314 13 HOH HOH A . 
E 3 HOH 15 315 7  HOH HOH A . 
E 3 HOH 16 316 18 HOH HOH A . 
E 3 HOH 17 317 20 HOH HOH A . 
# 
loop_
_software.citation_id 
_software.classification 
_software.compiler_name 
_software.compiler_version 
_software.contact_author 
_software.contact_author_email 
_software.date 
_software.description 
_software.dependencies 
_software.hardware 
_software.language 
_software.location 
_software.mods 
_software.name 
_software.os 
_software.os_version 
_software.type 
_software.version 
_software.pdbx_ordinal 
? refinement       ? ? ? ? ? ? ? ? ? ? ? PHENIX   ? ? ? '(1.10.1_2155: ???)' 1 
? 'data reduction' ? ? ? ? ? ? ? ? ? ? ? HKL-3000 ? ? ? .                    2 
? 'data scaling'   ? ? ? ? ? ? ? ? ? ? ? HKL-3000 ? ? ? .                    3 
? phasing          ? ? ? ? ? ? ? ? ? ? ? SHELXCD  ? ? ? .                    4 
# 
_cell.angle_alpha                  90.00 
_cell.angle_alpha_esd              ? 
_cell.angle_beta                   90.00 
_cell.angle_beta_esd               ? 
_cell.angle_gamma                  120.00 
_cell.angle_gamma_esd              ? 
_cell.entry_id                     5YUH 
_cell.details                      ? 
_cell.formula_units_Z              ? 
_cell.length_a                     52.743 
_cell.length_a_esd                 ? 
_cell.length_b                     52.743 
_cell.length_b_esd                 ? 
_cell.length_c                     125.030 
_cell.length_c_esd                 ? 
_cell.volume                       ? 
_cell.volume_esd                   ? 
_cell.Z_PDB                        12 
_cell.reciprocal_angle_alpha       ? 
_cell.reciprocal_angle_beta        ? 
_cell.reciprocal_angle_gamma       ? 
_cell.reciprocal_angle_alpha_esd   ? 
_cell.reciprocal_angle_beta_esd    ? 
_cell.reciprocal_angle_gamma_esd   ? 
_cell.reciprocal_length_a          ? 
_cell.reciprocal_length_b          ? 
_cell.reciprocal_length_c          ? 
_cell.reciprocal_length_a_esd      ? 
_cell.reciprocal_length_b_esd      ? 
_cell.reciprocal_length_c_esd      ? 
_cell.pdbx_unique_axis             ? 
# 
_symmetry.entry_id                         5YUH 
_symmetry.cell_setting                     ? 
_symmetry.Int_Tables_number                178 
_symmetry.space_group_name_Hall            ? 
_symmetry.space_group_name_H-M             'P 61 2 2' 
_symmetry.pdbx_full_space_group_name_H-M   ? 
# 
_exptl.absorpt_coefficient_mu     ? 
_exptl.absorpt_correction_T_max   ? 
_exptl.absorpt_correction_T_min   ? 
_exptl.absorpt_correction_type    ? 
_exptl.absorpt_process_details    ? 
_exptl.entry_id                   5YUH 
_exptl.crystals_number            1 
_exptl.details                    ? 
_exptl.method                     'X-RAY DIFFRACTION' 
_exptl.method_details             ? 
# 
_exptl_crystal.colour                      ? 
_exptl_crystal.density_diffrn              ? 
_exptl_crystal.density_Matthews            2.05 
_exptl_crystal.density_method              ? 
_exptl_crystal.density_percent_sol         39.92 
_exptl_crystal.description                 ? 
_exptl_crystal.F_000                       ? 
_exptl_crystal.id                          1 
_exptl_crystal.preparation                 ? 
_exptl_crystal.size_max                    ? 
_exptl_crystal.size_mid                    ? 
_exptl_crystal.size_min                    ? 
_exptl_crystal.size_rad                    ? 
_exptl_crystal.colour_lustre               ? 
_exptl_crystal.colour_modifier             ? 
_exptl_crystal.colour_primary              ? 
_exptl_crystal.density_meas                ? 
_exptl_crystal.density_meas_esd            ? 
_exptl_crystal.density_meas_gt             ? 
_exptl_crystal.density_meas_lt             ? 
_exptl_crystal.density_meas_temp           ? 
_exptl_crystal.density_meas_temp_esd       ? 
_exptl_crystal.density_meas_temp_gt        ? 
_exptl_crystal.density_meas_temp_lt        ? 
_exptl_crystal.pdbx_crystal_image_url      ? 
_exptl_crystal.pdbx_crystal_image_format   ? 
_exptl_crystal.pdbx_mosaicity              ? 
_exptl_crystal.pdbx_mosaicity_esd          ? 
# 
_exptl_crystal_grow.apparatus       ? 
_exptl_crystal_grow.atmosphere      ? 
_exptl_crystal_grow.crystal_id      1 
_exptl_crystal_grow.details         ? 
_exptl_crystal_grow.method          'VAPOR DIFFUSION, HANGING DROP' 
_exptl_crystal_grow.method_ref      ? 
_exptl_crystal_grow.pH              ? 
_exptl_crystal_grow.pressure        ? 
_exptl_crystal_grow.pressure_esd    ? 
_exptl_crystal_grow.seeding         ? 
_exptl_crystal_grow.seeding_ref     ? 
_exptl_crystal_grow.temp            293 
_exptl_crystal_grow.temp_details    ? 
_exptl_crystal_grow.temp_esd        ? 
_exptl_crystal_grow.time            ? 
_exptl_crystal_grow.pdbx_details    '0.15M DL-Malic acid pH 7.0, 20% w/v Polyethylene glycol 3350' 
_exptl_crystal_grow.pdbx_pH_range   ? 
# 
_diffrn.ambient_environment    ? 
_diffrn.ambient_temp           100 
_diffrn.ambient_temp_details   ? 
_diffrn.ambient_temp_esd       ? 
_diffrn.crystal_id             1 
_diffrn.crystal_support        ? 
_diffrn.crystal_treatment      ? 
_diffrn.details                ? 
_diffrn.id                     1 
_diffrn.ambient_pressure       ? 
_diffrn.ambient_pressure_esd   ? 
_diffrn.ambient_pressure_gt    ? 
_diffrn.ambient_pressure_lt    ? 
_diffrn.ambient_temp_gt        ? 
_diffrn.ambient_temp_lt        ? 
# 
_diffrn_detector.details                      ? 
_diffrn_detector.detector                     PIXEL 
_diffrn_detector.diffrn_id                    1 
_diffrn_detector.type                         'DECTRIS PILATUS3 S 6M' 
_diffrn_detector.area_resol_mean              ? 
_diffrn_detector.dtime                        ? 
_diffrn_detector.pdbx_frames_total            ? 
_diffrn_detector.pdbx_collection_time_total   ? 
_diffrn_detector.pdbx_collection_date         2017-11-17 
# 
_diffrn_radiation.collimation                      ? 
_diffrn_radiation.diffrn_id                        1 
_diffrn_radiation.filter_edge                      ? 
_diffrn_radiation.inhomogeneity                    ? 
_diffrn_radiation.monochromator                    ? 
_diffrn_radiation.polarisn_norm                    ? 
_diffrn_radiation.polarisn_ratio                   ? 
_diffrn_radiation.probe                            ? 
_diffrn_radiation.type                             ? 
_diffrn_radiation.xray_symbol                      ? 
_diffrn_radiation.wavelength_id                    1 
_diffrn_radiation.pdbx_monochromatic_or_laue_m_l   M 
_diffrn_radiation.pdbx_wavelength_list             ? 
_diffrn_radiation.pdbx_wavelength                  ? 
_diffrn_radiation.pdbx_diffrn_protocol             'SINGLE WAVELENGTH' 
_diffrn_radiation.pdbx_analyzer                    ? 
_diffrn_radiation.pdbx_scattering_type             x-ray 
# 
_diffrn_radiation_wavelength.id           1 
_diffrn_radiation_wavelength.wavelength   0.97737 
_diffrn_radiation_wavelength.wt           1.0 
# 
_diffrn_source.current                     ? 
_diffrn_source.details                     ? 
_diffrn_source.diffrn_id                   1 
_diffrn_source.power                       ? 
_diffrn_source.size                        ? 
_diffrn_source.source                      SYNCHROTRON 
_diffrn_source.target                      ? 
_diffrn_source.type                        'SSRF BEAMLINE BL19U1' 
_diffrn_source.voltage                     ? 
_diffrn_source.take-off_angle              ? 
_diffrn_source.pdbx_wavelength_list        0.97737 
_diffrn_source.pdbx_wavelength             ? 
_diffrn_source.pdbx_synchrotron_beamline   BL19U1 
_diffrn_source.pdbx_synchrotron_site       SSRF 
# 
_reflns.B_iso_Wilson_estimate            ? 
_reflns.entry_id                         5YUH 
_reflns.data_reduction_details           ? 
_reflns.data_reduction_method            ? 
_reflns.d_resolution_high                1.8 
_reflns.d_resolution_low                 30 
_reflns.details                          ? 
_reflns.limit_h_max                      ? 
_reflns.limit_h_min                      ? 
_reflns.limit_k_max                      ? 
_reflns.limit_k_min                      ? 
_reflns.limit_l_max                      ? 
_reflns.limit_l_min                      ? 
_reflns.number_all                       ? 
_reflns.number_obs                       10206 
_reflns.observed_criterion               ? 
_reflns.observed_criterion_F_max         ? 
_reflns.observed_criterion_F_min         ? 
_reflns.observed_criterion_I_max         ? 
_reflns.observed_criterion_I_min         ? 
_reflns.observed_criterion_sigma_F       ? 
_reflns.observed_criterion_sigma_I       ? 
_reflns.percent_possible_obs             99.9 
_reflns.R_free_details                   ? 
_reflns.Rmerge_F_all                     ? 
_reflns.Rmerge_F_obs                     ? 
_reflns.Friedel_coverage                 ? 
_reflns.number_gt                        ? 
_reflns.threshold_expression             ? 
_reflns.pdbx_redundancy                  33.7 
_reflns.pdbx_Rmerge_I_obs                0.094 
_reflns.pdbx_Rmerge_I_all                ? 
_reflns.pdbx_Rsym_value                  ? 
_reflns.pdbx_netI_over_av_sigmaI         ? 
_reflns.pdbx_netI_over_sigmaI            48.25 
_reflns.pdbx_res_netI_over_av_sigmaI_2   ? 
_reflns.pdbx_res_netI_over_sigmaI_2      ? 
_reflns.pdbx_chi_squared                 ? 
_reflns.pdbx_scaling_rejects             ? 
_reflns.pdbx_d_res_high_opt              ? 
_reflns.pdbx_d_res_low_opt               ? 
_reflns.pdbx_d_res_opt_method            ? 
_reflns.phase_calculation_details        ? 
_reflns.pdbx_Rrim_I_all                  ? 
_reflns.pdbx_Rpim_I_all                  ? 
_reflns.pdbx_d_opt                       ? 
_reflns.pdbx_number_measured_all         ? 
_reflns.pdbx_diffrn_id                   1 
_reflns.pdbx_ordinal                     1 
_reflns.pdbx_CC_half                     ? 
_reflns.pdbx_R_split                     ? 
# 
_reflns_shell.d_res_high                  1.80 
_reflns_shell.d_res_low                   1.86 
_reflns_shell.meanI_over_sigI_all         ? 
_reflns_shell.meanI_over_sigI_obs         ? 
_reflns_shell.number_measured_all         ? 
_reflns_shell.number_measured_obs         ? 
_reflns_shell.number_possible             ? 
_reflns_shell.number_unique_all           ? 
_reflns_shell.number_unique_obs           ? 
_reflns_shell.percent_possible_all        ? 
_reflns_shell.percent_possible_obs        ? 
_reflns_shell.Rmerge_F_all                ? 
_reflns_shell.Rmerge_F_obs                ? 
_reflns_shell.Rmerge_I_all                ? 
_reflns_shell.Rmerge_I_obs                ? 
_reflns_shell.meanI_over_sigI_gt          ? 
_reflns_shell.meanI_over_uI_all           ? 
_reflns_shell.meanI_over_uI_gt            ? 
_reflns_shell.number_measured_gt          ? 
_reflns_shell.number_unique_gt            ? 
_reflns_shell.percent_possible_gt         ? 
_reflns_shell.Rmerge_F_gt                 ? 
_reflns_shell.Rmerge_I_gt                 ? 
_reflns_shell.pdbx_redundancy             ? 
_reflns_shell.pdbx_Rsym_value             ? 
_reflns_shell.pdbx_chi_squared            ? 
_reflns_shell.pdbx_netI_over_sigmaI_all   ? 
_reflns_shell.pdbx_netI_over_sigmaI_obs   ? 
_reflns_shell.pdbx_Rrim_I_all             ? 
_reflns_shell.pdbx_Rpim_I_all             ? 
_reflns_shell.pdbx_rejects                ? 
_reflns_shell.pdbx_ordinal                1 
_reflns_shell.pdbx_diffrn_id              1 
_reflns_shell.pdbx_CC_half                ? 
_reflns_shell.pdbx_R_split                ? 
# 
_refine.aniso_B[1][1]                            ? 
_refine.aniso_B[1][2]                            ? 
_refine.aniso_B[1][3]                            ? 
_refine.aniso_B[2][2]                            ? 
_refine.aniso_B[2][3]                            ? 
_refine.aniso_B[3][3]                            ? 
_refine.B_iso_max                                ? 
_refine.B_iso_mean                               ? 
_refine.B_iso_min                                ? 
_refine.correlation_coeff_Fo_to_Fc               ? 
_refine.correlation_coeff_Fo_to_Fc_free          ? 
_refine.details                                  ? 
_refine.diff_density_max                         ? 
_refine.diff_density_max_esd                     ? 
_refine.diff_density_min                         ? 
_refine.diff_density_min_esd                     ? 
_refine.diff_density_rms                         ? 
_refine.diff_density_rms_esd                     ? 
_refine.entry_id                                 5YUH 
_refine.pdbx_refine_id                           'X-RAY DIFFRACTION' 
_refine.ls_abs_structure_details                 ? 
_refine.ls_abs_structure_Flack                   ? 
_refine.ls_abs_structure_Flack_esd               ? 
_refine.ls_abs_structure_Rogers                  ? 
_refine.ls_abs_structure_Rogers_esd              ? 
_refine.ls_d_res_high                            1.801 
_refine.ls_d_res_low                             26.371 
_refine.ls_extinction_coef                       ? 
_refine.ls_extinction_coef_esd                   ? 
_refine.ls_extinction_expression                 ? 
_refine.ls_extinction_method                     ? 
_refine.ls_goodness_of_fit_all                   ? 
_refine.ls_goodness_of_fit_all_esd               ? 
_refine.ls_goodness_of_fit_obs                   ? 
_refine.ls_goodness_of_fit_obs_esd               ? 
_refine.ls_hydrogen_treatment                    ? 
_refine.ls_matrix_type                           ? 
_refine.ls_number_constraints                    ? 
_refine.ls_number_parameters                     ? 
_refine.ls_number_reflns_all                     ? 
_refine.ls_number_reflns_obs                     10038 
_refine.ls_number_reflns_R_free                  501 
_refine.ls_number_reflns_R_work                  ? 
_refine.ls_number_restraints                     ? 
_refine.ls_percent_reflns_obs                    98.77 
_refine.ls_percent_reflns_R_free                 4.99 
_refine.ls_R_factor_all                          ? 
_refine.ls_R_factor_obs                          0.2473 
_refine.ls_R_factor_R_free                       0.2782 
_refine.ls_R_factor_R_free_error                 ? 
_refine.ls_R_factor_R_free_error_details         ? 
_refine.ls_R_factor_R_work                       0.2457 
_refine.ls_R_Fsqd_factor_obs                     ? 
_refine.ls_R_I_factor_obs                        ? 
_refine.ls_redundancy_reflns_all                 ? 
_refine.ls_redundancy_reflns_obs                 ? 
_refine.ls_restrained_S_all                      ? 
_refine.ls_restrained_S_obs                      ? 
_refine.ls_shift_over_esd_max                    ? 
_refine.ls_shift_over_esd_mean                   ? 
_refine.ls_structure_factor_coef                 ? 
_refine.ls_weighting_details                     ? 
_refine.ls_weighting_scheme                      ? 
_refine.ls_wR_factor_all                         ? 
_refine.ls_wR_factor_obs                         ? 
_refine.ls_wR_factor_R_free                      ? 
_refine.ls_wR_factor_R_work                      ? 
_refine.occupancy_max                            ? 
_refine.occupancy_min                            ? 
_refine.solvent_model_details                    ? 
_refine.solvent_model_param_bsol                 ? 
_refine.solvent_model_param_ksol                 ? 
_refine.ls_R_factor_gt                           ? 
_refine.ls_goodness_of_fit_gt                    ? 
_refine.ls_goodness_of_fit_ref                   ? 
_refine.ls_shift_over_su_max                     ? 
_refine.ls_shift_over_su_max_lt                  ? 
_refine.ls_shift_over_su_mean                    ? 
_refine.ls_shift_over_su_mean_lt                 ? 
_refine.pdbx_ls_sigma_I                          ? 
_refine.pdbx_ls_sigma_F                          1.38 
_refine.pdbx_ls_sigma_Fsqd                       ? 
_refine.pdbx_data_cutoff_high_absF               ? 
_refine.pdbx_data_cutoff_high_rms_absF           ? 
_refine.pdbx_data_cutoff_low_absF                ? 
_refine.pdbx_isotropic_thermal_model             ? 
_refine.pdbx_ls_cross_valid_method               NONE 
_refine.pdbx_method_to_determine_struct          SAD 
_refine.pdbx_starting_model                      ? 
_refine.pdbx_stereochemistry_target_values       ? 
_refine.pdbx_R_Free_selection_details            ? 
_refine.pdbx_stereochem_target_val_spec_case     ? 
_refine.pdbx_overall_ESU_R                       ? 
_refine.pdbx_overall_ESU_R_Free                  ? 
_refine.pdbx_solvent_vdw_probe_radii             1.11 
_refine.pdbx_solvent_ion_probe_radii             ? 
_refine.pdbx_solvent_shrinkage_radii             0.90 
_refine.pdbx_real_space_R                        ? 
_refine.pdbx_density_correlation                 ? 
_refine.pdbx_pd_number_of_powder_patterns        ? 
_refine.pdbx_pd_number_of_points                 ? 
_refine.pdbx_pd_meas_number_of_points            ? 
_refine.pdbx_pd_proc_ls_prof_R_factor            ? 
_refine.pdbx_pd_proc_ls_prof_wR_factor           ? 
_refine.pdbx_pd_Marquardt_correlation_coeff      ? 
_refine.pdbx_pd_Fsqrd_R_factor                   ? 
_refine.pdbx_pd_ls_matrix_band_width             ? 
_refine.pdbx_overall_phase_error                 29.06 
_refine.pdbx_overall_SU_R_free_Cruickshank_DPI   ? 
_refine.pdbx_overall_SU_R_free_Blow_DPI          ? 
_refine.pdbx_overall_SU_R_Blow_DPI               ? 
_refine.pdbx_TLS_residual_ADP_flag               ? 
_refine.pdbx_diffrn_id                           1 
_refine.overall_SU_B                             ? 
_refine.overall_SU_ML                            0.22 
_refine.overall_SU_R_Cruickshank_DPI             ? 
_refine.overall_SU_R_free                        ? 
_refine.overall_FOM_free_R_set                   ? 
_refine.overall_FOM_work_R_set                   ? 
_refine.pdbx_average_fsc_overall                 ? 
_refine.pdbx_average_fsc_work                    ? 
_refine.pdbx_average_fsc_free                    ? 
# 
_refine_hist.pdbx_refine_id                   'X-RAY DIFFRACTION' 
_refine_hist.cycle_id                         LAST 
_refine_hist.pdbx_number_atoms_protein        685 
_refine_hist.pdbx_number_atoms_nucleic_acid   0 
_refine_hist.pdbx_number_atoms_ligand         3 
_refine_hist.number_atoms_solvent             17 
_refine_hist.number_atoms_total               705 
_refine_hist.d_res_high                       1.801 
_refine_hist.d_res_low                        26.371 
# 
loop_
_refine_ls_restr.pdbx_refine_id 
_refine_ls_restr.criterion 
_refine_ls_restr.dev_ideal 
_refine_ls_restr.dev_ideal_target 
_refine_ls_restr.number 
_refine_ls_restr.rejects 
_refine_ls_restr.type 
_refine_ls_restr.weight 
_refine_ls_restr.pdbx_restraint_function 
'X-RAY DIFFRACTION' ? 0.008  ? 699 ? f_bond_d           ? ? 
'X-RAY DIFFRACTION' ? 0.888  ? 938 ? f_angle_d          ? ? 
'X-RAY DIFFRACTION' ? 15.579 ? 412 ? f_dihedral_angle_d ? ? 
'X-RAY DIFFRACTION' ? 0.050  ? 99  ? f_chiral_restr     ? ? 
'X-RAY DIFFRACTION' ? 0.004  ? 116 ? f_plane_restr      ? ? 
# 
loop_
_refine_ls_shell.pdbx_refine_id 
_refine_ls_shell.d_res_high 
_refine_ls_shell.d_res_low 
_refine_ls_shell.number_reflns_all 
_refine_ls_shell.number_reflns_obs 
_refine_ls_shell.number_reflns_R_free 
_refine_ls_shell.number_reflns_R_work 
_refine_ls_shell.percent_reflns_obs 
_refine_ls_shell.percent_reflns_R_free 
_refine_ls_shell.R_factor_all 
_refine_ls_shell.R_factor_obs 
_refine_ls_shell.R_factor_R_free 
_refine_ls_shell.R_factor_R_free_error 
_refine_ls_shell.R_factor_R_work 
_refine_ls_shell.redundancy_reflns_all 
_refine_ls_shell.redundancy_reflns_obs 
_refine_ls_shell.wR_factor_all 
_refine_ls_shell.wR_factor_obs 
_refine_ls_shell.wR_factor_R_free 
_refine_ls_shell.wR_factor_R_work 
_refine_ls_shell.pdbx_total_number_of_bins_used 
_refine_ls_shell.pdbx_phase_error 
_refine_ls_shell.pdbx_fsc_work 
_refine_ls_shell.pdbx_fsc_free 
'X-RAY DIFFRACTION' 1.8007 1.9819  . . 110 2220 95.00  . . . 0.3362 . 0.3185 . . . . . . . . . . 
'X-RAY DIFFRACTION' 1.9819 2.2686  . . 132 2345 100.00 . . . 0.3423 . 0.2808 . . . . . . . . . . 
'X-RAY DIFFRACTION' 2.2686 2.8576  . . 115 2411 100.00 . . . 0.2930 . 0.2567 . . . . . . . . . . 
'X-RAY DIFFRACTION' 2.8576 26.3743 . . 144 2561 100.00 . . . 0.2376 . 0.2128 . . . . . . . . . . 
# 
_struct.entry_id                     5YUH 
_struct.title                        'AtVAL1 PHD-Like domain in the P6122 space group' 
_struct.pdbx_model_details           ? 
_struct.pdbx_formula_weight          ? 
_struct.pdbx_formula_weight_method   ? 
_struct.pdbx_model_type_details      ? 
_struct.pdbx_CASP_flag               N 
# 
_struct_keywords.entry_id        5YUH 
_struct_keywords.text            'AtVAL1, PHD-Like domain, PHD, STRUCTURAL PROTEIN' 
_struct_keywords.pdbx_keywords   'STRUCTURAL PROTEIN' 
# 
loop_
_struct_asym.id 
_struct_asym.pdbx_blank_PDB_chainid_flag 
_struct_asym.pdbx_modified 
_struct_asym.entity_id 
_struct_asym.details 
A N N 1 ? 
B N N 2 ? 
C N N 2 ? 
D N N 2 ? 
E N N 3 ? 
# 
_struct_ref.id                         1 
_struct_ref.db_name                    UNP 
_struct_ref.db_code                    VAL1_ARATH 
_struct_ref.pdbx_db_accession          Q8W4L5 
_struct_ref.pdbx_db_isoform            ? 
_struct_ref.entity_id                  1 
_struct_ref.pdbx_seq_one_letter_code   
;MFEVKMGSKMCMNASCGTTSTVEWKKGWPLRSGLLADLCYRCGSAYESSLFCEQFHKDQSGWRECYLCSKRLHCGCIASK
VTIELMDYGGVGCSTCACCHQLNLNTRGEN
;
_struct_ref.pdbx_align_begin           1 
# 
_struct_ref_seq.align_id                      1 
_struct_ref_seq.ref_id                        1 
_struct_ref_seq.pdbx_PDB_id_code              5YUH 
_struct_ref_seq.pdbx_strand_id                A 
_struct_ref_seq.seq_align_beg                 1 
_struct_ref_seq.pdbx_seq_align_beg_ins_code   ? 
_struct_ref_seq.seq_align_end                 110 
_struct_ref_seq.pdbx_seq_align_end_ins_code   ? 
_struct_ref_seq.pdbx_db_accession             Q8W4L5 
_struct_ref_seq.db_align_beg                  1 
_struct_ref_seq.pdbx_db_align_beg_ins_code    ? 
_struct_ref_seq.db_align_end                  110 
_struct_ref_seq.pdbx_db_align_end_ins_code    ? 
_struct_ref_seq.pdbx_auth_seq_align_beg       1 
_struct_ref_seq.pdbx_auth_seq_align_end       110 
# 
_pdbx_struct_assembly.id                   1 
_pdbx_struct_assembly.details              author_and_software_defined_assembly 
_pdbx_struct_assembly.method_details       PISA 
_pdbx_struct_assembly.oligomeric_details   dimeric 
_pdbx_struct_assembly.oligomeric_count     2 
# 
loop_
_pdbx_struct_assembly_prop.biol_id 
_pdbx_struct_assembly_prop.type 
_pdbx_struct_assembly_prop.value 
_pdbx_struct_assembly_prop.details 
1 'ABSA (A^2)' 2190 ? 
1 MORE         -12  ? 
1 'SSA (A^2)'  9950 ? 
# 
_pdbx_struct_assembly_gen.assembly_id       1 
_pdbx_struct_assembly_gen.oper_expression   1,2 
_pdbx_struct_assembly_gen.asym_id_list      A,B,C,D,E 
# 
_pdbx_struct_assembly_auth_evidence.id                     1 
_pdbx_struct_assembly_auth_evidence.assembly_id            1 
_pdbx_struct_assembly_auth_evidence.experimental_support   'gel filtration' 
_pdbx_struct_assembly_auth_evidence.details                ? 
# 
loop_
_pdbx_struct_oper_list.id 
_pdbx_struct_oper_list.type 
_pdbx_struct_oper_list.name 
_pdbx_struct_oper_list.symmetry_operation 
_pdbx_struct_oper_list.matrix[1][1] 
_pdbx_struct_oper_list.matrix[1][2] 
_pdbx_struct_oper_list.matrix[1][3] 
_pdbx_struct_oper_list.vector[1] 
_pdbx_struct_oper_list.matrix[2][1] 
_pdbx_struct_oper_list.matrix[2][2] 
_pdbx_struct_oper_list.matrix[2][3] 
_pdbx_struct_oper_list.vector[2] 
_pdbx_struct_oper_list.matrix[3][1] 
_pdbx_struct_oper_list.matrix[3][2] 
_pdbx_struct_oper_list.matrix[3][3] 
_pdbx_struct_oper_list.vector[3] 
1 'identity operation'         1_555  x,y,z        1.0000000000  0.0000000000  0.0000000000  0.0000000000  0.0000000000  1.0000000000  0.0000000000 0.0000000000  0.0000000000  0.0000000000 1.0000000000 0.0000000000 
2 'crystal symmetry operation' 12_555 x,x-y,-z+1/6 -0.4821111011 -0.4587209942 -0.7464207498 18.0713840278 -0.4587209942 -0.5936870805 0.6611434791 12.1302728704 -0.7464207498 0.6611434791 0.0757981816 5.0836721061 
# 
loop_
_struct_conf.conf_type_id 
_struct_conf.id 
_struct_conf.pdbx_PDB_helix_id 
_struct_conf.beg_label_comp_id 
_struct_conf.beg_label_asym_id 
_struct_conf.beg_label_seq_id 
_struct_conf.pdbx_beg_PDB_ins_code 
_struct_conf.end_label_comp_id 
_struct_conf.end_label_asym_id 
_struct_conf.end_label_seq_id 
_struct_conf.pdbx_end_PDB_ins_code 
_struct_conf.beg_auth_comp_id 
_struct_conf.beg_auth_asym_id 
_struct_conf.beg_auth_seq_id 
_struct_conf.end_auth_comp_id 
_struct_conf.end_auth_asym_id 
_struct_conf.end_auth_seq_id 
_struct_conf.pdbx_PDB_helix_class 
_struct_conf.details 
_struct_conf.pdbx_PDB_helix_length 
HELX_P HELX_P1 AA1 CYS A 39 ? SER A 48 ? CYS A 39 SER A 48 1 ? 10 
HELX_P HELX_P2 AA2 LEU A 50 ? HIS A 56 ? LEU A 50 HIS A 56 1 ? 7  
HELX_P HELX_P3 AA3 CYS A 76 ? VAL A 81 ? CYS A 76 VAL A 81 5 ? 6  
HELX_P HELX_P4 AA4 SER A 94 ? CYS A 98 ? SER A 94 CYS A 98 1 ? 5  
# 
_struct_conf_type.id          HELX_P 
_struct_conf_type.criteria    ? 
_struct_conf_type.reference   ? 
# 
loop_
_struct_conn.id 
_struct_conn.conn_type_id 
_struct_conn.pdbx_leaving_atom_flag 
_struct_conn.pdbx_PDB_id 
_struct_conn.ptnr1_label_asym_id 
_struct_conn.ptnr1_label_comp_id 
_struct_conn.ptnr1_label_seq_id 
_struct_conn.ptnr1_label_atom_id 
_struct_conn.pdbx_ptnr1_label_alt_id 
_struct_conn.pdbx_ptnr1_PDB_ins_code 
_struct_conn.pdbx_ptnr1_standard_comp_id 
_struct_conn.ptnr1_symmetry 
_struct_conn.ptnr2_label_asym_id 
_struct_conn.ptnr2_label_comp_id 
_struct_conn.ptnr2_label_seq_id 
_struct_conn.ptnr2_label_atom_id 
_struct_conn.pdbx_ptnr2_label_alt_id 
_struct_conn.pdbx_ptnr2_PDB_ins_code 
_struct_conn.ptnr1_auth_asym_id 
_struct_conn.ptnr1_auth_comp_id 
_struct_conn.ptnr1_auth_seq_id 
_struct_conn.ptnr2_auth_asym_id 
_struct_conn.ptnr2_auth_comp_id 
_struct_conn.ptnr2_auth_seq_id 
_struct_conn.ptnr2_symmetry 
_struct_conn.pdbx_ptnr3_label_atom_id 
_struct_conn.pdbx_ptnr3_label_seq_id 
_struct_conn.pdbx_ptnr3_label_comp_id 
_struct_conn.pdbx_ptnr3_label_asym_id 
_struct_conn.pdbx_ptnr3_label_alt_id 
_struct_conn.pdbx_ptnr3_PDB_ins_code 
_struct_conn.details 
_struct_conn.pdbx_dist_value 
_struct_conn.pdbx_value_order 
_struct_conn.pdbx_role 
metalc1  metalc ? ? A CYS 11 SG  ? ? ? 1_555 D ZN . ZN ? ? A CYS 11 A ZN 203 1_555 ? ? ? ? ? ? ? 2.386 ? ? 
metalc2  metalc ? ? A CYS 16 SG  ? ? ? 1_555 D ZN . ZN ? ? A CYS 16 A ZN 203 1_555 ? ? ? ? ? ? ? 2.342 ? ? 
metalc3  metalc ? ? A CYS 39 SG  ? ? ? 1_555 D ZN . ZN ? ? A CYS 39 A ZN 203 1_555 ? ? ? ? ? ? ? 2.255 ? ? 
metalc4  metalc ? ? A CYS 42 SG  ? ? ? 1_555 D ZN . ZN ? ? A CYS 42 A ZN 203 1_555 ? ? ? ? ? ? ? 2.478 ? ? 
metalc5  metalc ? ? A CYS 52 SG  ? ? ? 1_555 B ZN . ZN ? ? A CYS 52 A ZN 201 1_555 ? ? ? ? ? ? ? 2.310 ? ? 
metalc6  metalc ? ? A HIS 56 ND1 ? ? ? 1_555 B ZN . ZN ? ? A HIS 56 A ZN 201 1_555 ? ? ? ? ? ? ? 2.054 ? ? 
metalc7  metalc ? ? A CYS 65 SG  ? ? ? 1_555 C ZN . ZN ? ? A CYS 65 A ZN 202 1_555 ? ? ? ? ? ? ? 2.326 ? ? 
metalc8  metalc ? ? A CYS 68 SG  ? ? ? 1_555 C ZN . ZN ? ? A CYS 68 A ZN 202 1_555 ? ? ? ? ? ? ? 2.319 ? ? 
metalc9  metalc ? ? A HIS 73 ND1 ? ? ? 1_555 B ZN . ZN ? ? A HIS 73 A ZN 201 1_555 ? ? ? ? ? ? ? 1.931 ? ? 
metalc10 metalc ? ? A CYS 76 SG  ? ? ? 1_555 B ZN . ZN ? ? A CYS 76 A ZN 201 1_555 ? ? ? ? ? ? ? 2.348 ? ? 
metalc11 metalc ? ? A CYS 93 SG  ? ? ? 1_555 C ZN . ZN ? ? A CYS 93 A ZN 202 1_555 ? ? ? ? ? ? ? 2.561 ? ? 
metalc12 metalc ? ? A CYS 96 SG  ? ? ? 1_555 C ZN . ZN ? ? A CYS 96 A ZN 202 1_555 ? ? ? ? ? ? ? 2.295 ? ? 
# 
_struct_conn_type.id          metalc 
_struct_conn_type.criteria    ? 
_struct_conn_type.reference   ? 
# 
loop_
_pdbx_struct_conn_angle.id 
_pdbx_struct_conn_angle.ptnr1_label_atom_id 
_pdbx_struct_conn_angle.ptnr1_label_alt_id 
_pdbx_struct_conn_angle.ptnr1_label_asym_id 
_pdbx_struct_conn_angle.ptnr1_label_comp_id 
_pdbx_struct_conn_angle.ptnr1_label_seq_id 
_pdbx_struct_conn_angle.ptnr1_auth_atom_id 
_pdbx_struct_conn_angle.ptnr1_auth_asym_id 
_pdbx_struct_conn_angle.ptnr1_auth_comp_id 
_pdbx_struct_conn_angle.ptnr1_auth_seq_id 
_pdbx_struct_conn_angle.ptnr1_PDB_ins_code 
_pdbx_struct_conn_angle.ptnr1_symmetry 
_pdbx_struct_conn_angle.ptnr2_label_atom_id 
_pdbx_struct_conn_angle.ptnr2_label_alt_id 
_pdbx_struct_conn_angle.ptnr2_label_asym_id 
_pdbx_struct_conn_angle.ptnr2_label_comp_id 
_pdbx_struct_conn_angle.ptnr2_label_seq_id 
_pdbx_struct_conn_angle.ptnr2_auth_atom_id 
_pdbx_struct_conn_angle.ptnr2_auth_asym_id 
_pdbx_struct_conn_angle.ptnr2_auth_comp_id 
_pdbx_struct_conn_angle.ptnr2_auth_seq_id 
_pdbx_struct_conn_angle.ptnr2_PDB_ins_code 
_pdbx_struct_conn_angle.ptnr2_symmetry 
_pdbx_struct_conn_angle.ptnr3_label_atom_id 
_pdbx_struct_conn_angle.ptnr3_label_alt_id 
_pdbx_struct_conn_angle.ptnr3_label_asym_id 
_pdbx_struct_conn_angle.ptnr3_label_comp_id 
_pdbx_struct_conn_angle.ptnr3_label_seq_id 
_pdbx_struct_conn_angle.ptnr3_auth_atom_id 
_pdbx_struct_conn_angle.ptnr3_auth_asym_id 
_pdbx_struct_conn_angle.ptnr3_auth_comp_id 
_pdbx_struct_conn_angle.ptnr3_auth_seq_id 
_pdbx_struct_conn_angle.ptnr3_PDB_ins_code 
_pdbx_struct_conn_angle.ptnr3_symmetry 
_pdbx_struct_conn_angle.value 
_pdbx_struct_conn_angle.value_esd 
1  SG  ? A CYS 11 ? A CYS 11 ? 1_555 ZN ? D ZN . ? A ZN 203 ? 1_555 SG  ? A CYS 16 ? A CYS 16 ? 1_555 112.3 ? 
2  SG  ? A CYS 11 ? A CYS 11 ? 1_555 ZN ? D ZN . ? A ZN 203 ? 1_555 SG  ? A CYS 39 ? A CYS 39 ? 1_555 115.4 ? 
3  SG  ? A CYS 16 ? A CYS 16 ? 1_555 ZN ? D ZN . ? A ZN 203 ? 1_555 SG  ? A CYS 39 ? A CYS 39 ? 1_555 112.5 ? 
4  SG  ? A CYS 11 ? A CYS 11 ? 1_555 ZN ? D ZN . ? A ZN 203 ? 1_555 SG  ? A CYS 42 ? A CYS 42 ? 1_555 103.3 ? 
5  SG  ? A CYS 16 ? A CYS 16 ? 1_555 ZN ? D ZN . ? A ZN 203 ? 1_555 SG  ? A CYS 42 ? A CYS 42 ? 1_555 111.5 ? 
6  SG  ? A CYS 39 ? A CYS 39 ? 1_555 ZN ? D ZN . ? A ZN 203 ? 1_555 SG  ? A CYS 42 ? A CYS 42 ? 1_555 100.8 ? 
7  SG  ? A CYS 52 ? A CYS 52 ? 1_555 ZN ? B ZN . ? A ZN 201 ? 1_555 ND1 ? A HIS 56 ? A HIS 56 ? 1_555 112.6 ? 
8  SG  ? A CYS 52 ? A CYS 52 ? 1_555 ZN ? B ZN . ? A ZN 201 ? 1_555 ND1 ? A HIS 73 ? A HIS 73 ? 1_555 117.3 ? 
9  ND1 ? A HIS 56 ? A HIS 56 ? 1_555 ZN ? B ZN . ? A ZN 201 ? 1_555 ND1 ? A HIS 73 ? A HIS 73 ? 1_555 104.9 ? 
10 SG  ? A CYS 52 ? A CYS 52 ? 1_555 ZN ? B ZN . ? A ZN 201 ? 1_555 SG  ? A CYS 76 ? A CYS 76 ? 1_555 109.8 ? 
11 ND1 ? A HIS 56 ? A HIS 56 ? 1_555 ZN ? B ZN . ? A ZN 201 ? 1_555 SG  ? A CYS 76 ? A CYS 76 ? 1_555 100.6 ? 
12 ND1 ? A HIS 73 ? A HIS 73 ? 1_555 ZN ? B ZN . ? A ZN 201 ? 1_555 SG  ? A CYS 76 ? A CYS 76 ? 1_555 110.3 ? 
13 SG  ? A CYS 65 ? A CYS 65 ? 1_555 ZN ? C ZN . ? A ZN 202 ? 1_555 SG  ? A CYS 68 ? A CYS 68 ? 1_555 110.4 ? 
14 SG  ? A CYS 65 ? A CYS 65 ? 1_555 ZN ? C ZN . ? A ZN 202 ? 1_555 SG  ? A CYS 93 ? A CYS 93 ? 1_555 102.6 ? 
15 SG  ? A CYS 68 ? A CYS 68 ? 1_555 ZN ? C ZN . ? A ZN 202 ? 1_555 SG  ? A CYS 93 ? A CYS 93 ? 1_555 99.5  ? 
16 SG  ? A CYS 65 ? A CYS 65 ? 1_555 ZN ? C ZN . ? A ZN 202 ? 1_555 SG  ? A CYS 96 ? A CYS 96 ? 1_555 108.1 ? 
17 SG  ? A CYS 68 ? A CYS 68 ? 1_555 ZN ? C ZN . ? A ZN 202 ? 1_555 SG  ? A CYS 96 ? A CYS 96 ? 1_555 113.8 ? 
18 SG  ? A CYS 93 ? A CYS 93 ? 1_555 ZN ? C ZN . ? A ZN 202 ? 1_555 SG  ? A CYS 96 ? A CYS 96 ? 1_555 121.6 ? 
# 
loop_
_struct_sheet.id 
_struct_sheet.type 
_struct_sheet.number_strands 
_struct_sheet.details 
AA1 ? 2 ? 
AA2 ? 2 ? 
AA3 ? 2 ? 
# 
loop_
_struct_sheet_order.sheet_id 
_struct_sheet_order.range_id_1 
_struct_sheet_order.range_id_2 
_struct_sheet_order.offset 
_struct_sheet_order.sense 
AA1 1 2 ? anti-parallel 
AA2 1 2 ? anti-parallel 
AA3 1 2 ? anti-parallel 
# 
loop_
_struct_sheet_range.sheet_id 
_struct_sheet_range.id 
_struct_sheet_range.beg_label_comp_id 
_struct_sheet_range.beg_label_asym_id 
_struct_sheet_range.beg_label_seq_id 
_struct_sheet_range.pdbx_beg_PDB_ins_code 
_struct_sheet_range.end_label_comp_id 
_struct_sheet_range.end_label_asym_id 
_struct_sheet_range.end_label_seq_id 
_struct_sheet_range.pdbx_end_PDB_ins_code 
_struct_sheet_range.beg_auth_comp_id 
_struct_sheet_range.beg_auth_asym_id 
_struct_sheet_range.beg_auth_seq_id 
_struct_sheet_range.end_auth_comp_id 
_struct_sheet_range.end_auth_asym_id 
_struct_sheet_range.end_auth_seq_id 
AA1 1 LYS A 25 ? PRO A 29 ? LYS A 25 PRO A 29 
AA1 2 LEU A 35 ? LEU A 38 ? LEU A 35 LEU A 38 
AA2 1 TRP A 62 ? GLU A 64 ? TRP A 62 GLU A 64 
AA2 2 ARG A 71 ? HIS A 73 ? ARG A 71 HIS A 73 
AA3 1 ILE A 83 ? LEU A 85 ? ILE A 83 LEU A 85 
AA3 2 VAL A 91 ? CYS A 93 ? VAL A 91 CYS A 93 
# 
loop_
_pdbx_struct_sheet_hbond.sheet_id 
_pdbx_struct_sheet_hbond.range_id_1 
_pdbx_struct_sheet_hbond.range_id_2 
_pdbx_struct_sheet_hbond.range_1_label_atom_id 
_pdbx_struct_sheet_hbond.range_1_label_comp_id 
_pdbx_struct_sheet_hbond.range_1_label_asym_id 
_pdbx_struct_sheet_hbond.range_1_label_seq_id 
_pdbx_struct_sheet_hbond.range_1_PDB_ins_code 
_pdbx_struct_sheet_hbond.range_1_auth_atom_id 
_pdbx_struct_sheet_hbond.range_1_auth_comp_id 
_pdbx_struct_sheet_hbond.range_1_auth_asym_id 
_pdbx_struct_sheet_hbond.range_1_auth_seq_id 
_pdbx_struct_sheet_hbond.range_2_label_atom_id 
_pdbx_struct_sheet_hbond.range_2_label_comp_id 
_pdbx_struct_sheet_hbond.range_2_label_asym_id 
_pdbx_struct_sheet_hbond.range_2_label_seq_id 
_pdbx_struct_sheet_hbond.range_2_PDB_ins_code 
_pdbx_struct_sheet_hbond.range_2_auth_atom_id 
_pdbx_struct_sheet_hbond.range_2_auth_comp_id 
_pdbx_struct_sheet_hbond.range_2_auth_asym_id 
_pdbx_struct_sheet_hbond.range_2_auth_seq_id 
AA1 1 2 N LYS A 25 ? N LYS A 25 O LEU A 38 ? O LEU A 38 
AA2 1 2 N ARG A 63 ? N ARG A 63 O LEU A 72 ? O LEU A 72 
AA3 1 2 N GLU A 84 ? N GLU A 84 O GLY A 92 ? O GLY A 92 
# 
loop_
_struct_site.id 
_struct_site.pdbx_evidence_code 
_struct_site.pdbx_auth_asym_id 
_struct_site.pdbx_auth_comp_id 
_struct_site.pdbx_auth_seq_id 
_struct_site.pdbx_auth_ins_code 
_struct_site.pdbx_num_residues 
_struct_site.details 
AC1 Software A ZN 201 ? 4 'binding site for residue ZN A 201' 
AC2 Software A ZN 202 ? 4 'binding site for residue ZN A 202' 
AC3 Software A ZN 203 ? 4 'binding site for residue ZN A 203' 
# 
loop_
_struct_site_gen.id 
_struct_site_gen.site_id 
_struct_site_gen.pdbx_num_res 
_struct_site_gen.label_comp_id 
_struct_site_gen.label_asym_id 
_struct_site_gen.label_seq_id 
_struct_site_gen.pdbx_auth_ins_code 
_struct_site_gen.auth_comp_id 
_struct_site_gen.auth_asym_id 
_struct_site_gen.auth_seq_id 
_struct_site_gen.label_atom_id 
_struct_site_gen.label_alt_id 
_struct_site_gen.symmetry 
_struct_site_gen.details 
1  AC1 4 CYS A 52 ? CYS A 52 . ? 1_555 ? 
2  AC1 4 HIS A 56 ? HIS A 56 . ? 1_555 ? 
3  AC1 4 HIS A 73 ? HIS A 73 . ? 1_555 ? 
4  AC1 4 CYS A 76 ? CYS A 76 . ? 1_555 ? 
5  AC2 4 CYS A 65 ? CYS A 65 . ? 1_555 ? 
6  AC2 4 CYS A 68 ? CYS A 68 . ? 1_555 ? 
7  AC2 4 CYS A 93 ? CYS A 93 . ? 1_555 ? 
8  AC2 4 CYS A 96 ? CYS A 96 . ? 1_555 ? 
9  AC3 4 CYS A 11 ? CYS A 11 . ? 1_555 ? 
10 AC3 4 CYS A 16 ? CYS A 16 . ? 1_555 ? 
11 AC3 4 CYS A 39 ? CYS A 39 . ? 1_555 ? 
12 AC3 4 CYS A 42 ? CYS A 42 . ? 1_555 ? 
# 
loop_
_pdbx_validate_torsion.id 
_pdbx_validate_torsion.PDB_model_num 
_pdbx_validate_torsion.auth_comp_id 
_pdbx_validate_torsion.auth_asym_id 
_pdbx_validate_torsion.auth_seq_id 
_pdbx_validate_torsion.PDB_ins_code 
_pdbx_validate_torsion.label_alt_id 
_pdbx_validate_torsion.phi 
_pdbx_validate_torsion.psi 
1 1 CYS A 16 ? ? -108.37 -82.55 
2 1 CYS A 93 ? ? -48.80  153.09 
# 
_pdbx_struct_special_symmetry.id              1 
_pdbx_struct_special_symmetry.PDB_model_num   1 
_pdbx_struct_special_symmetry.auth_asym_id    A 
_pdbx_struct_special_symmetry.auth_comp_id    HOH 
_pdbx_struct_special_symmetry.auth_seq_id     313 
_pdbx_struct_special_symmetry.PDB_ins_code    ? 
_pdbx_struct_special_symmetry.label_asym_id   E 
_pdbx_struct_special_symmetry.label_comp_id   HOH 
_pdbx_struct_special_symmetry.label_seq_id    . 
# 
_pdbx_distant_solvent_atoms.id                                1 
_pdbx_distant_solvent_atoms.PDB_model_num                     1 
_pdbx_distant_solvent_atoms.auth_atom_id                      O 
_pdbx_distant_solvent_atoms.label_alt_id                      ? 
_pdbx_distant_solvent_atoms.auth_asym_id                      A 
_pdbx_distant_solvent_atoms.auth_comp_id                      HOH 
_pdbx_distant_solvent_atoms.auth_seq_id                       317 
_pdbx_distant_solvent_atoms.PDB_ins_code                      ? 
_pdbx_distant_solvent_atoms.neighbor_macromolecule_distance   6.00 
_pdbx_distant_solvent_atoms.neighbor_ligand_distance          . 
# 
loop_
_pdbx_unobs_or_zero_occ_residues.id 
_pdbx_unobs_or_zero_occ_residues.PDB_model_num 
_pdbx_unobs_or_zero_occ_residues.polymer_flag 
_pdbx_unobs_or_zero_occ_residues.occupancy_flag 
_pdbx_unobs_or_zero_occ_residues.auth_asym_id 
_pdbx_unobs_or_zero_occ_residues.auth_comp_id 
_pdbx_unobs_or_zero_occ_residues.auth_seq_id 
_pdbx_unobs_or_zero_occ_residues.PDB_ins_code 
_pdbx_unobs_or_zero_occ_residues.label_asym_id 
_pdbx_unobs_or_zero_occ_residues.label_comp_id 
_pdbx_unobs_or_zero_occ_residues.label_seq_id 
1  1 Y 1 A MET 1   ? A MET 1   
2  1 Y 1 A PHE 2   ? A PHE 2   
3  1 Y 1 A GLU 3   ? A GLU 3   
4  1 Y 1 A VAL 4   ? A VAL 4   
5  1 Y 1 A LYS 5   ? A LYS 5   
6  1 Y 1 A MET 6   ? A MET 6   
7  1 Y 1 A GLY 7   ? A GLY 7   
8  1 Y 1 A SER 8   ? A SER 8   
9  1 Y 1 A CYS 99  ? A CYS 99  
10 1 Y 1 A HIS 100 ? A HIS 100 
11 1 Y 1 A GLN 101 ? A GLN 101 
12 1 Y 1 A LEU 102 ? A LEU 102 
13 1 Y 1 A ASN 103 ? A ASN 103 
14 1 Y 1 A LEU 104 ? A LEU 104 
15 1 Y 1 A ASN 105 ? A ASN 105 
16 1 Y 1 A THR 106 ? A THR 106 
17 1 Y 1 A ARG 107 ? A ARG 107 
18 1 Y 1 A GLY 108 ? A GLY 108 
19 1 Y 1 A GLU 109 ? A GLU 109 
20 1 Y 1 A ASN 110 ? A ASN 110 
# 
loop_
_chem_comp_atom.comp_id 
_chem_comp_atom.atom_id 
_chem_comp_atom.type_symbol 
_chem_comp_atom.pdbx_aromatic_flag 
_chem_comp_atom.pdbx_stereo_config 
_chem_comp_atom.pdbx_ordinal 
ALA N    N  N N 1   
ALA CA   C  N S 2   
ALA C    C  N N 3   
ALA O    O  N N 4   
ALA CB   C  N N 5   
ALA OXT  O  N N 6   
ALA H    H  N N 7   
ALA H2   H  N N 8   
ALA HA   H  N N 9   
ALA HB1  H  N N 10  
ALA HB2  H  N N 11  
ALA HB3  H  N N 12  
ALA HXT  H  N N 13  
ARG N    N  N N 14  
ARG CA   C  N S 15  
ARG C    C  N N 16  
ARG O    O  N N 17  
ARG CB   C  N N 18  
ARG CG   C  N N 19  
ARG CD   C  N N 20  
ARG NE   N  N N 21  
ARG CZ   C  N N 22  
ARG NH1  N  N N 23  
ARG NH2  N  N N 24  
ARG OXT  O  N N 25  
ARG H    H  N N 26  
ARG H2   H  N N 27  
ARG HA   H  N N 28  
ARG HB2  H  N N 29  
ARG HB3  H  N N 30  
ARG HG2  H  N N 31  
ARG HG3  H  N N 32  
ARG HD2  H  N N 33  
ARG HD3  H  N N 34  
ARG HE   H  N N 35  
ARG HH11 H  N N 36  
ARG HH12 H  N N 37  
ARG HH21 H  N N 38  
ARG HH22 H  N N 39  
ARG HXT  H  N N 40  
ASN N    N  N N 41  
ASN CA   C  N S 42  
ASN C    C  N N 43  
ASN O    O  N N 44  
ASN CB   C  N N 45  
ASN CG   C  N N 46  
ASN OD1  O  N N 47  
ASN ND2  N  N N 48  
ASN OXT  O  N N 49  
ASN H    H  N N 50  
ASN H2   H  N N 51  
ASN HA   H  N N 52  
ASN HB2  H  N N 53  
ASN HB3  H  N N 54  
ASN HD21 H  N N 55  
ASN HD22 H  N N 56  
ASN HXT  H  N N 57  
ASP N    N  N N 58  
ASP CA   C  N S 59  
ASP C    C  N N 60  
ASP O    O  N N 61  
ASP CB   C  N N 62  
ASP CG   C  N N 63  
ASP OD1  O  N N 64  
ASP OD2  O  N N 65  
ASP OXT  O  N N 66  
ASP H    H  N N 67  
ASP H2   H  N N 68  
ASP HA   H  N N 69  
ASP HB2  H  N N 70  
ASP HB3  H  N N 71  
ASP HD2  H  N N 72  
ASP HXT  H  N N 73  
CYS N    N  N N 74  
CYS CA   C  N R 75  
CYS C    C  N N 76  
CYS O    O  N N 77  
CYS CB   C  N N 78  
CYS SG   S  N N 79  
CYS OXT  O  N N 80  
CYS H    H  N N 81  
CYS H2   H  N N 82  
CYS HA   H  N N 83  
CYS HB2  H  N N 84  
CYS HB3  H  N N 85  
CYS HG   H  N N 86  
CYS HXT  H  N N 87  
GLN N    N  N N 88  
GLN CA   C  N S 89  
GLN C    C  N N 90  
GLN O    O  N N 91  
GLN CB   C  N N 92  
GLN CG   C  N N 93  
GLN CD   C  N N 94  
GLN OE1  O  N N 95  
GLN NE2  N  N N 96  
GLN OXT  O  N N 97  
GLN H    H  N N 98  
GLN H2   H  N N 99  
GLN HA   H  N N 100 
GLN HB2  H  N N 101 
GLN HB3  H  N N 102 
GLN HG2  H  N N 103 
GLN HG3  H  N N 104 
GLN HE21 H  N N 105 
GLN HE22 H  N N 106 
GLN HXT  H  N N 107 
GLU N    N  N N 108 
GLU CA   C  N S 109 
GLU C    C  N N 110 
GLU O    O  N N 111 
GLU CB   C  N N 112 
GLU CG   C  N N 113 
GLU CD   C  N N 114 
GLU OE1  O  N N 115 
GLU OE2  O  N N 116 
GLU OXT  O  N N 117 
GLU H    H  N N 118 
GLU H2   H  N N 119 
GLU HA   H  N N 120 
GLU HB2  H  N N 121 
GLU HB3  H  N N 122 
GLU HG2  H  N N 123 
GLU HG3  H  N N 124 
GLU HE2  H  N N 125 
GLU HXT  H  N N 126 
GLY N    N  N N 127 
GLY CA   C  N N 128 
GLY C    C  N N 129 
GLY O    O  N N 130 
GLY OXT  O  N N 131 
GLY H    H  N N 132 
GLY H2   H  N N 133 
GLY HA2  H  N N 134 
GLY HA3  H  N N 135 
GLY HXT  H  N N 136 
HIS N    N  N N 137 
HIS CA   C  N S 138 
HIS C    C  N N 139 
HIS O    O  N N 140 
HIS CB   C  N N 141 
HIS CG   C  Y N 142 
HIS ND1  N  Y N 143 
HIS CD2  C  Y N 144 
HIS CE1  C  Y N 145 
HIS NE2  N  Y N 146 
HIS OXT  O  N N 147 
HIS H    H  N N 148 
HIS H2   H  N N 149 
HIS HA   H  N N 150 
HIS HB2  H  N N 151 
HIS HB3  H  N N 152 
HIS HD1  H  N N 153 
HIS HD2  H  N N 154 
HIS HE1  H  N N 155 
HIS HE2  H  N N 156 
HIS HXT  H  N N 157 
HOH O    O  N N 158 
HOH H1   H  N N 159 
HOH H2   H  N N 160 
ILE N    N  N N 161 
ILE CA   C  N S 162 
ILE C    C  N N 163 
ILE O    O  N N 164 
ILE CB   C  N S 165 
ILE CG1  C  N N 166 
ILE CG2  C  N N 167 
ILE CD1  C  N N 168 
ILE OXT  O  N N 169 
ILE H    H  N N 170 
ILE H2   H  N N 171 
ILE HA   H  N N 172 
ILE HB   H  N N 173 
ILE HG12 H  N N 174 
ILE HG13 H  N N 175 
ILE HG21 H  N N 176 
ILE HG22 H  N N 177 
ILE HG23 H  N N 178 
ILE HD11 H  N N 179 
ILE HD12 H  N N 180 
ILE HD13 H  N N 181 
ILE HXT  H  N N 182 
LEU N    N  N N 183 
LEU CA   C  N S 184 
LEU C    C  N N 185 
LEU O    O  N N 186 
LEU CB   C  N N 187 
LEU CG   C  N N 188 
LEU CD1  C  N N 189 
LEU CD2  C  N N 190 
LEU OXT  O  N N 191 
LEU H    H  N N 192 
LEU H2   H  N N 193 
LEU HA   H  N N 194 
LEU HB2  H  N N 195 
LEU HB3  H  N N 196 
LEU HG   H  N N 197 
LEU HD11 H  N N 198 
LEU HD12 H  N N 199 
LEU HD13 H  N N 200 
LEU HD21 H  N N 201 
LEU HD22 H  N N 202 
LEU HD23 H  N N 203 
LEU HXT  H  N N 204 
LYS N    N  N N 205 
LYS CA   C  N S 206 
LYS C    C  N N 207 
LYS O    O  N N 208 
LYS CB   C  N N 209 
LYS CG   C  N N 210 
LYS CD   C  N N 211 
LYS CE   C  N N 212 
LYS NZ   N  N N 213 
LYS OXT  O  N N 214 
LYS H    H  N N 215 
LYS H2   H  N N 216 
LYS HA   H  N N 217 
LYS HB2  H  N N 218 
LYS HB3  H  N N 219 
LYS HG2  H  N N 220 
LYS HG3  H  N N 221 
LYS HD2  H  N N 222 
LYS HD3  H  N N 223 
LYS HE2  H  N N 224 
LYS HE3  H  N N 225 
LYS HZ1  H  N N 226 
LYS HZ2  H  N N 227 
LYS HZ3  H  N N 228 
LYS HXT  H  N N 229 
MET N    N  N N 230 
MET CA   C  N S 231 
MET C    C  N N 232 
MET O    O  N N 233 
MET CB   C  N N 234 
MET CG   C  N N 235 
MET SD   S  N N 236 
MET CE   C  N N 237 
MET OXT  O  N N 238 
MET H    H  N N 239 
MET H2   H  N N 240 
MET HA   H  N N 241 
MET HB2  H  N N 242 
MET HB3  H  N N 243 
MET HG2  H  N N 244 
MET HG3  H  N N 245 
MET HE1  H  N N 246 
MET HE2  H  N N 247 
MET HE3  H  N N 248 
MET HXT  H  N N 249 
PHE N    N  N N 250 
PHE CA   C  N S 251 
PHE C    C  N N 252 
PHE O    O  N N 253 
PHE CB   C  N N 254 
PHE CG   C  Y N 255 
PHE CD1  C  Y N 256 
PHE CD2  C  Y N 257 
PHE CE1  C  Y N 258 
PHE CE2  C  Y N 259 
PHE CZ   C  Y N 260 
PHE OXT  O  N N 261 
PHE H    H  N N 262 
PHE H2   H  N N 263 
PHE HA   H  N N 264 
PHE HB2  H  N N 265 
PHE HB3  H  N N 266 
PHE HD1  H  N N 267 
PHE HD2  H  N N 268 
PHE HE1  H  N N 269 
PHE HE2  H  N N 270 
PHE HZ   H  N N 271 
PHE HXT  H  N N 272 
PRO N    N  N N 273 
PRO CA   C  N S 274 
PRO C    C  N N 275 
PRO O    O  N N 276 
PRO CB   C  N N 277 
PRO CG   C  N N 278 
PRO CD   C  N N 279 
PRO OXT  O  N N 280 
PRO H    H  N N 281 
PRO HA   H  N N 282 
PRO HB2  H  N N 283 
PRO HB3  H  N N 284 
PRO HG2  H  N N 285 
PRO HG3  H  N N 286 
PRO HD2  H  N N 287 
PRO HD3  H  N N 288 
PRO HXT  H  N N 289 
SER N    N  N N 290 
SER CA   C  N S 291 
SER C    C  N N 292 
SER O    O  N N 293 
SER CB   C  N N 294 
SER OG   O  N N 295 
SER OXT  O  N N 296 
SER H    H  N N 297 
SER H2   H  N N 298 
SER HA   H  N N 299 
SER HB2  H  N N 300 
SER HB3  H  N N 301 
SER HG   H  N N 302 
SER HXT  H  N N 303 
THR N    N  N N 304 
THR CA   C  N S 305 
THR C    C  N N 306 
THR O    O  N N 307 
THR CB   C  N R 308 
THR OG1  O  N N 309 
THR CG2  C  N N 310 
THR OXT  O  N N 311 
THR H    H  N N 312 
THR H2   H  N N 313 
THR HA   H  N N 314 
THR HB   H  N N 315 
THR HG1  H  N N 316 
THR HG21 H  N N 317 
THR HG22 H  N N 318 
THR HG23 H  N N 319 
THR HXT  H  N N 320 
TRP N    N  N N 321 
TRP CA   C  N S 322 
TRP C    C  N N 323 
TRP O    O  N N 324 
TRP CB   C  N N 325 
TRP CG   C  Y N 326 
TRP CD1  C  Y N 327 
TRP CD2  C  Y N 328 
TRP NE1  N  Y N 329 
TRP CE2  C  Y N 330 
TRP CE3  C  Y N 331 
TRP CZ2  C  Y N 332 
TRP CZ3  C  Y N 333 
TRP CH2  C  Y N 334 
TRP OXT  O  N N 335 
TRP H    H  N N 336 
TRP H2   H  N N 337 
TRP HA   H  N N 338 
TRP HB2  H  N N 339 
TRP HB3  H  N N 340 
TRP HD1  H  N N 341 
TRP HE1  H  N N 342 
TRP HE3  H  N N 343 
TRP HZ2  H  N N 344 
TRP HZ3  H  N N 345 
TRP HH2  H  N N 346 
TRP HXT  H  N N 347 
TYR N    N  N N 348 
TYR CA   C  N S 349 
TYR C    C  N N 350 
TYR O    O  N N 351 
TYR CB   C  N N 352 
TYR CG   C  Y N 353 
TYR CD1  C  Y N 354 
TYR CD2  C  Y N 355 
TYR CE1  C  Y N 356 
TYR CE2  C  Y N 357 
TYR CZ   C  Y N 358 
TYR OH   O  N N 359 
TYR OXT  O  N N 360 
TYR H    H  N N 361 
TYR H2   H  N N 362 
TYR HA   H  N N 363 
TYR HB2  H  N N 364 
TYR HB3  H  N N 365 
TYR HD1  H  N N 366 
TYR HD2  H  N N 367 
TYR HE1  H  N N 368 
TYR HE2  H  N N 369 
TYR HH   H  N N 370 
TYR HXT  H  N N 371 
VAL N    N  N N 372 
VAL CA   C  N S 373 
VAL C    C  N N 374 
VAL O    O  N N 375 
VAL CB   C  N N 376 
VAL CG1  C  N N 377 
VAL CG2  C  N N 378 
VAL OXT  O  N N 379 
VAL H    H  N N 380 
VAL H2   H  N N 381 
VAL HA   H  N N 382 
VAL HB   H  N N 383 
VAL HG11 H  N N 384 
VAL HG12 H  N N 385 
VAL HG13 H  N N 386 
VAL HG21 H  N N 387 
VAL HG22 H  N N 388 
VAL HG23 H  N N 389 
VAL HXT  H  N N 390 
ZN  ZN   ZN N N 391 
# 
loop_
_chem_comp_bond.comp_id 
_chem_comp_bond.atom_id_1 
_chem_comp_bond.atom_id_2 
_chem_comp_bond.value_order 
_chem_comp_bond.pdbx_aromatic_flag 
_chem_comp_bond.pdbx_stereo_config 
_chem_comp_bond.pdbx_ordinal 
ALA N   CA   sing N N 1   
ALA N   H    sing N N 2   
ALA N   H2   sing N N 3   
ALA CA  C    sing N N 4   
ALA CA  CB   sing N N 5   
ALA CA  HA   sing N N 6   
ALA C   O    doub N N 7   
ALA C   OXT  sing N N 8   
ALA CB  HB1  sing N N 9   
ALA CB  HB2  sing N N 10  
ALA CB  HB3  sing N N 11  
ALA OXT HXT  sing N N 12  
ARG N   CA   sing N N 13  
ARG N   H    sing N N 14  
ARG N   H2   sing N N 15  
ARG CA  C    sing N N 16  
ARG CA  CB   sing N N 17  
ARG CA  HA   sing N N 18  
ARG C   O    doub N N 19  
ARG C   OXT  sing N N 20  
ARG CB  CG   sing N N 21  
ARG CB  HB2  sing N N 22  
ARG CB  HB3  sing N N 23  
ARG CG  CD   sing N N 24  
ARG CG  HG2  sing N N 25  
ARG CG  HG3  sing N N 26  
ARG CD  NE   sing N N 27  
ARG CD  HD2  sing N N 28  
ARG CD  HD3  sing N N 29  
ARG NE  CZ   sing N N 30  
ARG NE  HE   sing N N 31  
ARG CZ  NH1  sing N N 32  
ARG CZ  NH2  doub N N 33  
ARG NH1 HH11 sing N N 34  
ARG NH1 HH12 sing N N 35  
ARG NH2 HH21 sing N N 36  
ARG NH2 HH22 sing N N 37  
ARG OXT HXT  sing N N 38  
ASN N   CA   sing N N 39  
ASN N   H    sing N N 40  
ASN N   H2   sing N N 41  
ASN CA  C    sing N N 42  
ASN CA  CB   sing N N 43  
ASN CA  HA   sing N N 44  
ASN C   O    doub N N 45  
ASN C   OXT  sing N N 46  
ASN CB  CG   sing N N 47  
ASN CB  HB2  sing N N 48  
ASN CB  HB3  sing N N 49  
ASN CG  OD1  doub N N 50  
ASN CG  ND2  sing N N 51  
ASN ND2 HD21 sing N N 52  
ASN ND2 HD22 sing N N 53  
ASN OXT HXT  sing N N 54  
ASP N   CA   sing N N 55  
ASP N   H    sing N N 56  
ASP N   H2   sing N N 57  
ASP CA  C    sing N N 58  
ASP CA  CB   sing N N 59  
ASP CA  HA   sing N N 60  
ASP C   O    doub N N 61  
ASP C   OXT  sing N N 62  
ASP CB  CG   sing N N 63  
ASP CB  HB2  sing N N 64  
ASP CB  HB3  sing N N 65  
ASP CG  OD1  doub N N 66  
ASP CG  OD2  sing N N 67  
ASP OD2 HD2  sing N N 68  
ASP OXT HXT  sing N N 69  
CYS N   CA   sing N N 70  
CYS N   H    sing N N 71  
CYS N   H2   sing N N 72  
CYS CA  C    sing N N 73  
CYS CA  CB   sing N N 74  
CYS CA  HA   sing N N 75  
CYS C   O    doub N N 76  
CYS C   OXT  sing N N 77  
CYS CB  SG   sing N N 78  
CYS CB  HB2  sing N N 79  
CYS CB  HB3  sing N N 80  
CYS SG  HG   sing N N 81  
CYS OXT HXT  sing N N 82  
GLN N   CA   sing N N 83  
GLN N   H    sing N N 84  
GLN N   H2   sing N N 85  
GLN CA  C    sing N N 86  
GLN CA  CB   sing N N 87  
GLN CA  HA   sing N N 88  
GLN C   O    doub N N 89  
GLN C   OXT  sing N N 90  
GLN CB  CG   sing N N 91  
GLN CB  HB2  sing N N 92  
GLN CB  HB3  sing N N 93  
GLN CG  CD   sing N N 94  
GLN CG  HG2  sing N N 95  
GLN CG  HG3  sing N N 96  
GLN CD  OE1  doub N N 97  
GLN CD  NE2  sing N N 98  
GLN NE2 HE21 sing N N 99  
GLN NE2 HE22 sing N N 100 
GLN OXT HXT  sing N N 101 
GLU N   CA   sing N N 102 
GLU N   H    sing N N 103 
GLU N   H2   sing N N 104 
GLU CA  C    sing N N 105 
GLU CA  CB   sing N N 106 
GLU CA  HA   sing N N 107 
GLU C   O    doub N N 108 
GLU C   OXT  sing N N 109 
GLU CB  CG   sing N N 110 
GLU CB  HB2  sing N N 111 
GLU CB  HB3  sing N N 112 
GLU CG  CD   sing N N 113 
GLU CG  HG2  sing N N 114 
GLU CG  HG3  sing N N 115 
GLU CD  OE1  doub N N 116 
GLU CD  OE2  sing N N 117 
GLU OE2 HE2  sing N N 118 
GLU OXT HXT  sing N N 119 
GLY N   CA   sing N N 120 
GLY N   H    sing N N 121 
GLY N   H2   sing N N 122 
GLY CA  C    sing N N 123 
GLY CA  HA2  sing N N 124 
GLY CA  HA3  sing N N 125 
GLY C   O    doub N N 126 
GLY C   OXT  sing N N 127 
GLY OXT HXT  sing N N 128 
HIS N   CA   sing N N 129 
HIS N   H    sing N N 130 
HIS N   H2   sing N N 131 
HIS CA  C    sing N N 132 
HIS CA  CB   sing N N 133 
HIS CA  HA   sing N N 134 
HIS C   O    doub N N 135 
HIS C   OXT  sing N N 136 
HIS CB  CG   sing N N 137 
HIS CB  HB2  sing N N 138 
HIS CB  HB3  sing N N 139 
HIS CG  ND1  sing Y N 140 
HIS CG  CD2  doub Y N 141 
HIS ND1 CE1  doub Y N 142 
HIS ND1 HD1  sing N N 143 
HIS CD2 NE2  sing Y N 144 
HIS CD2 HD2  sing N N 145 
HIS CE1 NE2  sing Y N 146 
HIS CE1 HE1  sing N N 147 
HIS NE2 HE2  sing N N 148 
HIS OXT HXT  sing N N 149 
HOH O   H1   sing N N 150 
HOH O   H2   sing N N 151 
ILE N   CA   sing N N 152 
ILE N   H    sing N N 153 
ILE N   H2   sing N N 154 
ILE CA  C    sing N N 155 
ILE CA  CB   sing N N 156 
ILE CA  HA   sing N N 157 
ILE C   O    doub N N 158 
ILE C   OXT  sing N N 159 
ILE CB  CG1  sing N N 160 
ILE CB  CG2  sing N N 161 
ILE CB  HB   sing N N 162 
ILE CG1 CD1  sing N N 163 
ILE CG1 HG12 sing N N 164 
ILE CG1 HG13 sing N N 165 
ILE CG2 HG21 sing N N 166 
ILE CG2 HG22 sing N N 167 
ILE CG2 HG23 sing N N 168 
ILE CD1 HD11 sing N N 169 
ILE CD1 HD12 sing N N 170 
ILE CD1 HD13 sing N N 171 
ILE OXT HXT  sing N N 172 
LEU N   CA   sing N N 173 
LEU N   H    sing N N 174 
LEU N   H2   sing N N 175 
LEU CA  C    sing N N 176 
LEU CA  CB   sing N N 177 
LEU CA  HA   sing N N 178 
LEU C   O    doub N N 179 
LEU C   OXT  sing N N 180 
LEU CB  CG   sing N N 181 
LEU CB  HB2  sing N N 182 
LEU CB  HB3  sing N N 183 
LEU CG  CD1  sing N N 184 
LEU CG  CD2  sing N N 185 
LEU CG  HG   sing N N 186 
LEU CD1 HD11 sing N N 187 
LEU CD1 HD12 sing N N 188 
LEU CD1 HD13 sing N N 189 
LEU CD2 HD21 sing N N 190 
LEU CD2 HD22 sing N N 191 
LEU CD2 HD23 sing N N 192 
LEU OXT HXT  sing N N 193 
LYS N   CA   sing N N 194 
LYS N   H    sing N N 195 
LYS N   H2   sing N N 196 
LYS CA  C    sing N N 197 
LYS CA  CB   sing N N 198 
LYS CA  HA   sing N N 199 
LYS C   O    doub N N 200 
LYS C   OXT  sing N N 201 
LYS CB  CG   sing N N 202 
LYS CB  HB2  sing N N 203 
LYS CB  HB3  sing N N 204 
LYS CG  CD   sing N N 205 
LYS CG  HG2  sing N N 206 
LYS CG  HG3  sing N N 207 
LYS CD  CE   sing N N 208 
LYS CD  HD2  sing N N 209 
LYS CD  HD3  sing N N 210 
LYS CE  NZ   sing N N 211 
LYS CE  HE2  sing N N 212 
LYS CE  HE3  sing N N 213 
LYS NZ  HZ1  sing N N 214 
LYS NZ  HZ2  sing N N 215 
LYS NZ  HZ3  sing N N 216 
LYS OXT HXT  sing N N 217 
MET N   CA   sing N N 218 
MET N   H    sing N N 219 
MET N   H2   sing N N 220 
MET CA  C    sing N N 221 
MET CA  CB   sing N N 222 
MET CA  HA   sing N N 223 
MET C   O    doub N N 224 
MET C   OXT  sing N N 225 
MET CB  CG   sing N N 226 
MET CB  HB2  sing N N 227 
MET CB  HB3  sing N N 228 
MET CG  SD   sing N N 229 
MET CG  HG2  sing N N 230 
MET CG  HG3  sing N N 231 
MET SD  CE   sing N N 232 
MET CE  HE1  sing N N 233 
MET CE  HE2  sing N N 234 
MET CE  HE3  sing N N 235 
MET OXT HXT  sing N N 236 
PHE N   CA   sing N N 237 
PHE N   H    sing N N 238 
PHE N   H2   sing N N 239 
PHE CA  C    sing N N 240 
PHE CA  CB   sing N N 241 
PHE CA  HA   sing N N 242 
PHE C   O    doub N N 243 
PHE C   OXT  sing N N 244 
PHE CB  CG   sing N N 245 
PHE CB  HB2  sing N N 246 
PHE CB  HB3  sing N N 247 
PHE CG  CD1  doub Y N 248 
PHE CG  CD2  sing Y N 249 
PHE CD1 CE1  sing Y N 250 
PHE CD1 HD1  sing N N 251 
PHE CD2 CE2  doub Y N 252 
PHE CD2 HD2  sing N N 253 
PHE CE1 CZ   doub Y N 254 
PHE CE1 HE1  sing N N 255 
PHE CE2 CZ   sing Y N 256 
PHE CE2 HE2  sing N N 257 
PHE CZ  HZ   sing N N 258 
PHE OXT HXT  sing N N 259 
PRO N   CA   sing N N 260 
PRO N   CD   sing N N 261 
PRO N   H    sing N N 262 
PRO CA  C    sing N N 263 
PRO CA  CB   sing N N 264 
PRO CA  HA   sing N N 265 
PRO C   O    doub N N 266 
PRO C   OXT  sing N N 267 
PRO CB  CG   sing N N 268 
PRO CB  HB2  sing N N 269 
PRO CB  HB3  sing N N 270 
PRO CG  CD   sing N N 271 
PRO CG  HG2  sing N N 272 
PRO CG  HG3  sing N N 273 
PRO CD  HD2  sing N N 274 
PRO CD  HD3  sing N N 275 
PRO OXT HXT  sing N N 276 
SER N   CA   sing N N 277 
SER N   H    sing N N 278 
SER N   H2   sing N N 279 
SER CA  C    sing N N 280 
SER CA  CB   sing N N 281 
SER CA  HA   sing N N 282 
SER C   O    doub N N 283 
SER C   OXT  sing N N 284 
SER CB  OG   sing N N 285 
SER CB  HB2  sing N N 286 
SER CB  HB3  sing N N 287 
SER OG  HG   sing N N 288 
SER OXT HXT  sing N N 289 
THR N   CA   sing N N 290 
THR N   H    sing N N 291 
THR N   H2   sing N N 292 
THR CA  C    sing N N 293 
THR CA  CB   sing N N 294 
THR CA  HA   sing N N 295 
THR C   O    doub N N 296 
THR C   OXT  sing N N 297 
THR CB  OG1  sing N N 298 
THR CB  CG2  sing N N 299 
THR CB  HB   sing N N 300 
THR OG1 HG1  sing N N 301 
THR CG2 HG21 sing N N 302 
THR CG2 HG22 sing N N 303 
THR CG2 HG23 sing N N 304 
THR OXT HXT  sing N N 305 
TRP N   CA   sing N N 306 
TRP N   H    sing N N 307 
TRP N   H2   sing N N 308 
TRP CA  C    sing N N 309 
TRP CA  CB   sing N N 310 
TRP CA  HA   sing N N 311 
TRP C   O    doub N N 312 
TRP C   OXT  sing N N 313 
TRP CB  CG   sing N N 314 
TRP CB  HB2  sing N N 315 
TRP CB  HB3  sing N N 316 
TRP CG  CD1  doub Y N 317 
TRP CG  CD2  sing Y N 318 
TRP CD1 NE1  sing Y N 319 
TRP CD1 HD1  sing N N 320 
TRP CD2 CE2  doub Y N 321 
TRP CD2 CE3  sing Y N 322 
TRP NE1 CE2  sing Y N 323 
TRP NE1 HE1  sing N N 324 
TRP CE2 CZ2  sing Y N 325 
TRP CE3 CZ3  doub Y N 326 
TRP CE3 HE3  sing N N 327 
TRP CZ2 CH2  doub Y N 328 
TRP CZ2 HZ2  sing N N 329 
TRP CZ3 CH2  sing Y N 330 
TRP CZ3 HZ3  sing N N 331 
TRP CH2 HH2  sing N N 332 
TRP OXT HXT  sing N N 333 
TYR N   CA   sing N N 334 
TYR N   H    sing N N 335 
TYR N   H2   sing N N 336 
TYR CA  C    sing N N 337 
TYR CA  CB   sing N N 338 
TYR CA  HA   sing N N 339 
TYR C   O    doub N N 340 
TYR C   OXT  sing N N 341 
TYR CB  CG   sing N N 342 
TYR CB  HB2  sing N N 343 
TYR CB  HB3  sing N N 344 
TYR CG  CD1  doub Y N 345 
TYR CG  CD2  sing Y N 346 
TYR CD1 CE1  sing Y N 347 
TYR CD1 HD1  sing N N 348 
TYR CD2 CE2  doub Y N 349 
TYR CD2 HD2  sing N N 350 
TYR CE1 CZ   doub Y N 351 
TYR CE1 HE1  sing N N 352 
TYR CE2 CZ   sing Y N 353 
TYR CE2 HE2  sing N N 354 
TYR CZ  OH   sing N N 355 
TYR OH  HH   sing N N 356 
TYR OXT HXT  sing N N 357 
VAL N   CA   sing N N 358 
VAL N   H    sing N N 359 
VAL N   H2   sing N N 360 
VAL CA  C    sing N N 361 
VAL CA  CB   sing N N 362 
VAL CA  HA   sing N N 363 
VAL C   O    doub N N 364 
VAL C   OXT  sing N N 365 
VAL CB  CG1  sing N N 366 
VAL CB  CG2  sing N N 367 
VAL CB  HB   sing N N 368 
VAL CG1 HG11 sing N N 369 
VAL CG1 HG12 sing N N 370 
VAL CG1 HG13 sing N N 371 
VAL CG2 HG21 sing N N 372 
VAL CG2 HG22 sing N N 373 
VAL CG2 HG23 sing N N 374 
VAL OXT HXT  sing N N 375 
# 
_atom_sites.entry_id                    5YUH 
_atom_sites.fract_transf_matrix[1][1]   -0.01114018 
_atom_sites.fract_transf_matrix[1][2]   0.00986808 
_atom_sites.fract_transf_matrix[1][3]   0.01605659 
_atom_sites.fract_transf_matrix[2][1]   -0.01898936 
_atom_sites.fract_transf_matrix[2][2]   -0.00841454 
_atom_sites.fract_transf_matrix[2][3]   0.00692123 
_atom_sites.fract_transf_matrix[3][1]   0.00391928 
_atom_sites.fract_transf_matrix[3][2]   -0.00438927 
_atom_sites.fract_transf_matrix[3][3]   0.00541679 
_atom_sites.fract_transf_vector[1]      0.584699 
_atom_sites.fract_transf_vector[2]      0.497379 
_atom_sites.fract_transf_vector[3]      0.060772 
# 
loop_
_atom_type.symbol 
C  
N  
O  
S  
ZN 
# 
loop_
_atom_site.group_PDB 
_atom_site.id 
_atom_site.type_symbol 
_atom_site.label_atom_id 
_atom_site.label_alt_id 
_atom_site.label_comp_id 
_atom_site.label_asym_id 
_atom_site.label_entity_id 
_atom_site.label_seq_id 
_atom_site.pdbx_PDB_ins_code 
_atom_site.Cartn_x 
_atom_site.Cartn_y 
_atom_site.Cartn_z 
_atom_site.occupancy 
_atom_site.B_iso_or_equiv 
_atom_site.pdbx_formal_charge 
_atom_site.auth_seq_id 
_atom_site.auth_comp_id 
_atom_site.auth_asym_id 
_atom_site.auth_atom_id 
_atom_site.pdbx_PDB_model_num 
ATOM   1   N  N   . LYS A 1 9  ? -17.715 8.327   -7.734  1.00 36.70 ? 9   LYS A N   1 
ATOM   2   C  CA  . LYS A 1 9  ? -16.522 7.616   -7.292  1.00 36.78 ? 9   LYS A CA  1 
ATOM   3   C  C   . LYS A 1 9  ? -15.698 7.082   -8.456  1.00 37.53 ? 9   LYS A C   1 
ATOM   4   O  O   . LYS A 1 9  ? -16.224 6.629   -9.475  1.00 38.90 ? 9   LYS A O   1 
ATOM   5   C  CB  . LYS A 1 9  ? -16.890 6.460   -6.362  1.00 37.38 ? 9   LYS A CB  1 
ATOM   6   C  CG  . LYS A 1 9  ? -17.285 6.881   -4.967  1.00 36.01 ? 9   LYS A CG  1 
ATOM   7   C  CD  . LYS A 1 9  ? -17.755 5.684   -4.151  1.00 38.19 ? 9   LYS A CD  1 
ATOM   8   C  CE  . LYS A 1 9  ? -18.149 6.110   -2.755  1.00 37.85 ? 9   LYS A CE  1 
ATOM   9   N  NZ  . LYS A 1 9  ? -18.145 4.956   -1.819  1.00 41.11 ? 9   LYS A NZ  1 
ATOM   10  N  N   . MET A 1 10 ? -14.385 7.153   -8.286  1.00 33.71 ? 10  MET A N   1 
ATOM   11  C  CA  . MET A 1 10 ? -13.428 6.584   -9.215  1.00 35.68 ? 10  MET A CA  1 
ATOM   12  C  C   . MET A 1 10 ? -12.384 5.869   -8.375  1.00 38.34 ? 10  MET A C   1 
ATOM   13  O  O   . MET A 1 10 ? -11.941 6.406   -7.353  1.00 35.66 ? 10  MET A O   1 
ATOM   14  C  CB  . MET A 1 10 ? -12.785 7.667   -10.085 1.00 33.72 ? 10  MET A CB  1 
ATOM   15  C  CG  . MET A 1 10 ? -12.018 7.141   -11.273 1.00 35.97 ? 10  MET A CG  1 
ATOM   16  S  SD  . MET A 1 10 ? -11.016 8.398   -12.110 1.00 45.49 ? 10  MET A SD  1 
ATOM   17  C  CE  . MET A 1 10 ? -11.253 7.938   -13.829 1.00 41.43 ? 10  MET A CE  1 
ATOM   18  N  N   . CYS A 1 11 ? -12.028 4.652   -8.777  1.00 37.87 ? 11  CYS A N   1 
ATOM   19  C  CA  . CYS A 1 11 ? -11.025 3.890   -8.045  1.00 32.56 ? 11  CYS A CA  1 
ATOM   20  C  C   . CYS A 1 11 ? -9.687  4.614   -8.087  1.00 32.91 ? 11  CYS A C   1 
ATOM   21  O  O   . CYS A 1 11 ? -9.194  4.968   -9.163  1.00 31.63 ? 11  CYS A O   1 
ATOM   22  C  CB  . CYS A 1 11 ? -10.887 2.489   -8.635  1.00 31.62 ? 11  CYS A CB  1 
ATOM   23  S  SG  . CYS A 1 11 ? -9.508  1.546   -7.921  1.00 27.52 ? 11  CYS A SG  1 
ATOM   24  N  N   . MET A 1 12 ? -9.095  4.824   -6.909  1.00 30.66 ? 12  MET A N   1 
ATOM   25  C  CA  . MET A 1 12 ? -7.893  5.634   -6.787  1.00 30.39 ? 12  MET A CA  1 
ATOM   26  C  C   . MET A 1 12 ? -6.610  4.843   -7.035  1.00 31.84 ? 12  MET A C   1 
ATOM   27  O  O   . MET A 1 12 ? -5.512  5.367   -6.810  1.00 29.67 ? 12  MET A O   1 
ATOM   28  C  CB  . MET A 1 12 ? -7.892  6.318   -5.418  1.00 29.82 ? 12  MET A CB  1 
ATOM   29  C  CG  . MET A 1 12 ? -9.018  7.359   -5.324  1.00 30.40 ? 12  MET A CG  1 
ATOM   30  S  SD  . MET A 1 12 ? -9.168  8.214   -3.749  1.00 33.15 ? 12  MET A SD  1 
ATOM   31  C  CE  . MET A 1 12 ? -10.232 9.576   -4.232  1.00 33.51 ? 12  MET A CE  1 
ATOM   32  N  N   . ASN A 1 13 ? -6.721  3.609   -7.520  1.00 30.62 ? 13  ASN A N   1 
ATOM   33  C  CA  . ASN A 1 13 ? -5.582  2.886   -8.076  1.00 31.53 ? 13  ASN A CA  1 
ATOM   34  C  C   . ASN A 1 13 ? -5.345  3.398   -9.492  1.00 32.42 ? 13  ASN A C   1 
ATOM   35  O  O   . ASN A 1 13 ? -6.175  3.188   -10.382 1.00 33.06 ? 13  ASN A O   1 
ATOM   36  C  CB  . ASN A 1 13 ? -5.855  1.384   -8.063  1.00 30.88 ? 13  ASN A CB  1 
ATOM   37  C  CG  . ASN A 1 13 ? -4.692  0.565   -8.607  1.00 27.52 ? 13  ASN A CG  1 
ATOM   38  O  OD1 . ASN A 1 13 ? -3.561  1.056   -8.755  1.00 25.51 ? 13  ASN A OD1 1 
ATOM   39  N  ND2 . ASN A 1 13 ? -4.966  -0.699  -8.906  1.00 23.82 ? 13  ASN A ND2 1 
ATOM   40  N  N   . ALA A 1 14 ? -4.208  4.061   -9.705  1.00 31.10 ? 14  ALA A N   1 
ATOM   41  C  CA  . ALA A 1 14 ? -3.967  4.757   -10.966 1.00 30.70 ? 14  ALA A CA  1 
ATOM   42  C  C   . ALA A 1 14 ? -4.010  3.809   -12.166 1.00 33.96 ? 14  ALA A C   1 
ATOM   43  O  O   . ALA A 1 14 ? -4.521  4.172   -13.232 1.00 35.83 ? 14  ALA A O   1 
ATOM   44  C  CB  . ALA A 1 14 ? -2.626  5.484   -10.898 1.00 29.37 ? 14  ALA A CB  1 
ATOM   45  N  N   . SER A 1 15 ? -3.474  2.596   -12.023 1.00 31.37 ? 15  SER A N   1 
ATOM   46  C  CA  . SER A 1 15 ? -3.540  1.621   -13.108 1.00 32.72 ? 15  SER A CA  1 
ATOM   47  C  C   . SER A 1 15 ? -4.957  1.128   -13.372 1.00 34.17 ? 15  SER A C   1 
ATOM   48  O  O   . SER A 1 15 ? -5.184  0.461   -14.389 1.00 39.44 ? 15  SER A O   1 
ATOM   49  C  CB  . SER A 1 15 ? -2.632  0.424   -12.800 1.00 30.88 ? 15  SER A CB  1 
ATOM   50  O  OG  . SER A 1 15 ? -3.056  -0.209  -11.612 1.00 29.86 ? 15  SER A OG  1 
ATOM   51  N  N   . CYS A 1 16 ? -5.909  1.433   -12.494 1.00 33.99 ? 16  CYS A N   1 
ATOM   52  C  CA  . CYS A 1 16 ? -7.286  0.989   -12.675 1.00 36.01 ? 16  CYS A CA  1 
ATOM   53  C  C   . CYS A 1 16 ? -8.178  2.166   -13.050 1.00 37.42 ? 16  CYS A C   1 
ATOM   54  O  O   . CYS A 1 16 ? -8.453  2.396   -14.235 1.00 37.44 ? 16  CYS A O   1 
ATOM   55  C  CB  . CYS A 1 16 ? -7.791  0.298   -11.405 1.00 28.86 ? 16  CYS A CB  1 
ATOM   56  S  SG  . CYS A 1 16 ? -9.533  -0.155  -11.461 1.00 28.79 ? 16  CYS A SG  1 
ATOM   57  N  N   . GLY A 1 17 ? -8.623  2.924   -12.048 1.00 36.29 ? 17  GLY A N   1 
ATOM   58  C  CA  . GLY A 1 17 ? -9.403  4.115   -12.303 1.00 35.75 ? 17  GLY A CA  1 
ATOM   59  C  C   . GLY A 1 17 ? -10.795 3.874   -12.849 1.00 38.30 ? 17  GLY A C   1 
ATOM   60  O  O   . GLY A 1 17 ? -11.365 4.778   -13.473 1.00 39.90 ? 17  GLY A O   1 
ATOM   61  N  N   . THR A 1 18 ? -11.364 2.688   -12.631 1.00 37.22 ? 18  THR A N   1 
ATOM   62  C  CA  . THR A 1 18 ? -12.727 2.427   -13.066 1.00 36.48 ? 18  THR A CA  1 
ATOM   63  C  C   . THR A 1 18 ? -13.712 3.311   -12.310 1.00 39.12 ? 18  THR A C   1 
ATOM   64  O  O   . THR A 1 18 ? -13.445 3.782   -11.195 1.00 35.06 ? 18  THR A O   1 
ATOM   65  C  CB  . THR A 1 18 ? -13.111 0.963   -12.842 1.00 37.44 ? 18  THR A CB  1 
ATOM   66  O  OG1 . THR A 1 18 ? -14.437 0.725   -13.343 1.00 34.37 ? 18  THR A OG1 1 
ATOM   67  C  CG2 . THR A 1 18 ? -13.079 0.628   -11.349 1.00 33.69 ? 18  THR A CG2 1 
ATOM   68  N  N   . THR A 1 19 ? -14.873 3.526   -12.942 1.00 37.85 ? 19  THR A N   1 
ATOM   69  C  CA  . THR A 1 19 ? -16.027 4.161   -12.320 1.00 35.93 ? 19  THR A CA  1 
ATOM   70  C  C   . THR A 1 19 ? -17.185 3.193   -12.128 1.00 37.44 ? 19  THR A C   1 
ATOM   71  O  O   . THR A 1 19 ? -18.233 3.593   -11.608 1.00 35.97 ? 19  THR A O   1 
ATOM   72  C  CB  . THR A 1 19 ? -16.500 5.352   -13.161 1.00 36.81 ? 19  THR A CB  1 
ATOM   73  O  OG1 . THR A 1 19 ? -16.573 4.953   -14.536 1.00 37.59 ? 19  THR A OG1 1 
ATOM   74  C  CG2 . THR A 1 19 ? -15.543 6.532   -13.022 1.00 37.40 ? 19  THR A CG2 1 
ATOM   75  N  N   . SER A 1 20 ? -17.032 1.940   -12.551 1.00 34.75 ? 20  SER A N   1 
ATOM   76  C  CA  . SER A 1 20 ? -18.055 0.916   -12.382 1.00 35.84 ? 20  SER A CA  1 
ATOM   77  C  C   . SER A 1 20 ? -17.438 -0.288  -11.687 1.00 36.53 ? 20  SER A C   1 
ATOM   78  O  O   . SER A 1 20 ? -16.391 -0.790  -12.112 1.00 36.26 ? 20  SER A O   1 
ATOM   79  C  CB  . SER A 1 20 ? -18.668 0.508   -13.730 1.00 33.33 ? 20  SER A CB  1 
ATOM   80  O  OG  . SER A 1 20 ? -17.666 0.278   -14.702 1.00 38.12 ? 20  SER A OG  1 
ATOM   81  N  N   . THR A 1 21 ? -18.073 -0.727  -10.603 1.00 34.42 ? 21  THR A N   1 
ATOM   82  C  CA  . THR A 1 21 ? -17.621 -1.894  -9.866  1.00 32.34 ? 21  THR A CA  1 
ATOM   83  C  C   . THR A 1 21 ? -18.825 -2.476  -9.149  1.00 36.30 ? 21  THR A C   1 
ATOM   84  O  O   . THR A 1 21 ? -19.808 -1.781  -8.871  1.00 38.15 ? 21  THR A O   1 
ATOM   85  C  CB  . THR A 1 21 ? -16.506 -1.562  -8.860  1.00 33.82 ? 21  THR A CB  1 
ATOM   86  O  OG1 . THR A 1 21 ? -16.024 -2.769  -8.240  1.00 32.88 ? 21  THR A OG1 1 
ATOM   87  C  CG2 . THR A 1 21 ? -17.043 -0.636  -7.781  1.00 34.02 ? 21  THR A CG2 1 
ATOM   88  N  N   . VAL A 1 22 ? -18.741 -3.774  -8.865  1.00 32.80 ? 22  VAL A N   1 
ATOM   89  C  CA  . VAL A 1 22 ? -19.832 -4.420  -8.155  1.00 34.02 ? 22  VAL A CA  1 
ATOM   90  C  C   . VAL A 1 22 ? -19.939 -3.927  -6.717  1.00 35.52 ? 22  VAL A C   1 
ATOM   91  O  O   . VAL A 1 22 ? -21.020 -4.019  -6.118  1.00 36.43 ? 22  VAL A O   1 
ATOM   92  C  CB  . VAL A 1 22 ? -19.663 -5.947  -8.227  1.00 31.50 ? 22  VAL A CB  1 
ATOM   93  C  CG1 . VAL A 1 22 ? -19.900 -6.425  -9.665  1.00 31.77 ? 22  VAL A CG1 1 
ATOM   94  C  CG2 . VAL A 1 22 ? -18.271 -6.377  -7.733  1.00 29.32 ? 22  VAL A CG2 1 
ATOM   95  N  N   . GLU A 1 23 ? -18.858 -3.391  -6.148  1.00 33.27 ? 23  GLU A N   1 
ATOM   96  C  CA  . GLU A 1 23 ? -18.874 -2.912  -4.767  1.00 33.47 ? 23  GLU A CA  1 
ATOM   97  C  C   . GLU A 1 23 ? -17.690 -1.985  -4.536  1.00 34.34 ? 23  GLU A C   1 
ATOM   98  O  O   . GLU A 1 23 ? -16.551 -2.365  -4.816  1.00 33.96 ? 23  GLU A O   1 
ATOM   99  C  CB  . GLU A 1 23 ? -18.822 -4.083  -3.772  1.00 34.82 ? 23  GLU A CB  1 
ATOM   100 C  CG  . GLU A 1 23 ? -18.809 -3.641  -2.300  1.00 35.49 ? 23  GLU A CG  1 
ATOM   101 C  CD  . GLU A 1 23 ? -18.271 -4.715  -1.351  1.00 39.35 ? 23  GLU A CD  1 
ATOM   102 O  OE1 . GLU A 1 23 ? -17.968 -5.836  -1.811  1.00 40.94 ? 23  GLU A OE1 1 
ATOM   103 O  OE2 . GLU A 1 23 ? -18.148 -4.442  -0.134  1.00 43.94 ? 23  GLU A OE2 1 
ATOM   104 N  N   . TRP A 1 24 ? -17.956 -0.783  -4.016  1.00 37.35 ? 24  TRP A N   1 
ATOM   105 C  CA  . TRP A 1 24 ? -16.890 0.144   -3.645  1.00 32.41 ? 24  TRP A CA  1 
ATOM   106 C  C   . TRP A 1 24 ? -16.273 -0.247  -2.307  1.00 33.63 ? 24  TRP A C   1 
ATOM   107 O  O   . TRP A 1 24 ? -16.945 -0.782  -1.417  1.00 30.91 ? 24  TRP A O   1 
ATOM   108 C  CB  . TRP A 1 24 ? -17.411 1.585   -3.574  1.00 32.94 ? 24  TRP A CB  1 
ATOM   109 C  CG  . TRP A 1 24 ? -17.767 2.130   -4.917  1.00 34.41 ? 24  TRP A CG  1 
ATOM   110 C  CD1 . TRP A 1 24 ? -19.024 2.355   -5.400  1.00 35.23 ? 24  TRP A CD1 1 
ATOM   111 C  CD2 . TRP A 1 24 ? -16.859 2.481   -5.976  1.00 34.44 ? 24  TRP A CD2 1 
ATOM   112 N  NE1 . TRP A 1 24 ? -18.955 2.833   -6.690  1.00 35.97 ? 24  TRP A NE1 1 
ATOM   113 C  CE2 . TRP A 1 24 ? -17.639 2.921   -7.066  1.00 35.49 ? 24  TRP A CE2 1 
ATOM   114 C  CE3 . TRP A 1 24 ? -15.463 2.468   -6.106  1.00 34.47 ? 24  TRP A CE3 1 
ATOM   115 C  CZ2 . TRP A 1 24 ? -17.074 3.350   -8.272  1.00 37.61 ? 24  TRP A CZ2 1 
ATOM   116 C  CZ3 . TRP A 1 24 ? -14.898 2.893   -7.310  1.00 33.70 ? 24  TRP A CZ3 1 
ATOM   117 C  CH2 . TRP A 1 24 ? -15.705 3.328   -8.375  1.00 37.47 ? 24  TRP A CH2 1 
ATOM   118 N  N   . LYS A 1 25 ? -14.971 0.021   -2.179  1.00 31.77 ? 25  LYS A N   1 
ATOM   119 C  CA  . LYS A 1 25 ? -14.228 -0.231  -0.950  1.00 32.54 ? 25  LYS A CA  1 
ATOM   120 C  C   . LYS A 1 25 ? -13.339 0.968   -0.637  1.00 32.85 ? 25  LYS A C   1 
ATOM   121 O  O   . LYS A 1 25 ? -13.145 1.863   -1.464  1.00 30.45 ? 25  LYS A O   1 
ATOM   122 C  CB  . LYS A 1 25 ? -13.392 -1.515  -1.059  1.00 32.10 ? 25  LYS A CB  1 
ATOM   123 C  CG  . LYS A 1 25 ? -14.244 -2.771  -1.188  1.00 34.50 ? 25  LYS A CG  1 
ATOM   124 C  CD  . LYS A 1 25 ? -13.406 -4.030  -1.232  1.00 33.80 ? 25  LYS A CD  1 
ATOM   125 C  CE  . LYS A 1 25 ? -14.254 -5.230  -0.830  1.00 36.31 ? 25  LYS A CE  1 
ATOM   126 N  NZ  . LYS A 1 25 ? -13.454 -6.459  -0.638  1.00 36.24 ? 25  LYS A NZ  1 
ATOM   127 N  N   . LYS A 1 26 ? -12.785 0.964   0.575   1.00 31.06 ? 26  LYS A N   1 
ATOM   128 C  CA  . LYS A 1 26 ? -11.942 2.039   1.076   1.00 32.62 ? 26  LYS A CA  1 
ATOM   129 C  C   . LYS A 1 26 ? -10.490 1.583   1.158   1.00 33.39 ? 26  LYS A C   1 
ATOM   130 O  O   . LYS A 1 26 ? -10.210 0.417   1.452   1.00 36.52 ? 26  LYS A O   1 
ATOM   131 C  CB  . LYS A 1 26 ? -12.415 2.501   2.451   1.00 33.89 ? 26  LYS A CB  1 
ATOM   132 C  CG  . LYS A 1 26 ? -13.764 3.214   2.444   1.00 34.34 ? 26  LYS A CG  1 
ATOM   133 C  CD  . LYS A 1 26 ? -13.699 4.519   1.662   1.00 36.06 ? 26  LYS A CD  1 
ATOM   134 C  CE  . LYS A 1 26 ? -15.003 5.292   1.767   1.00 34.23 ? 26  LYS A CE  1 
ATOM   135 N  NZ  . LYS A 1 26 ? -14.848 6.649   1.187   1.00 35.28 ? 26  LYS A NZ  1 
ATOM   136 N  N   . GLY A 1 27 ? -9.568  2.508   0.899   1.00 33.17 ? 27  GLY A N   1 
ATOM   137 C  CA  . GLY A 1 27 ? -8.155  2.184   0.878   1.00 28.37 ? 27  GLY A CA  1 
ATOM   138 C  C   . GLY A 1 27 ? -7.356  2.913   1.940   1.00 29.02 ? 27  GLY A C   1 
ATOM   139 O  O   . GLY A 1 27 ? -7.758  2.973   3.102   1.00 30.42 ? 27  GLY A O   1 
ATOM   140 N  N   . TRP A 1 28 ? -6.226  3.487   1.543   1.00 28.02 ? 28  TRP A N   1 
ATOM   141 C  CA  . TRP A 1 28 ? -5.297  4.114   2.471   1.00 27.70 ? 28  TRP A CA  1 
ATOM   142 C  C   . TRP A 1 28 ? -5.793  5.499   2.889   1.00 29.14 ? 28  TRP A C   1 
ATOM   143 O  O   . TRP A 1 28 ? -6.669  6.081   2.243   1.00 29.11 ? 28  TRP A O   1 
ATOM   144 C  CB  . TRP A 1 28 ? -3.923  4.221   1.813   1.00 23.63 ? 28  TRP A CB  1 
ATOM   145 C  CG  . TRP A 1 28 ? -3.997  4.811   0.444   1.00 24.52 ? 28  TRP A CG  1 
ATOM   146 C  CD1 . TRP A 1 28 ? -3.935  6.144   0.114   1.00 23.34 ? 28  TRP A CD1 1 
ATOM   147 C  CD2 . TRP A 1 28 ? -4.180  4.102   -0.788  1.00 24.04 ? 28  TRP A CD2 1 
ATOM   148 N  NE1 . TRP A 1 28 ? -4.053  6.301   -1.248  1.00 23.97 ? 28  TRP A NE1 1 
ATOM   149 C  CE2 . TRP A 1 28 ? -4.204  5.065   -1.826  1.00 22.56 ? 28  TRP A CE2 1 
ATOM   150 C  CE3 . TRP A 1 28 ? -4.304  2.747   -1.119  1.00 22.97 ? 28  TRP A CE3 1 
ATOM   151 C  CZ2 . TRP A 1 28 ? -4.366  4.719   -3.167  1.00 23.20 ? 28  TRP A CZ2 1 
ATOM   152 C  CZ3 . TRP A 1 28 ? -4.465  2.400   -2.468  1.00 23.54 ? 28  TRP A CZ3 1 
ATOM   153 C  CH2 . TRP A 1 28 ? -4.482  3.381   -3.468  1.00 20.98 ? 28  TRP A CH2 1 
ATOM   154 N  N   . PRO A 1 29 ? -5.248  6.053   3.972   1.00 29.84 ? 29  PRO A N   1 
ATOM   155 C  CA  . PRO A 1 29 ? -5.559  7.447   4.314   1.00 31.44 ? 29  PRO A CA  1 
ATOM   156 C  C   . PRO A 1 29 ? -4.915  8.397   3.313   1.00 30.62 ? 29  PRO A C   1 
ATOM   157 O  O   . PRO A 1 29 ? -3.725  8.290   3.011   1.00 29.30 ? 29  PRO A O   1 
ATOM   158 C  CB  . PRO A 1 29 ? -4.962  7.621   5.714   1.00 30.91 ? 29  PRO A CB  1 
ATOM   159 C  CG  . PRO A 1 29 ? -4.648  6.249   6.200   1.00 30.74 ? 29  PRO A CG  1 
ATOM   160 C  CD  . PRO A 1 29 ? -4.385  5.423   4.985   1.00 29.19 ? 29  PRO A CD  1 
ATOM   161 N  N   . LEU A 1 30 ? -5.709  9.327   2.799   1.00 28.34 ? 30  LEU A N   1 
ATOM   162 C  CA  . LEU A 1 30 ? -5.170  10.327  1.893   1.00 31.68 ? 30  LEU A CA  1 
ATOM   163 C  C   . LEU A 1 30 ? -4.398  11.386  2.692   1.00 34.49 ? 30  LEU A C   1 
ATOM   164 O  O   . LEU A 1 30 ? -4.429  11.407  3.929   1.00 36.34 ? 30  LEU A O   1 
ATOM   165 C  CB  . LEU A 1 30 ? -6.301  10.930  1.059   1.00 30.97 ? 30  LEU A CB  1 
ATOM   166 C  CG  . LEU A 1 30 ? -7.008  9.935   0.119   1.00 31.76 ? 30  LEU A CG  1 
ATOM   167 C  CD1 . LEU A 1 30 ? -8.292  10.509  -0.429  1.00 28.54 ? 30  LEU A CD1 1 
ATOM   168 C  CD2 . LEU A 1 30 ? -6.101  9.519   -1.038  1.00 28.03 ? 30  LEU A CD2 1 
ATOM   169 N  N   . ARG A 1 31 ? -3.665  12.256  1.978   1.00 31.92 ? 31  ARG A N   1 
ATOM   170 C  CA  . ARG A 1 31 ? -2.994  13.363  2.665   1.00 36.68 ? 31  ARG A CA  1 
ATOM   171 C  C   . ARG A 1 31 ? -3.987  14.361  3.246   1.00 37.31 ? 31  ARG A C   1 
ATOM   172 O  O   . ARG A 1 31 ? -3.608  15.164  4.107   1.00 40.98 ? 31  ARG A O   1 
ATOM   173 C  CB  . ARG A 1 31 ? -2.001  14.100  1.744   1.00 40.01 ? 31  ARG A CB  1 
ATOM   174 C  CG  . ARG A 1 31 ? -1.220  13.240  0.718   1.00 36.87 ? 31  ARG A CG  1 
ATOM   175 C  CD  . ARG A 1 31 ? -0.696  14.099  -0.435  1.00 36.55 ? 31  ARG A CD  1 
ATOM   176 N  NE  . ARG A 1 31 ? 0.345   14.994  0.067   1.00 39.38 ? 31  ARG A NE  1 
ATOM   177 C  CZ  . ARG A 1 31 ? 0.760   16.099  -0.544  1.00 40.72 ? 31  ARG A CZ  1 
ATOM   178 N  NH1 . ARG A 1 31 ? 1.714   16.840  0.020   1.00 40.93 ? 31  ARG A NH1 1 
ATOM   179 N  NH2 . ARG A 1 31 ? 0.213   16.481  -1.701  1.00 39.10 ? 31  ARG A NH2 1 
ATOM   180 N  N   . SER A 1 32 ? -5.243  14.327  2.803   1.00 37.03 ? 32  SER A N   1 
ATOM   181 C  CA  . SER A 1 32 ? -6.310  15.055  3.479   1.00 36.70 ? 32  SER A CA  1 
ATOM   182 C  C   . SER A 1 32 ? -6.703  14.428  4.806   1.00 38.26 ? 32  SER A C   1 
ATOM   183 O  O   . SER A 1 32 ? -7.553  14.994  5.505   1.00 40.67 ? 32  SER A O   1 
ATOM   184 C  CB  . SER A 1 32 ? -7.546  15.121  2.588   1.00 36.30 ? 32  SER A CB  1 
ATOM   185 O  OG  . SER A 1 32 ? -8.059  13.817  2.375   1.00 38.43 ? 32  SER A OG  1 
ATOM   186 N  N   . GLY A 1 33 ? -6.117  13.279  5.163   1.00 38.11 ? 33  GLY A N   1 
ATOM   187 C  CA  . GLY A 1 33 ? -6.576  12.476  6.280   1.00 35.01 ? 33  GLY A CA  1 
ATOM   188 C  C   . GLY A 1 33 ? -7.769  11.586  5.986   1.00 37.10 ? 33  GLY A C   1 
ATOM   189 O  O   . GLY A 1 33 ? -8.020  10.636  6.746   1.00 37.74 ? 33  GLY A O   1 
ATOM   190 N  N   . LEU A 1 34 ? -8.526  11.872  4.926   1.00 36.24 ? 34  LEU A N   1 
ATOM   191 C  CA  . LEU A 1 34 ? -9.634  11.028  4.503   1.00 36.92 ? 34  LEU A CA  1 
ATOM   192 C  C   . LEU A 1 34 ? -9.116  9.744   3.842   1.00 37.48 ? 34  LEU A C   1 
ATOM   193 O  O   . LEU A 1 34 ? -7.923  9.577   3.573   1.00 35.08 ? 34  LEU A O   1 
ATOM   194 C  CB  . LEU A 1 34 ? -10.534 11.780  3.531   1.00 35.84 ? 34  LEU A CB  1 
ATOM   195 C  CG  . LEU A 1 34 ? -11.325 12.927  4.131   1.00 39.30 ? 34  LEU A CG  1 
ATOM   196 C  CD1 . LEU A 1 34 ? -12.431 13.348  3.148   1.00 39.95 ? 34  LEU A CD1 1 
ATOM   197 C  CD2 . LEU A 1 34 ? -11.895 12.489  5.458   1.00 39.68 ? 34  LEU A CD2 1 
ATOM   198 N  N   . LEU A 1 35 ? -10.041 8.846   3.528   1.00 38.07 ? 35  LEU A N   1 
ATOM   199 C  CA  . LEU A 1 35 ? -9.717  7.474   3.167   1.00 35.79 ? 35  LEU A CA  1 
ATOM   200 C  C   . LEU A 1 35 ? -10.056 7.253   1.696   1.00 33.21 ? 35  LEU A C   1 
ATOM   201 O  O   . LEU A 1 35 ? -11.134 7.646   1.243   1.00 33.44 ? 35  LEU A O   1 
ATOM   202 C  CB  . LEU A 1 35 ? -10.491 6.531   4.091   1.00 36.29 ? 35  LEU A CB  1 
ATOM   203 C  CG  . LEU A 1 35 ? -9.799  5.357   4.755   1.00 37.07 ? 35  LEU A CG  1 
ATOM   204 C  CD1 . LEU A 1 35 ? -8.662  5.864   5.621   1.00 35.83 ? 35  LEU A CD1 1 
ATOM   205 C  CD2 . LEU A 1 35 ? -10.802 4.662   5.635   1.00 34.91 ? 35  LEU A CD2 1 
ATOM   206 N  N   . ALA A 1 36 ? -9.123  6.654   0.951   1.00 32.96 ? 36  ALA A N   1 
ATOM   207 C  CA  . ALA A 1 36 ? -9.237  6.538   -0.501  1.00 32.37 ? 36  ALA A CA  1 
ATOM   208 C  C   . ALA A 1 36 ? -10.361 5.584   -0.909  1.00 30.47 ? 36  ALA A C   1 
ATOM   209 O  O   . ALA A 1 36 ? -10.729 4.666   -0.174  1.00 30.90 ? 36  ALA A O   1 
ATOM   210 C  CB  . ALA A 1 36 ? -7.922  6.040   -1.101  1.00 28.21 ? 36  ALA A CB  1 
ATOM   211 N  N   . ASP A 1 37 ? -10.884 5.791   -2.115  1.00 30.28 ? 37  ASP A N   1 
ATOM   212 C  CA  . ASP A 1 37 ? -11.875 4.893   -2.712  1.00 31.24 ? 37  ASP A CA  1 
ATOM   213 C  C   . ASP A 1 37 ? -11.203 3.917   -3.675  1.00 30.04 ? 37  ASP A C   1 
ATOM   214 O  O   . ASP A 1 37 ? -10.454 4.330   -4.571  1.00 31.01 ? 37  ASP A O   1 
ATOM   215 C  CB  . ASP A 1 37 ? -12.953 5.673   -3.470  1.00 33.84 ? 37  ASP A CB  1 
ATOM   216 C  CG  . ASP A 1 37 ? -13.826 6.512   -2.559  1.00 33.67 ? 37  ASP A CG  1 
ATOM   217 O  OD1 . ASP A 1 37 ? -14.261 6.012   -1.498  1.00 33.23 ? 37  ASP A OD1 1 
ATOM   218 O  OD2 . ASP A 1 37 ? -14.074 7.680   -2.916  1.00 39.45 ? 37  ASP A OD2 1 
ATOM   219 N  N   . LEU A 1 38 ? -11.506 2.627   -3.507  1.00 29.66 ? 38  LEU A N   1 
ATOM   220 C  CA  . LEU A 1 38 ? -11.019 1.571   -4.386  1.00 29.12 ? 38  LEU A CA  1 
ATOM   221 C  C   . LEU A 1 38 ? -12.183 0.716   -4.886  1.00 29.51 ? 38  LEU A C   1 
ATOM   222 O  O   . LEU A 1 38 ? -13.178 0.516   -4.175  1.00 26.11 ? 38  LEU A O   1 
ATOM   223 C  CB  . LEU A 1 38 ? -10.012 0.696   -3.654  1.00 26.47 ? 38  LEU A CB  1 
ATOM   224 C  CG  . LEU A 1 38 ? -8.798  1.478   -3.162  1.00 25.55 ? 38  LEU A CG  1 
ATOM   225 C  CD1 . LEU A 1 38 ? -7.905  0.588   -2.331  1.00 26.14 ? 38  LEU A CD1 1 
ATOM   226 C  CD2 . LEU A 1 38 ? -8.056  2.020   -4.364  1.00 26.62 ? 38  LEU A CD2 1 
ATOM   227 N  N   . CYS A 1 39 ? -12.055 0.208   -6.116  1.00 28.18 ? 39  CYS A N   1 
ATOM   228 C  CA  . CYS A 1 39 ? -13.058 -0.714  -6.635  1.00 29.34 ? 39  CYS A CA  1 
ATOM   229 C  C   . CYS A 1 39 ? -12.989 -2.037  -5.873  1.00 28.36 ? 39  CYS A C   1 
ATOM   230 O  O   . CYS A 1 39 ? -12.134 -2.246  -5.015  1.00 29.74 ? 39  CYS A O   1 
ATOM   231 C  CB  . CYS A 1 39 ? -12.871 -0.944  -8.130  1.00 29.57 ? 39  CYS A CB  1 
ATOM   232 S  SG  . CYS A 1 39 ? -11.387 -1.836  -8.573  1.00 28.89 ? 39  CYS A SG  1 
ATOM   233 N  N   . TYR A 1 40 ? -13.920 -2.944  -6.176  1.00 28.64 ? 40  TYR A N   1 
ATOM   234 C  CA  . TYR A 1 40 ? -13.944 -4.209  -5.448  1.00 30.70 ? 40  TYR A CA  1 
ATOM   235 C  C   . TYR A 1 40 ? -12.619 -4.957  -5.595  1.00 28.05 ? 40  TYR A C   1 
ATOM   236 O  O   . TYR A 1 40 ? -12.095 -5.514  -4.620  1.00 28.19 ? 40  TYR A O   1 
ATOM   237 C  CB  . TYR A 1 40 ? -15.120 -5.063  -5.929  1.00 33.69 ? 40  TYR A CB  1 
ATOM   238 C  CG  . TYR A 1 40 ? -15.163 -6.439  -5.305  1.00 36.67 ? 40  TYR A CG  1 
ATOM   239 C  CD1 . TYR A 1 40 ? -15.616 -6.619  -3.997  1.00 34.86 ? 40  TYR A CD1 1 
ATOM   240 C  CD2 . TYR A 1 40 ? -14.741 -7.562  -6.022  1.00 38.44 ? 40  TYR A CD2 1 
ATOM   241 C  CE1 . TYR A 1 40 ? -15.654 -7.882  -3.417  1.00 37.04 ? 40  TYR A CE1 1 
ATOM   242 C  CE2 . TYR A 1 40 ? -14.771 -8.824  -5.453  1.00 38.46 ? 40  TYR A CE2 1 
ATOM   243 C  CZ  . TYR A 1 40 ? -15.230 -8.980  -4.150  1.00 40.94 ? 40  TYR A CZ  1 
ATOM   244 O  OH  . TYR A 1 40 ? -15.261 -10.241 -3.588  1.00 40.40 ? 40  TYR A OH  1 
ATOM   245 N  N   . ARG A 1 41 ? -12.043 -4.951  -6.799  1.00 29.41 ? 41  ARG A N   1 
ATOM   246 C  CA  . ARG A 1 41 ? -10.814 -5.704  -7.046  1.00 28.95 ? 41  ARG A CA  1 
ATOM   247 C  C   . ARG A 1 41 ? -9.621  -5.071  -6.323  1.00 29.54 ? 41  ARG A C   1 
ATOM   248 O  O   . ARG A 1 41 ? -8.946  -5.722  -5.505  1.00 28.80 ? 41  ARG A O   1 
ATOM   249 C  CB  . ARG A 1 41 ? -10.577 -5.791  -8.555  1.00 33.25 ? 41  ARG A CB  1 
ATOM   250 C  CG  . ARG A 1 41 ? -9.389  -6.615  -8.999  1.00 39.17 ? 41  ARG A CG  1 
ATOM   251 C  CD  . ARG A 1 41 ? -9.284  -6.560  -10.518 1.00 43.12 ? 41  ARG A CD  1 
ATOM   252 N  NE  . ARG A 1 41 ? -8.996  -5.202  -10.979 1.00 45.13 ? 41  ARG A NE  1 
ATOM   253 C  CZ  . ARG A 1 41 ? -7.793  -4.771  -11.348 1.00 45.61 ? 41  ARG A CZ  1 
ATOM   254 N  NH1 . ARG A 1 41 ? -6.748  -5.597  -11.336 1.00 46.55 ? 41  ARG A NH1 1 
ATOM   255 N  NH2 . ARG A 1 41 ? -7.638  -3.514  -11.748 1.00 42.18 ? 41  ARG A NH2 1 
ATOM   256 N  N   . CYS A 1 42 ? -9.377  -3.781  -6.576  1.00 29.18 ? 42  CYS A N   1 
ATOM   257 C  CA  . CYS A 1 42 ? -8.259  -3.102  -5.927  1.00 24.13 ? 42  CYS A CA  1 
ATOM   258 C  C   . CYS A 1 42 ? -8.452  -3.035  -4.414  1.00 27.44 ? 42  CYS A C   1 
ATOM   259 O  O   . CYS A 1 42 ? -7.502  -3.261  -3.648  1.00 26.99 ? 42  CYS A O   1 
ATOM   260 C  CB  . CYS A 1 42 ? -8.091  -1.712  -6.536  1.00 25.51 ? 42  CYS A CB  1 
ATOM   261 S  SG  . CYS A 1 42 ? -7.747  -1.814  -8.309  1.00 28.58 ? 42  CYS A SG  1 
ATOM   262 N  N   . GLY A 1 43 ? -9.679  -2.758  -3.963  1.00 26.47 ? 43  GLY A N   1 
ATOM   263 C  CA  . GLY A 1 43 ? -9.936  -2.693  -2.528  1.00 28.34 ? 43  GLY A CA  1 
ATOM   264 C  C   . GLY A 1 43 ? -9.735  -4.025  -1.833  1.00 30.92 ? 43  GLY A C   1 
ATOM   265 O  O   . GLY A 1 43 ? -9.257  -4.076  -0.688  1.00 29.73 ? 43  GLY A O   1 
ATOM   266 N  N   . SER A 1 44 ? -10.104 -5.125  -2.505  1.00 29.34 ? 44  SER A N   1 
ATOM   267 C  CA  . SER A 1 44 ? -9.855  -6.450  -1.938  1.00 29.54 ? 44  SER A CA  1 
ATOM   268 C  C   . SER A 1 44 ? -8.363  -6.680  -1.772  1.00 28.93 ? 44  SER A C   1 
ATOM   269 O  O   . SER A 1 44 ? -7.900  -7.130  -0.711  1.00 28.84 ? 44  SER A O   1 
ATOM   270 C  CB  . SER A 1 44 ? -10.469 -7.535  -2.826  1.00 28.23 ? 44  SER A CB  1 
ATOM   271 O  OG  . SER A 1 44 ? -11.870 -7.347  -2.957  1.00 32.59 ? 44  SER A OG  1 
ATOM   272 N  N   . ALA A 1 45 ? -7.591  -6.351  -2.817  1.00 29.26 ? 45  ALA A N   1 
ATOM   273 C  CA  . ALA A 1 45 ? -6.137  -6.441  -2.705  1.00 28.41 ? 45  ALA A CA  1 
ATOM   274 C  C   . ALA A 1 45 ? -5.617  -5.634  -1.512  1.00 28.12 ? 45  ALA A C   1 
ATOM   275 O  O   . ALA A 1 45 ? -4.783  -6.124  -0.740  1.00 27.32 ? 45  ALA A O   1 
ATOM   276 C  CB  . ALA A 1 45 ? -5.491  -5.979  -4.011  1.00 25.69 ? 45  ALA A CB  1 
ATOM   277 N  N   . TYR A 1 46 ? -6.115  -4.403  -1.329  1.00 28.73 ? 46  TYR A N   1 
ATOM   278 C  CA  . TYR A 1 46 ? -5.639  -3.569  -0.223  1.00 24.50 ? 46  TYR A CA  1 
ATOM   279 C  C   . TYR A 1 46 ? -5.959  -4.189  1.134   1.00 31.08 ? 46  TYR A C   1 
ATOM   280 O  O   . TYR A 1 46 ? -5.117  -4.197  2.047   1.00 26.68 ? 46  TYR A O   1 
ATOM   281 C  CB  . TYR A 1 46 ? -6.248  -2.171  -0.302  1.00 26.26 ? 46  TYR A CB  1 
ATOM   282 C  CG  . TYR A 1 46 ? -5.692  -1.279  0.785   1.00 26.39 ? 46  TYR A CG  1 
ATOM   283 C  CD1 . TYR A 1 46 ? -4.458  -0.657  0.626   1.00 24.53 ? 46  TYR A CD1 1 
ATOM   284 C  CD2 . TYR A 1 46 ? -6.378  -1.087  1.981   1.00 28.33 ? 46  TYR A CD2 1 
ATOM   285 C  CE1 . TYR A 1 46 ? -3.920  0.143   1.629   1.00 26.29 ? 46  TYR A CE1 1 
ATOM   286 C  CE2 . TYR A 1 46 ? -5.856  -0.279  2.990   1.00 28.88 ? 46  TYR A CE2 1 
ATOM   287 C  CZ  . TYR A 1 46 ? -4.633  0.331   2.808   1.00 28.59 ? 46  TYR A CZ  1 
ATOM   288 O  OH  . TYR A 1 46 ? -4.107  1.138   3.796   1.00 28.84 ? 46  TYR A OH  1 
ATOM   289 N  N   . GLU A 1 47 ? -7.197  -4.661  1.308   1.00 29.37 ? 47  GLU A N   1 
ATOM   290 C  CA  . GLU A 1 47 ? -7.558  -5.318  2.562   1.00 30.99 ? 47  GLU A CA  1 
ATOM   291 C  C   . GLU A 1 47 ? -6.655  -6.515  2.837   1.00 31.17 ? 47  GLU A C   1 
ATOM   292 O  O   . GLU A 1 47 ? -6.219  -6.724  3.977   1.00 31.40 ? 47  GLU A O   1 
ATOM   293 C  CB  . GLU A 1 47 ? -9.024  -5.743  2.526   1.00 31.92 ? 47  GLU A CB  1 
ATOM   294 C  CG  . GLU A 1 47 ? -10.019 -4.593  2.673   1.00 34.85 ? 47  GLU A CG  1 
ATOM   295 C  CD  . GLU A 1 47 ? -11.384 -4.915  2.085   1.00 38.36 ? 47  GLU A CD  1 
ATOM   296 O  OE1 . GLU A 1 47 ? -11.532 -5.997  1.477   1.00 40.86 ? 47  GLU A OE1 1 
ATOM   297 O  OE2 . GLU A 1 47 ? -12.312 -4.081  2.215   1.00 41.15 ? 47  GLU A OE2 1 
ATOM   298 N  N   . SER A 1 48 ? -6.343  -7.302  1.796   1.00 30.40 ? 48  SER A N   1 
ATOM   299 C  CA  . SER A 1 48 ? -5.446  -8.450  1.948   1.00 29.83 ? 48  SER A CA  1 
ATOM   300 C  C   . SER A 1 48 ? -4.031  -8.063  2.356   1.00 32.43 ? 48  SER A C   1 
ATOM   301 O  O   . SER A 1 48 ? -3.232  -8.960  2.652   1.00 34.24 ? 48  SER A O   1 
ATOM   302 C  CB  . SER A 1 48 ? -5.366  -9.252  0.648   1.00 31.85 ? 48  SER A CB  1 
ATOM   303 O  OG  . SER A 1 48 ? -6.518  -10.059 0.464   1.00 34.39 ? 48  SER A OG  1 
ATOM   304 N  N   . SER A 1 49 ? -3.702  -6.764  2.365   1.00 30.93 ? 49  SER A N   1 
ATOM   305 C  CA  . SER A 1 49 ? -2.353  -6.272  2.647   1.00 27.97 ? 49  SER A CA  1 
ATOM   306 C  C   . SER A 1 49 ? -1.355  -6.688  1.564   1.00 27.14 ? 49  SER A C   1 
ATOM   307 O  O   . SER A 1 49 ? -0.167  -6.860  1.834   1.00 31.13 ? 49  SER A O   1 
ATOM   308 C  CB  . SER A 1 49 ? -1.873  -6.723  4.026   1.00 33.26 ? 49  SER A CB  1 
ATOM   309 O  OG  . SER A 1 49 ? -0.878  -5.839  4.515   1.00 36.95 ? 49  SER A OG  1 
ATOM   310 N  N   . LEU A 1 50 ? -1.827  -6.866  0.328   1.00 27.14 ? 50  LEU A N   1 
ATOM   311 C  CA  . LEU A 1 50 ? -0.971  -7.229  -0.798  1.00 24.83 ? 50  LEU A CA  1 
ATOM   312 C  C   . LEU A 1 50 ? -1.178  -6.280  -1.968  1.00 23.41 ? 50  LEU A C   1 
ATOM   313 O  O   . LEU A 1 50 ? -0.866  -6.624  -3.112  1.00 22.93 ? 50  LEU A O   1 
ATOM   314 C  CB  . LEU A 1 50 ? -1.218  -8.677  -1.233  1.00 27.71 ? 50  LEU A CB  1 
ATOM   315 C  CG  . LEU A 1 50 ? -1.016  -9.703  -0.113  1.00 30.71 ? 50  LEU A CG  1 
ATOM   316 C  CD1 . LEU A 1 50 ? -1.730  -11.019 -0.406  1.00 32.77 ? 50  LEU A CD1 1 
ATOM   317 C  CD2 . LEU A 1 50 ? 0.481   -9.924  0.127   1.00 33.41 ? 50  LEU A CD2 1 
ATOM   318 N  N   . PHE A 1 51 ? -1.694  -5.083  -1.697  1.00 23.97 ? 51  PHE A N   1 
ATOM   319 C  CA  . PHE A 1 51 ? -1.874  -4.098  -2.750  1.00 21.92 ? 51  PHE A CA  1 
ATOM   320 C  C   . PHE A 1 51 ? -0.571  -3.839  -3.509  1.00 23.34 ? 51  PHE A C   1 
ATOM   321 O  O   . PHE A 1 51 ? -0.519  -3.959  -4.742  1.00 24.59 ? 51  PHE A O   1 
ATOM   322 C  CB  . PHE A 1 51 ? -2.433  -2.805  -2.149  1.00 20.17 ? 51  PHE A CB  1 
ATOM   323 C  CG  . PHE A 1 51 ? -2.758  -1.775  -3.167  1.00 19.85 ? 51  PHE A CG  1 
ATOM   324 C  CD1 . PHE A 1 51 ? -1.808  -0.847  -3.558  1.00 21.61 ? 51  PHE A CD1 1 
ATOM   325 C  CD2 . PHE A 1 51 ? -4.024  -1.733  -3.744  1.00 23.00 ? 51  PHE A CD2 1 
ATOM   326 C  CE1 . PHE A 1 51 ? -2.113  0.109   -4.514  1.00 21.18 ? 51  PHE A CE1 1 
ATOM   327 C  CE2 . PHE A 1 51 ? -4.343  -0.787  -4.687  1.00 20.76 ? 51  PHE A CE2 1 
ATOM   328 C  CZ  . PHE A 1 51 ? -3.389  0.143   -5.077  1.00 20.82 ? 51  PHE A CZ  1 
ATOM   329 N  N   . CYS A 1 52 ? 0.501   -3.482  -2.798  1.00 18.61 ? 52  CYS A N   1 
ATOM   330 C  CA  . CYS A 1 52 ? 1.719   -3.121  -3.517  1.00 20.57 ? 52  CYS A CA  1 
ATOM   331 C  C   . CYS A 1 52 ? 2.359   -4.316  -4.204  1.00 22.76 ? 52  CYS A C   1 
ATOM   332 O  O   . CYS A 1 52 ? 2.934   -4.161  -5.282  1.00 20.21 ? 52  CYS A O   1 
ATOM   333 C  CB  . CYS A 1 52 ? 2.723   -2.467  -2.584  1.00 20.69 ? 52  CYS A CB  1 
ATOM   334 S  SG  . CYS A 1 52 ? 2.129   -0.870  -2.089  1.00 15.98 ? 52  CYS A SG  1 
ATOM   335 N  N   . GLU A 1 53 ? 2.286   -5.503  -3.599  1.00 22.32 ? 53  GLU A N   1 
ATOM   336 C  CA  . GLU A 1 53 ? 2.779   -6.694  -4.284  1.00 22.79 ? 53  GLU A CA  1 
ATOM   337 C  C   . GLU A 1 53 ? 2.045   -6.898  -5.605  1.00 26.08 ? 53  GLU A C   1 
ATOM   338 O  O   . GLU A 1 53 ? 2.657   -7.268  -6.613  1.00 29.86 ? 53  GLU A O   1 
ATOM   339 C  CB  . GLU A 1 53 ? 2.618   -7.919  -3.379  1.00 25.69 ? 53  GLU A CB  1 
ATOM   340 C  CG  . GLU A 1 53 ? 3.619   -7.985  -2.222  1.00 23.98 ? 53  GLU A CG  1 
ATOM   341 C  CD  . GLU A 1 53 ? 3.212   -7.173  -0.967  1.00 30.35 ? 53  GLU A CD  1 
ATOM   342 O  OE1 . GLU A 1 53 ? 2.201   -6.400  -0.998  1.00 27.17 ? 53  GLU A OE1 1 
ATOM   343 O  OE2 . GLU A 1 53 ? 3.926   -7.315  0.067   1.00 29.24 ? 53  GLU A OE2 1 
ATOM   344 N  N   . GLN A 1 54 ? 0.736   -6.624  -5.622  1.00 22.62 ? 54  GLN A N   1 
ATOM   345 C  CA  . GLN A 1 54 ? -0.127  -6.901  -6.766  1.00 25.40 ? 54  GLN A CA  1 
ATOM   346 C  C   . GLN A 1 54 ? -0.037  -5.839  -7.867  1.00 28.61 ? 54  GLN A C   1 
ATOM   347 O  O   . GLN A 1 54 ? -0.201  -6.168  -9.049  1.00 30.67 ? 54  GLN A O   1 
ATOM   348 C  CB  . GLN A 1 54 ? -1.569  -7.029  -6.274  1.00 24.85 ? 54  GLN A CB  1 
ATOM   349 C  CG  . GLN A 1 54 ? -2.610  -7.155  -7.371  1.00 31.01 ? 54  GLN A CG  1 
ATOM   350 C  CD  . GLN A 1 54 ? -3.848  -7.893  -6.899  1.00 36.91 ? 54  GLN A CD  1 
ATOM   351 O  OE1 . GLN A 1 54 ? -3.792  -8.662  -5.931  1.00 41.63 ? 54  GLN A OE1 1 
ATOM   352 N  NE2 . GLN A 1 54 ? -4.976  -7.666  -7.578  1.00 40.36 ? 54  GLN A NE2 1 
ATOM   353 N  N   . PHE A 1 55 ? 0.229   -4.573  -7.516  1.00 25.43 ? 55  PHE A N   1 
ATOM   354 C  CA  . PHE A 1 55 ? 0.132   -3.472  -8.470  1.00 26.24 ? 55  PHE A CA  1 
ATOM   355 C  C   . PHE A 1 55 ? 1.401   -2.654  -8.649  1.00 23.60 ? 55  PHE A C   1 
ATOM   356 O  O   . PHE A 1 55 ? 1.517   -1.954  -9.657  1.00 24.53 ? 55  PHE A O   1 
ATOM   357 C  CB  . PHE A 1 55 ? -0.991  -2.508  -8.066  1.00 20.80 ? 55  PHE A CB  1 
ATOM   358 C  CG  . PHE A 1 55 ? -2.364  -3.125  -8.084  1.00 23.39 ? 55  PHE A CG  1 
ATOM   359 C  CD1 . PHE A 1 55 ? -2.981  -3.450  -9.288  1.00 27.66 ? 55  PHE A CD1 1 
ATOM   360 C  CD2 . PHE A 1 55 ? -3.044  -3.375  -6.899  1.00 24.28 ? 55  PHE A CD2 1 
ATOM   361 C  CE1 . PHE A 1 55 ? -4.247  -4.018  -9.306  1.00 28.51 ? 55  PHE A CE1 1 
ATOM   362 C  CE2 . PHE A 1 55 ? -4.314  -3.944  -6.905  1.00 24.89 ? 55  PHE A CE2 1 
ATOM   363 C  CZ  . PHE A 1 55 ? -4.914  -4.269  -8.119  1.00 29.84 ? 55  PHE A CZ  1 
ATOM   364 N  N   . HIS A 1 56 ? 2.349   -2.708  -7.719  1.00 21.22 ? 56  HIS A N   1 
ATOM   365 C  CA  . HIS A 1 56 ? 3.494   -1.811  -7.762  1.00 23.55 ? 56  HIS A CA  1 
ATOM   366 C  C   . HIS A 1 56 ? 4.809   -2.555  -7.971  1.00 23.18 ? 56  HIS A C   1 
ATOM   367 O  O   . HIS A 1 56 ? 5.875   -1.972  -7.763  1.00 20.70 ? 56  HIS A O   1 
ATOM   368 C  CB  . HIS A 1 56 ? 3.540   -0.953  -6.484  1.00 20.02 ? 56  HIS A CB  1 
ATOM   369 C  CG  . HIS A 1 56 ? 2.421   0.038   -6.393  1.00 21.45 ? 56  HIS A CG  1 
ATOM   370 N  ND1 . HIS A 1 56 ? 2.222   0.848   -5.290  1.00 18.43 ? 56  HIS A ND1 1 
ATOM   371 C  CD2 . HIS A 1 56 ? 1.436   0.353   -7.273  1.00 22.25 ? 56  HIS A CD2 1 
ATOM   372 C  CE1 . HIS A 1 56 ? 1.156   1.606   -5.493  1.00 20.36 ? 56  HIS A CE1 1 
ATOM   373 N  NE2 . HIS A 1 56 ? 0.674   1.340   -6.695  1.00 23.64 ? 56  HIS A NE2 1 
ATOM   374 N  N   . LYS A 1 57 ? 4.747   -3.818  -8.423  1.00 25.11 ? 57  LYS A N   1 
ATOM   375 C  CA  . LYS A 1 57 ? 5.941   -4.654  -8.592  1.00 26.61 ? 57  LYS A CA  1 
ATOM   376 C  C   . LYS A 1 57 ? 7.044   -3.948  -9.376  1.00 27.87 ? 57  LYS A C   1 
ATOM   377 O  O   . LYS A 1 57 ? 8.222   -4.011  -9.011  1.00 30.54 ? 57  LYS A O   1 
ATOM   378 C  CB  . LYS A 1 57 ? 5.574   -5.946  -9.330  1.00 28.60 ? 57  LYS A CB  1 
ATOM   379 C  CG  . LYS A 1 57 ? 5.077   -7.106  -8.509  1.00 35.58 ? 57  LYS A CG  1 
ATOM   380 C  CD  . LYS A 1 57 ? 4.505   -8.192  -9.469  1.00 34.61 ? 57  LYS A CD  1 
ATOM   381 C  CE  . LYS A 1 57 ? 3.990   -9.427  -8.717  1.00 39.06 ? 57  LYS A CE  1 
ATOM   382 N  NZ  . LYS A 1 57 ? 2.514   -9.399  -8.454  1.00 32.14 ? 57  LYS A NZ  1 
ATOM   383 N  N   . ASP A 1 58 ? 6.677   -3.309  -10.483 1.00 28.14 ? 58  ASP A N   1 
ATOM   384 C  CA  . ASP A 1 58 ? 7.635   -2.708  -11.400 1.00 30.85 ? 58  ASP A CA  1 
ATOM   385 C  C   . ASP A 1 58 ? 8.189   -1.378  -10.898 1.00 32.50 ? 58  ASP A C   1 
ATOM   386 O  O   . ASP A 1 58 ? 9.185   -0.894  -11.453 1.00 29.08 ? 58  ASP A O   1 
ATOM   387 C  CB  . ASP A 1 58 ? 6.962   -2.489  -12.759 1.00 37.34 ? 58  ASP A CB  1 
ATOM   388 C  CG  . ASP A 1 58 ? 7.946   -2.523  -13.942 1.00 48.03 ? 58  ASP A CG  1 
ATOM   389 O  OD1 . ASP A 1 58 ? 9.119   -2.105  -13.789 1.00 50.52 ? 58  ASP A OD1 1 
ATOM   390 O  OD2 . ASP A 1 58 ? 7.526   -2.951  -15.051 1.00 50.34 ? 58  ASP A OD2 1 
ATOM   391 N  N   . GLN A 1 59 ? 7.581   -0.779  -9.869  1.00 30.44 ? 59  GLN A N   1 
ATOM   392 C  CA  . GLN A 1 59 ? 7.879   0.605   -9.514  1.00 22.63 ? 59  GLN A CA  1 
ATOM   393 C  C   . GLN A 1 59 ? 9.158   0.716   -8.693  1.00 21.77 ? 59  GLN A C   1 
ATOM   394 O  O   . GLN A 1 59 ? 9.656   -0.253  -8.115  1.00 23.41 ? 59  GLN A O   1 
ATOM   395 C  CB  . GLN A 1 59 ? 6.724   1.233   -8.741  1.00 22.39 ? 59  GLN A CB  1 
ATOM   396 C  CG  . GLN A 1 59 ? 5.458   1.369   -9.548  1.00 25.12 ? 59  GLN A CG  1 
ATOM   397 C  CD  . GLN A 1 59 ? 4.391   2.144   -8.826  1.00 21.08 ? 59  GLN A CD  1 
ATOM   398 O  OE1 . GLN A 1 59 ? 4.618   2.692   -7.742  1.00 25.38 ? 59  GLN A OE1 1 
ATOM   399 N  NE2 . GLN A 1 59 ? 3.203   2.199   -9.421  1.00 25.82 ? 59  GLN A NE2 1 
ATOM   400 N  N   . SER A 1 60 ? 9.691   1.934   -8.643  1.00 16.73 ? 60  SER A N   1 
ATOM   401 C  CA  . SER A 1 60 ? 10.825  2.188   -7.782  1.00 17.27 ? 60  SER A CA  1 
ATOM   402 C  C   . SER A 1 60 ? 10.359  2.237   -6.322  1.00 18.02 ? 60  SER A C   1 
ATOM   403 O  O   . SER A 1 60 ? 9.165   2.338   -6.029  1.00 19.56 ? 60  SER A O   1 
ATOM   404 C  CB  . SER A 1 60 ? 11.501  3.506   -8.161  1.00 18.31 ? 60  SER A CB  1 
ATOM   405 O  OG  . SER A 1 60 ? 10.543  4.537   -8.121  1.00 21.22 ? 60  SER A OG  1 
ATOM   406 N  N   . GLY A 1 61 ? 11.323  2.164   -5.407  1.00 17.12 ? 61  GLY A N   1 
ATOM   407 C  CA  . GLY A 1 61 ? 11.073  2.371   -3.993  1.00 19.41 ? 61  GLY A CA  1 
ATOM   408 C  C   . GLY A 1 61 ? 11.114  1.135   -3.118  1.00 17.76 ? 61  GLY A C   1 
ATOM   409 O  O   . GLY A 1 61 ? 11.084  1.284   -1.886  1.00 16.74 ? 61  GLY A O   1 
ATOM   410 N  N   . TRP A 1 62 ? 11.199  -0.071  -3.689  1.00 18.74 ? 62  TRP A N   1 
ATOM   411 C  CA  . TRP A 1 62 ? 11.185  -1.276  -2.862  1.00 19.31 ? 62  TRP A CA  1 
ATOM   412 C  C   . TRP A 1 62 ? 12.481  -1.428  -2.081  1.00 19.13 ? 62  TRP A C   1 
ATOM   413 O  O   . TRP A 1 62 ? 13.585  -1.325  -2.634  1.00 20.11 ? 62  TRP A O   1 
ATOM   414 C  CB  . TRP A 1 62 ? 10.958  -2.520  -3.721  1.00 19.71 ? 62  TRP A CB  1 
ATOM   415 C  CG  . TRP A 1 62 ? 9.612   -2.630  -4.339  1.00 18.09 ? 62  TRP A CG  1 
ATOM   416 C  CD1 . TRP A 1 62 ? 9.227   -2.187  -5.582  1.00 18.39 ? 62  TRP A CD1 1 
ATOM   417 C  CD2 . TRP A 1 62 ? 8.461   -3.266  -3.772  1.00 17.42 ? 62  TRP A CD2 1 
ATOM   418 N  NE1 . TRP A 1 62 ? 7.912   -2.497  -5.807  1.00 19.61 ? 62  TRP A NE1 1 
ATOM   419 C  CE2 . TRP A 1 62 ? 7.419   -3.157  -4.710  1.00 17.98 ? 62  TRP A CE2 1 
ATOM   420 C  CE3 . TRP A 1 62 ? 8.207   -3.894  -2.546  1.00 16.96 ? 62  TRP A CE3 1 
ATOM   421 C  CZ2 . TRP A 1 62 ? 6.140   -3.661  -4.468  1.00 19.75 ? 62  TRP A CZ2 1 
ATOM   422 C  CZ3 . TRP A 1 62 ? 6.944   -4.407  -2.314  1.00 16.79 ? 62  TRP A CZ3 1 
ATOM   423 C  CH2 . TRP A 1 62 ? 5.923   -4.285  -3.270  1.00 17.69 ? 62  TRP A CH2 1 
ATOM   424 N  N   . ARG A 1 63 ? 12.348  -1.674  -0.791  1.00 17.19 ? 63  ARG A N   1 
ATOM   425 C  CA  . ARG A 1 63 ? 13.459  -2.036  0.059   1.00 16.76 ? 63  ARG A CA  1 
ATOM   426 C  C   . ARG A 1 63 ? 13.128  -3.355  0.742   1.00 18.94 ? 63  ARG A C   1 
ATOM   427 O  O   . ARG A 1 63 ? 12.047  -3.911  0.581   1.00 19.34 ? 63  ARG A O   1 
ATOM   428 C  CB  . ARG A 1 63 ? 13.750  -0.964  1.104   1.00 17.39 ? 63  ARG A CB  1 
ATOM   429 C  CG  . ARG A 1 63 ? 13.814  0.449   0.572   1.00 16.30 ? 63  ARG A CG  1 
ATOM   430 C  CD  . ARG A 1 63 ? 14.403  1.359   1.604   1.00 15.67 ? 63  ARG A CD  1 
ATOM   431 N  NE  . ARG A 1 63 ? 15.818  1.074   1.758   1.00 15.98 ? 63  ARG A NE  1 
ATOM   432 C  CZ  . ARG A 1 63 ? 16.670  1.802   2.462   1.00 19.60 ? 63  ARG A CZ  1 
ATOM   433 N  NH1 . ARG A 1 63 ? 16.264  2.900   3.100   1.00 19.78 ? 63  ARG A NH1 1 
ATOM   434 N  NH2 . ARG A 1 63 ? 17.945  1.431   2.513   1.00 19.18 ? 63  ARG A NH2 1 
ATOM   435 N  N   . GLU A 1 64 ? 14.071  -3.848  1.512   1.00 19.42 ? 64  GLU A N   1 
ATOM   436 C  CA  . GLU A 1 64 ? 13.904  -5.087  2.240   1.00 19.29 ? 64  GLU A CA  1 
ATOM   437 C  C   . GLU A 1 64 ? 13.908  -4.776  3.723   1.00 17.67 ? 64  GLU A C   1 
ATOM   438 O  O   . GLU A 1 64 ? 14.724  -3.972  4.178   1.00 19.12 ? 64  GLU A O   1 
ATOM   439 C  CB  . GLU A 1 64 ? 15.028  -6.065  1.873   1.00 19.80 ? 64  GLU A CB  1 
ATOM   440 C  CG  . GLU A 1 64 ? 14.908  -6.558  0.448   1.00 25.28 ? 64  GLU A CG  1 
ATOM   441 C  CD  . GLU A 1 64 ? 16.013  -7.529  0.065   1.00 30.63 ? 64  GLU A CD  1 
ATOM   442 O  OE1 . GLU A 1 64 ? 16.957  -7.716  0.868   1.00 32.17 ? 64  GLU A OE1 1 
ATOM   443 O  OE2 . GLU A 1 64 ? 15.932  -8.102  -1.038  1.00 33.40 ? 64  GLU A OE2 1 
ATOM   444 N  N   . CYS A 1 65 ? 12.969  -5.392  4.464   1.00 16.73 ? 65  CYS A N   1 
ATOM   445 C  CA  . CYS A 1 65 ? 12.973  -5.306  5.917   1.00 16.33 ? 65  CYS A CA  1 
ATOM   446 C  C   . CYS A 1 65 ? 14.344  -5.668  6.454   1.00 21.08 ? 65  CYS A C   1 
ATOM   447 O  O   . CYS A 1 65 ? 14.952  -6.653  6.025   1.00 22.07 ? 65  CYS A O   1 
ATOM   448 C  CB  . CYS A 1 65 ? 11.923  -6.259  6.520   1.00 17.96 ? 65  CYS A CB  1 
ATOM   449 S  SG  . CYS A 1 65 ? 11.961  -6.338  8.319   1.00 17.92 ? 65  CYS A SG  1 
ATOM   450 N  N   . TYR A 1 66 ? 14.809  -4.891  7.437   1.00 19.26 ? 66  TYR A N   1 
ATOM   451 C  CA  . TYR A 1 66 ? 16.155  -5.100  7.960   1.00 22.37 ? 66  TYR A CA  1 
ATOM   452 C  C   . TYR A 1 66 ? 16.298  -6.446  8.666   1.00 24.56 ? 66  TYR A C   1 
ATOM   453 O  O   . TYR A 1 66 ? 17.426  -6.905  8.872   1.00 26.07 ? 66  TYR A O   1 
ATOM   454 C  CB  . TYR A 1 66 ? 16.523  -3.969  8.925   1.00 21.83 ? 66  TYR A CB  1 
ATOM   455 C  CG  . TYR A 1 66 ? 15.944  -4.191  10.291  1.00 23.03 ? 66  TYR A CG  1 
ATOM   456 C  CD1 . TYR A 1 66 ? 14.616  -3.889  10.555  1.00 24.34 ? 66  TYR A CD1 1 
ATOM   457 C  CD2 . TYR A 1 66 ? 16.709  -4.743  11.307  1.00 24.72 ? 66  TYR A CD2 1 
ATOM   458 C  CE1 . TYR A 1 66 ? 14.076  -4.115  11.807  1.00 26.63 ? 66  TYR A CE1 1 
ATOM   459 C  CE2 . TYR A 1 66 ? 16.174  -4.977  12.557  1.00 25.59 ? 66  TYR A CE2 1 
ATOM   460 C  CZ  . TYR A 1 66 ? 14.861  -4.660  12.802  1.00 25.95 ? 66  TYR A CZ  1 
ATOM   461 O  OH  . TYR A 1 66 ? 14.326  -4.898  14.047  1.00 30.82 ? 66  TYR A OH  1 
ATOM   462 N  N   . LEU A 1 67 ? 15.195  -7.088  9.049   1.00 21.85 ? 67  LEU A N   1 
ATOM   463 C  CA  . LEU A 1 67 ? 15.288  -8.299  9.864   1.00 22.75 ? 67  LEU A CA  1 
ATOM   464 C  C   . LEU A 1 67 ? 14.773  -9.548  9.176   1.00 22.72 ? 67  LEU A C   1 
ATOM   465 O  O   . LEU A 1 67 ? 15.387  -10.609 9.309   1.00 25.60 ? 67  LEU A O   1 
ATOM   466 C  CB  . LEU A 1 67 ? 14.543  -8.103  11.185  1.00 23.98 ? 67  LEU A CB  1 
ATOM   467 C  CG  . LEU A 1 67 ? 14.552  -9.285  12.168  1.00 26.84 ? 67  LEU A CG  1 
ATOM   468 C  CD1 . LEU A 1 67 ? 15.977  -9.780  12.379  1.00 27.97 ? 67  LEU A CD1 1 
ATOM   469 C  CD2 . LEU A 1 67 ? 13.899  -8.913  13.497  1.00 26.84 ? 67  LEU A CD2 1 
ATOM   470 N  N   . CYS A 1 68 ? 13.670  -9.474  8.437   1.00 22.52 ? 68  CYS A N   1 
ATOM   471 C  CA  . CYS A 1 68 ? 13.144  -10.662 7.776   1.00 19.21 ? 68  CYS A CA  1 
ATOM   472 C  C   . CYS A 1 68 ? 13.287  -10.616 6.263   1.00 21.00 ? 68  CYS A C   1 
ATOM   473 O  O   . CYS A 1 68 ? 12.899  -11.578 5.582   1.00 18.68 ? 68  CYS A O   1 
ATOM   474 C  CB  . CYS A 1 68 ? 11.676  -10.868 8.147   1.00 20.02 ? 68  CYS A CB  1 
ATOM   475 S  SG  . CYS A 1 68 ? 10.566  -9.737  7.294   1.00 18.74 ? 68  CYS A SG  1 
ATOM   476 N  N   . SER A 1 69 ? 13.802  -9.517  5.715   1.00 18.92 ? 69  SER A N   1 
ATOM   477 C  CA  . SER A 1 69 ? 14.033  -9.324  4.287   1.00 18.90 ? 69  SER A CA  1 
ATOM   478 C  C   . SER A 1 69 ? 12.765  -9.248  3.452   1.00 18.54 ? 69  SER A C   1 
ATOM   479 O  O   . SER A 1 69 ? 12.874  -9.192  2.235   1.00 17.56 ? 69  SER A O   1 
ATOM   480 C  CB  . SER A 1 69 ? 14.949  -10.408 3.701   1.00 23.60 ? 69  SER A CB  1 
ATOM   481 O  OG  . SER A 1 69 ? 16.234  -10.336 4.292   1.00 25.79 ? 69  SER A OG  1 
ATOM   482 N  N   . LYS A 1 70 ? 11.574  -9.235  4.061   1.00 17.69 ? 70  LYS A N   1 
ATOM   483 C  CA  . LYS A 1 70 ? 10.350  -8.983  3.313   1.00 18.09 ? 70  LYS A CA  1 
ATOM   484 C  C   . LYS A 1 70 ? 10.508  -7.747  2.435   1.00 19.58 ? 70  LYS A C   1 
ATOM   485 O  O   . LYS A 1 70 ? 11.104  -6.762  2.854   1.00 18.14 ? 70  LYS A O   1 
ATOM   486 C  CB  . LYS A 1 70 ? 9.189   -8.754  4.273   1.00 17.18 ? 70  LYS A CB  1 
ATOM   487 C  CG  . LYS A 1 70 ? 7.863   -8.757  3.590   1.00 19.89 ? 70  LYS A CG  1 
ATOM   488 C  CD  . LYS A 1 70 ? 6.760   -8.372  4.546   1.00 16.10 ? 70  LYS A CD  1 
ATOM   489 C  CE  . LYS A 1 70 ? 5.448   -8.496  3.836   1.00 20.49 ? 70  LYS A CE  1 
ATOM   490 N  NZ  . LYS A 1 70 ? 4.318   -8.254  4.776   1.00 24.05 ? 70  LYS A NZ  1 
ATOM   491 N  N   . ARG A 1 71 ? 9.964   -7.800  1.221   1.00 16.34 ? 71  ARG A N   1 
ATOM   492 C  CA  . ARG A 1 71 ? 9.958   -6.636  0.332   1.00 21.39 ? 71  ARG A CA  1 
ATOM   493 C  C   . ARG A 1 71 ? 8.890   -5.621  0.775   1.00 16.37 ? 71  ARG A C   1 
ATOM   494 O  O   . ARG A 1 71 ? 7.722   -5.979  0.979   1.00 15.64 ? 71  ARG A O   1 
ATOM   495 C  CB  . ARG A 1 71 ? 9.710   -7.092  -1.105  1.00 18.28 ? 71  ARG A CB  1 
ATOM   496 C  CG  . ARG A 1 71 ? 10.923  -7.711  -1.799  1.00 24.71 ? 71  ARG A CG  1 
ATOM   497 C  CD  . ARG A 1 71 ? 10.883  -7.561  -3.324  1.00 30.67 ? 71  ARG A CD  1 
ATOM   498 N  NE  . ARG A 1 71 ? 11.999  -6.690  -3.716  1.00 35.60 ? 71  ARG A NE  1 
ATOM   499 C  CZ  . ARG A 1 71 ? 11.983  -5.852  -4.754  1.00 33.47 ? 71  ARG A CZ  1 
ATOM   500 N  NH1 . ARG A 1 71 ? 13.034  -5.055  -4.983  1.00 36.69 ? 71  ARG A NH1 1 
ATOM   501 N  NH2 . ARG A 1 71 ? 10.921  -5.800  -5.565  1.00 34.22 ? 71  ARG A NH2 1 
ATOM   502 N  N   . LEU A 1 72 ? 9.301   -4.357  0.927   1.00 17.34 ? 72  LEU A N   1 
ATOM   503 C  CA  . LEU A 1 72 ? 8.454   -3.273  1.427   1.00 15.49 ? 72  LEU A CA  1 
ATOM   504 C  C   . LEU A 1 72 ? 8.484   -2.133  0.419   1.00 15.72 ? 72  LEU A C   1 
ATOM   505 O  O   . LEU A 1 72 ? 9.566   -1.672  0.052   1.00 14.74 ? 72  LEU A O   1 
ATOM   506 C  CB  . LEU A 1 72 ? 8.943   -2.763  2.774   1.00 12.70 ? 72  LEU A CB  1 
ATOM   507 C  CG  . LEU A 1 72 ? 8.982   -3.807  3.905   1.00 15.22 ? 72  LEU A CG  1 
ATOM   508 C  CD1 . LEU A 1 72 ? 9.691   -3.211  5.126   1.00 14.80 ? 72  LEU A CD1 1 
ATOM   509 C  CD2 . LEU A 1 72 ? 7.552   -4.209  4.195   1.00 14.08 ? 72  LEU A CD2 1 
ATOM   510 N  N   . HIS A 1 73 ? 7.314   -1.683  -0.031  1.00 13.27 ? 73  HIS A N   1 
ATOM   511 C  CA  . HIS A 1 73 ? 7.265   -0.646  -1.062  1.00 14.27 ? 73  HIS A CA  1 
ATOM   512 C  C   . HIS A 1 73 ? 7.314   0.715   -0.379  1.00 14.67 ? 73  HIS A C   1 
ATOM   513 O  O   . HIS A 1 73 ? 6.311   1.186   0.165   1.00 14.56 ? 73  HIS A O   1 
ATOM   514 C  CB  . HIS A 1 73 ? 6.028   -0.785  -1.935  1.00 14.41 ? 73  HIS A CB  1 
ATOM   515 C  CG  . HIS A 1 73 ? 6.101   0.072   -3.156  1.00 14.79 ? 73  HIS A CG  1 
ATOM   516 N  ND1 . HIS A 1 73 ? 4.986   0.594   -3.779  1.00 14.68 ? 73  HIS A ND1 1 
ATOM   517 C  CD2 . HIS A 1 73 ? 7.172   0.506   -3.866  1.00 17.46 ? 73  HIS A CD2 1 
ATOM   518 C  CE1 . HIS A 1 73 ? 5.374   1.318   -4.816  1.00 18.02 ? 73  HIS A CE1 1 
ATOM   519 N  NE2 . HIS A 1 73 ? 6.694   1.278   -4.894  1.00 17.04 ? 73  HIS A NE2 1 
ATOM   520 N  N   . CYS A 1 74 ? 8.480   1.346   -0.401  1.00 13.12 ? 74  CYS A N   1 
ATOM   521 C  CA  . CYS A 1 74 ? 8.651   2.623   0.267   1.00 12.44 ? 74  CYS A CA  1 
ATOM   522 C  C   . CYS A 1 74 ? 8.287   3.768   -0.677  1.00 15.27 ? 74  CYS A C   1 
ATOM   523 O  O   . CYS A 1 74 ? 8.122   3.594   -1.895  1.00 13.47 ? 74  CYS A O   1 
ATOM   524 C  CB  . CYS A 1 74 ? 10.079  2.776   0.792   1.00 12.64 ? 74  CYS A CB  1 
ATOM   525 S  SG  . CYS A 1 74 ? 10.642  1.410   1.907   1.00 15.97 ? 74  CYS A SG  1 
ATOM   526 N  N   . GLY A 1 75 ? 8.181   4.958   -0.094  1.00 15.04 ? 75  GLY A N   1 
ATOM   527 C  CA  . GLY A 1 75 ? 7.709   6.092   -0.860  1.00 15.09 ? 75  GLY A CA  1 
ATOM   528 C  C   . GLY A 1 75 ? 6.341   5.875   -1.455  1.00 14.09 ? 75  GLY A C   1 
ATOM   529 O  O   . GLY A 1 75 ? 6.052   6.405   -2.530  1.00 13.87 ? 75  GLY A O   1 
ATOM   530 N  N   . CYS A 1 76 ? 5.470   5.127   -0.771  1.00 16.00 ? 76  CYS A N   1 
ATOM   531 C  CA  . CYS A 1 76 ? 4.174   4.748   -1.326  1.00 14.72 ? 76  CYS A CA  1 
ATOM   532 C  C   . CYS A 1 76 ? 3.124   4.827   -0.241  1.00 17.40 ? 76  CYS A C   1 
ATOM   533 O  O   . CYS A 1 76 ? 3.215   4.118   0.770   1.00 15.12 ? 76  CYS A O   1 
ATOM   534 C  CB  . CYS A 1 76 ? 4.182   3.330   -1.918  1.00 15.20 ? 76  CYS A CB  1 
ATOM   535 S  SG  . CYS A 1 76 ? 2.584   2.878   -2.598  1.00 13.77 ? 76  CYS A SG  1 
ATOM   536 N  N   . ILE A 1 77 ? 2.104   5.652   -0.481  1.00 15.40 ? 77  ILE A N   1 
ATOM   537 C  CA  . ILE A 1 77 ? 1.062   5.854   0.509   1.00 15.44 ? 77  ILE A CA  1 
ATOM   538 C  C   . ILE A 1 77 ? 0.337   4.548   0.812   1.00 17.50 ? 77  ILE A C   1 
ATOM   539 O  O   . ILE A 1 77 ? -0.028  4.291   1.968   1.00 16.74 ? 77  ILE A O   1 
ATOM   540 C  CB  . ILE A 1 77 ? 0.128   6.971   0.004   1.00 17.90 ? 77  ILE A CB  1 
ATOM   541 C  CG1 . ILE A 1 77 ? -0.787  7.464   1.112   1.00 17.78 ? 77  ILE A CG1 1 
ATOM   542 C  CG2 . ILE A 1 77 ? -0.671  6.521   -1.231  1.00 17.16 ? 77  ILE A CG2 1 
ATOM   543 C  CD1 . ILE A 1 77 ? -1.480  8.757   0.733   1.00 25.25 ? 77  ILE A CD1 1 
ATOM   544 N  N   . ALA A 1 78 ? 0.199   3.661   -0.192  1.00 15.16 ? 78  ALA A N   1 
ATOM   545 C  CA  . ALA A 1 78 ? -0.566  2.425   -0.014  1.00 16.73 ? 78  ALA A CA  1 
ATOM   546 C  C   . ALA A 1 78 ? 0.066   1.460   0.989   1.00 18.17 ? 78  ALA A C   1 
ATOM   547 O  O   . ALA A 1 78 ? -0.637  0.582   1.514   1.00 18.84 ? 78  ALA A O   1 
ATOM   548 C  CB  . ALA A 1 78 ? -0.724  1.700   -1.351  1.00 16.60 ? 78  ALA A CB  1 
ATOM   549 N  N   . SER A 1 79 ? 1.372   1.572   1.238   1.00 16.64 ? 79  SER A N   1 
ATOM   550 C  CA  . SER A 1 79 ? 2.058   0.723   2.198   1.00 17.13 ? 79  SER A CA  1 
ATOM   551 C  C   . SER A 1 79 ? 2.509   1.485   3.429   1.00 16.59 ? 79  SER A C   1 
ATOM   552 O  O   . SER A 1 79 ? 3.160   0.883   4.299   1.00 17.68 ? 79  SER A O   1 
ATOM   553 C  CB  . SER A 1 79 ? 3.278   0.052   1.554   1.00 16.26 ? 79  SER A CB  1 
ATOM   554 O  OG  . SER A 1 79 ? 2.889   -1.095  0.813   1.00 19.61 ? 79  SER A OG  1 
ATOM   555 N  N   . LYS A 1 80 ? 2.179   2.783   3.522   1.00 16.85 ? 80  LYS A N   1 
ATOM   556 C  CA  . LYS A 1 80 ? 2.780   3.628   4.557   1.00 18.34 ? 80  LYS A CA  1 
ATOM   557 C  C   . LYS A 1 80 ? 2.553   3.061   5.954   1.00 19.05 ? 80  LYS A C   1 
ATOM   558 O  O   . LYS A 1 80 ? 3.481   2.997   6.767   1.00 19.45 ? 80  LYS A O   1 
ATOM   559 C  CB  . LYS A 1 80 ? 2.216   5.040   4.472   1.00 18.83 ? 80  LYS A CB  1 
ATOM   560 C  CG  . LYS A 1 80 ? 2.875   5.992   5.465   1.00 19.64 ? 80  LYS A CG  1 
ATOM   561 C  CD  . LYS A 1 80 ? 2.230   7.374   5.378   1.00 24.72 ? 80  LYS A CD  1 
ATOM   562 C  CE  . LYS A 1 80 ? 2.856   8.336   6.382   1.00 32.10 ? 80  LYS A CE  1 
ATOM   563 N  NZ  . LYS A 1 80 ? 2.011   9.542   6.548   1.00 31.65 ? 80  LYS A NZ  1 
ATOM   564 N  N   . VAL A 1 81 ? 1.330   2.612   6.236   1.00 20.93 ? 81  VAL A N   1 
ATOM   565 C  CA  . VAL A 1 81 ? 1.000   2.143   7.578   1.00 21.03 ? 81  VAL A CA  1 
ATOM   566 C  C   . VAL A 1 81 ? 1.735   0.851   7.963   1.00 24.16 ? 81  VAL A C   1 
ATOM   567 O  O   . VAL A 1 81 ? 1.853   0.548   9.162   1.00 27.06 ? 81  VAL A O   1 
ATOM   568 C  CB  . VAL A 1 81 ? -0.534  2.003   7.678   1.00 23.55 ? 81  VAL A CB  1 
ATOM   569 C  CG1 . VAL A 1 81 ? -1.037  0.911   6.753   1.00 20.34 ? 81  VAL A CG1 1 
ATOM   570 C  CG2 . VAL A 1 81 ? -0.962  1.758   9.102   1.00 26.83 ? 81  VAL A CG2 1 
ATOM   571 N  N   . THR A 1 82 ? 2.256   0.084   6.998   1.00 18.90 ? 82  THR A N   1 
ATOM   572 C  CA  . THR A 1 82 ? 2.902   -1.189  7.299   1.00 20.52 ? 82  THR A CA  1 
ATOM   573 C  C   . THR A 1 82 ? 4.424   -1.105  7.351   1.00 22.43 ? 82  THR A C   1 
ATOM   574 O  O   . THR A 1 82 ? 5.082   -2.143  7.533   1.00 21.50 ? 82  THR A O   1 
ATOM   575 C  CB  . THR A 1 82 ? 2.502   -2.254  6.270   1.00 23.94 ? 82  THR A CB  1 
ATOM   576 O  OG1 . THR A 1 82 ? 2.884   -1.807  4.964   1.00 24.08 ? 82  THR A OG1 1 
ATOM   577 C  CG2 . THR A 1 82 ? 1.000   -2.505  6.289   1.00 22.18 ? 82  THR A CG2 1 
ATOM   578 N  N   . ILE A 1 83 ? 5.012   0.080   7.182   1.00 17.03 ? 83  ILE A N   1 
ATOM   579 C  CA  . ILE A 1 83 ? 6.467   0.220   7.095   1.00 16.63 ? 83  ILE A CA  1 
ATOM   580 C  C   . ILE A 1 83 ? 6.951   1.148   8.197   1.00 19.31 ? 83  ILE A C   1 
ATOM   581 O  O   . ILE A 1 83 ? 6.463   2.276   8.313   1.00 19.05 ? 83  ILE A O   1 
ATOM   582 C  CB  . ILE A 1 83 ? 6.887   0.763   5.712   1.00 17.68 ? 83  ILE A CB  1 
ATOM   583 C  CG1 . ILE A 1 83 ? 6.587   -0.288  4.633   1.00 14.95 ? 83  ILE A CG1 1 
ATOM   584 C  CG2 . ILE A 1 83 ? 8.321   1.235   5.752   1.00 14.38 ? 83  ILE A CG2 1 
ATOM   585 C  CD1 . ILE A 1 83 ? 6.732   0.227   3.195   1.00 15.63 ? 83  ILE A CD1 1 
ATOM   586 N  N   . GLU A 1 84 ? 7.932   0.686   8.978   1.00 14.98 ? 84  GLU A N   1 
ATOM   587 C  CA  . GLU A 1 84 ? 8.604   1.517   9.966   1.00 19.84 ? 84  GLU A CA  1 
ATOM   588 C  C   . GLU A 1 84 ? 9.947   1.999   9.425   1.00 20.60 ? 84  GLU A C   1 
ATOM   589 O  O   . GLU A 1 84 ? 10.763  1.193   8.953   1.00 18.45 ? 84  GLU A O   1 
ATOM   590 C  CB  . GLU A 1 84 ? 8.827   0.748   11.268  1.00 23.44 ? 84  GLU A CB  1 
ATOM   591 C  CG  . GLU A 1 84 ? 7.544   0.229   11.868  1.00 29.09 ? 84  GLU A CG  1 
ATOM   592 C  CD  . GLU A 1 84 ? 6.648   1.343   12.336  1.00 34.89 ? 84  GLU A CD  1 
ATOM   593 O  OE1 . GLU A 1 84 ? 7.170   2.319   12.941  1.00 36.68 ? 84  GLU A OE1 1 
ATOM   594 O  OE2 . GLU A 1 84 ? 5.431   1.251   12.064  1.00 36.40 ? 84  GLU A OE2 1 
ATOM   595 N  N   . LEU A 1 85 ? 10.177  3.312   9.497   1.00 18.82 ? 85  LEU A N   1 
ATOM   596 C  CA  . LEU A 1 85 ? 11.496  3.866   9.211   1.00 19.15 ? 85  LEU A CA  1 
ATOM   597 C  C   . LEU A 1 85 ? 12.361  3.738   10.468  1.00 21.22 ? 85  LEU A C   1 
ATOM   598 O  O   . LEU A 1 85 ? 11.979  4.235   11.534  1.00 27.55 ? 85  LEU A O   1 
ATOM   599 C  CB  . LEU A 1 85 ? 11.366  5.326   8.756   1.00 17.84 ? 85  LEU A CB  1 
ATOM   600 C  CG  . LEU A 1 85 ? 11.224  5.599   7.242   1.00 20.57 ? 85  LEU A CG  1 
ATOM   601 C  CD1 . LEU A 1 85 ? 10.242  4.651   6.557   1.00 19.29 ? 85  LEU A CD1 1 
ATOM   602 C  CD2 . LEU A 1 85 ? 10.814  7.051   6.947   1.00 20.95 ? 85  LEU A CD2 1 
ATOM   603 N  N   . MET A 1 86 ? 13.512  3.061   10.355  1.00 20.92 ? 86  MET A N   1 
ATOM   604 C  CA  . MET A 1 86 ? 14.354  2.748   11.508  1.00 22.08 ? 86  MET A CA  1 
ATOM   605 C  C   . MET A 1 86 ? 15.317  3.898   11.803  1.00 21.90 ? 86  MET A C   1 
ATOM   606 O  O   . MET A 1 86 ? 15.680  4.679   10.925  1.00 19.10 ? 86  MET A O   1 
ATOM   607 C  CB  . MET A 1 86 ? 15.151  1.451   11.290  1.00 21.01 ? 86  MET A CB  1 
ATOM   608 C  CG  . MET A 1 86 ? 14.339  0.256   10.809  1.00 23.42 ? 86  MET A CG  1 
ATOM   609 S  SD  . MET A 1 86 ? 13.040  -0.228  11.965  1.00 25.10 ? 86  MET A SD  1 
ATOM   610 C  CE  . MET A 1 86 ? 13.991  -0.826  13.368  1.00 26.76 ? 86  MET A CE  1 
ATOM   611 N  N   . ASP A 1 87 ? 15.745  3.979   13.066  1.00 24.50 ? 87  ASP A N   1 
ATOM   612 C  CA  . ASP A 1 87 ? 16.441  5.172   13.555  1.00 26.31 ? 87  ASP A CA  1 
ATOM   613 C  C   . ASP A 1 87 ? 17.748  5.446   12.817  1.00 25.77 ? 87  ASP A C   1 
ATOM   614 O  O   . ASP A 1 87 ? 18.143  6.608   12.671  1.00 27.20 ? 87  ASP A O   1 
ATOM   615 C  CB  . ASP A 1 87 ? 16.708  5.037   15.053  1.00 28.47 ? 87  ASP A CB  1 
ATOM   616 C  CG  . ASP A 1 87 ? 15.528  5.471   15.895  1.00 31.32 ? 87  ASP A CG  1 
ATOM   617 O  OD1 . ASP A 1 87 ? 14.734  6.292   15.413  1.00 29.74 ? 87  ASP A OD1 1 
ATOM   618 O  OD2 . ASP A 1 87 ? 15.405  5.006   17.044  1.00 35.53 ? 87  ASP A OD2 1 
ATOM   619 N  N   . TYR A 1 88 ? 18.431  4.409   12.334  1.00 25.87 ? 88  TYR A N   1 
ATOM   620 C  CA  . TYR A 1 88 ? 19.737  4.584   11.712  1.00 26.69 ? 88  TYR A CA  1 
ATOM   621 C  C   . TYR A 1 88 ? 19.725  4.267   10.222  1.00 24.01 ? 88  TYR A C   1 
ATOM   622 O  O   . TYR A 1 88 ? 20.777  4.005   9.636   1.00 23.83 ? 88  TYR A O   1 
ATOM   623 C  CB  . TYR A 1 88 ? 20.768  3.725   12.445  1.00 27.56 ? 88  TYR A CB  1 
ATOM   624 C  CG  . TYR A 1 88 ? 20.650  3.908   13.934  1.00 31.41 ? 88  TYR A CG  1 
ATOM   625 C  CD1 . TYR A 1 88 ? 20.575  5.181   14.479  1.00 29.14 ? 88  TYR A CD1 1 
ATOM   626 C  CD2 . TYR A 1 88 ? 20.557  2.814   14.793  1.00 35.43 ? 88  TYR A CD2 1 
ATOM   627 C  CE1 . TYR A 1 88 ? 20.438  5.373   15.837  1.00 32.98 ? 88  TYR A CE1 1 
ATOM   628 C  CE2 . TYR A 1 88 ? 20.418  2.998   16.164  1.00 32.85 ? 88  TYR A CE2 1 
ATOM   629 C  CZ  . TYR A 1 88 ? 20.363  4.281   16.678  1.00 39.21 ? 88  TYR A CZ  1 
ATOM   630 O  OH  . TYR A 1 88 ? 20.228  4.488   18.038  1.00 45.79 ? 88  TYR A OH  1 
ATOM   631 N  N   . GLY A 1 89 ? 18.557  4.272   9.604   1.00 21.35 ? 89  GLY A N   1 
ATOM   632 C  CA  . GLY A 1 89 ? 18.434  3.954   8.203   1.00 19.61 ? 89  GLY A CA  1 
ATOM   633 C  C   . GLY A 1 89 ? 17.701  2.642   7.984   1.00 19.90 ? 89  GLY A C   1 
ATOM   634 O  O   . GLY A 1 89 ? 17.619  1.776   8.866   1.00 21.33 ? 89  GLY A O   1 
ATOM   635 N  N   . GLY A 1 90 ? 17.173  2.497   6.782   1.00 18.67 ? 90  GLY A N   1 
ATOM   636 C  CA  . GLY A 1 90 ? 16.494  1.276   6.413   1.00 17.46 ? 90  GLY A CA  1 
ATOM   637 C  C   . GLY A 1 90 ? 15.108  1.216   7.016   1.00 20.17 ? 90  GLY A C   1 
ATOM   638 O  O   . GLY A 1 90 ? 14.646  2.125   7.722   1.00 16.33 ? 90  GLY A O   1 
ATOM   639 N  N   . VAL A 1 91 ? 14.421  0.109   6.718   1.00 19.04 ? 91  VAL A N   1 
ATOM   640 C  CA  . VAL A 1 91 ? 13.033  -0.045  7.116   1.00 16.76 ? 91  VAL A CA  1 
ATOM   641 C  C   . VAL A 1 91 ? 12.839  -1.408  7.761   1.00 20.41 ? 91  VAL A C   1 
ATOM   642 O  O   . VAL A 1 91 ? 13.656  -2.326  7.601   1.00 16.29 ? 91  VAL A O   1 
ATOM   643 C  CB  . VAL A 1 91 ? 12.066  0.106   5.930   1.00 15.88 ? 91  VAL A CB  1 
ATOM   644 C  CG1 . VAL A 1 91 ? 11.954  1.585   5.491   1.00 16.72 ? 91  VAL A CG1 1 
ATOM   645 C  CG2 . VAL A 1 91 ? 12.489  -0.808  4.766   1.00 15.37 ? 91  VAL A CG2 1 
ATOM   646 N  N   . GLY A 1 92 ? 11.732  -1.517  8.485   1.00 19.07 ? 92  GLY A N   1 
ATOM   647 C  CA  . GLY A 1 92 ? 11.297  -2.792  9.035   1.00 19.85 ? 92  GLY A CA  1 
ATOM   648 C  C   . GLY A 1 92 ? 9.799   -2.925  8.904   1.00 20.26 ? 92  GLY A C   1 
ATOM   649 O  O   . GLY A 1 92 ? 9.058   -1.938  8.949   1.00 19.62 ? 92  GLY A O   1 
ATOM   650 N  N   . CYS A 1 93 ? 9.346   -4.166  8.707   1.00 20.45 ? 93  CYS A N   1 
ATOM   651 C  CA  . CYS A 1 93 ? 7.940   -4.482  8.930   1.00 21.78 ? 93  CYS A CA  1 
ATOM   652 C  C   . CYS A 1 93 ? 7.493   -3.943  10.276  1.00 25.27 ? 93  CYS A C   1 
ATOM   653 O  O   . CYS A 1 93 ? 8.287   -3.831  11.210  1.00 22.88 ? 93  CYS A O   1 
ATOM   654 C  CB  . CYS A 1 93 ? 7.704   -5.995  8.933   1.00 26.23 ? 93  CYS A CB  1 
ATOM   655 S  SG  . CYS A 1 93 ? 8.265   -6.811  7.499   1.00 30.12 ? 93  CYS A SG  1 
ATOM   656 N  N   . SER A 1 94 ? 6.198   -3.651  10.393  1.00 28.52 ? 94  SER A N   1 
ATOM   657 C  CA  . SER A 1 94 ? 5.661   -3.299  11.706  1.00 30.16 ? 94  SER A CA  1 
ATOM   658 C  C   . SER A 1 94 ? 5.957   -4.380  12.742  1.00 32.99 ? 94  SER A C   1 
ATOM   659 O  O   . SER A 1 94 ? 6.274   -4.061  13.894  1.00 34.97 ? 94  SER A O   1 
ATOM   660 C  CB  . SER A 1 94 ? 4.162   -3.033  11.605  1.00 32.61 ? 94  SER A CB  1 
ATOM   661 O  OG  . SER A 1 94 ? 3.938   -1.860  10.835  1.00 36.74 ? 94  SER A OG  1 
ATOM   662 N  N   . THR A 1 95 ? 5.907   -5.652  12.337  1.00 31.43 ? 95  THR A N   1 
ATOM   663 C  CA  . THR A 1 95 ? 6.268   -6.769  13.212  1.00 35.65 ? 95  THR A CA  1 
ATOM   664 C  C   . THR A 1 95 ? 7.709   -6.667  13.705  1.00 34.52 ? 95  THR A C   1 
ATOM   665 O  O   . THR A 1 95 ? 7.978   -6.722  14.910  1.00 36.83 ? 95  THR A O   1 
ATOM   666 C  CB  . THR A 1 95 ? 6.094   -8.086  12.453  1.00 35.73 ? 95  THR A CB  1 
ATOM   667 O  OG1 . THR A 1 95 ? 4.795   -8.128  11.853  1.00 45.05 ? 95  THR A OG1 1 
ATOM   668 C  CG2 . THR A 1 95 ? 6.302   -9.280  13.376  1.00 39.74 ? 95  THR A CG2 1 
ATOM   669 N  N   . CYS A 1 96 ? 8.658   -6.578  12.769  1.00 32.47 ? 96  CYS A N   1 
ATOM   670 C  CA  . CYS A 1 96 ? 10.077  -6.665  13.089  1.00 30.31 ? 96  CYS A CA  1 
ATOM   671 C  C   . CYS A 1 96 ? 10.638  -5.392  13.704  1.00 32.20 ? 96  CYS A C   1 
ATOM   672 O  O   . CYS A 1 96 ? 11.675  -5.451  14.371  1.00 35.75 ? 96  CYS A O   1 
ATOM   673 C  CB  . CYS A 1 96 ? 10.872  -7.003  11.828  1.00 26.88 ? 96  CYS A CB  1 
ATOM   674 S  SG  . CYS A 1 96 ? 10.222  -8.405  10.907  1.00 27.72 ? 96  CYS A SG  1 
ATOM   675 N  N   . ALA A 1 97 ? 10.002  -4.244  13.487  1.00 30.18 ? 97  ALA A N   1 
ATOM   676 C  CA  . ALA A 1 97 ? 10.501  -3.025  14.114  1.00 34.69 ? 97  ALA A CA  1 
ATOM   677 C  C   . ALA A 1 97 ? 10.010  -2.886  15.550  1.00 38.05 ? 97  ALA A C   1 
ATOM   678 O  O   . ALA A 1 97 ? 10.741  -2.387  16.411  1.00 42.15 ? 97  ALA A O   1 
ATOM   679 C  CB  . ALA A 1 97 ? 10.088  -1.803  13.298  1.00 31.34 ? 97  ALA A CB  1 
ATOM   680 N  N   . CYS A 1 98 ? 8.791   -3.335  15.828  1.00 34.25 ? 98  CYS A N   1 
ATOM   681 C  CA  . CYS A 1 98 ? 8.135   -3.020  17.091  1.00 41.05 ? 98  CYS A CA  1 
ATOM   682 C  C   . CYS A 1 98 ? 8.203   -4.197  18.057  1.00 42.31 ? 98  CYS A C   1 
ATOM   683 O  O   . CYS A 1 98 ? 8.179   -5.355  17.638  1.00 43.22 ? 98  CYS A O   1 
ATOM   684 C  CB  . CYS A 1 98 ? 6.671   -2.614  16.846  1.00 41.06 ? 98  CYS A CB  1 
ATOM   685 S  SG  . CYS A 1 98 ? 6.407   -1.277  15.594  1.00 47.93 ? 98  CYS A SG  1 
HETATM 686 ZN ZN  . ZN  B 2 .  ? 3.092   0.744   -3.432  1.00 16.23 ? 201 ZN  A ZN  1 
HETATM 687 ZN ZN  . ZN  C 2 .  ? 10.268  -7.894  8.670   1.00 19.40 ? 202 ZN  A ZN  1 
HETATM 688 ZN ZN  . ZN  D 2 .  ? -9.669  -0.494  -9.148  1.00 27.58 ? 203 ZN  A ZN  1 
HETATM 689 O  O   . HOH E 3 .  ? 4.904   -2.820  0.719   1.00 15.24 ? 301 HOH A O   1 
HETATM 690 O  O   . HOH E 3 .  ? 5.591   3.317   1.648   1.00 12.96 ? 302 HOH A O   1 
HETATM 691 O  O   . HOH E 3 .  ? 15.342  4.910   8.294   1.00 17.54 ? 303 HOH A O   1 
HETATM 692 O  O   . HOH E 3 .  ? 5.894   4.180   6.540   1.00 22.18 ? 304 HOH A O   1 
HETATM 693 O  O   . HOH E 3 .  ? 14.304  6.431   19.015  1.00 32.57 ? 305 HOH A O   1 
HETATM 694 O  O   . HOH E 3 .  ? 16.079  -1.806  5.029   1.00 20.16 ? 306 HOH A O   1 
HETATM 695 O  O   . HOH E 3 .  ? 5.113   -5.397  1.539   1.00 20.13 ? 307 HOH A O   1 
HETATM 696 O  O   . HOH E 3 .  ? 14.973  0.220   -4.358  1.00 21.21 ? 308 HOH A O   1 
HETATM 697 O  O   . HOH E 3 .  ? 11.173  6.645   -9.788  1.00 23.67 ? 309 HOH A O   1 
HETATM 698 O  O   . HOH E 3 .  ? -0.874  2.800   4.142   1.00 22.18 ? 310 HOH A O   1 
HETATM 699 O  O   . HOH E 3 .  ? 17.980  4.355   4.843   1.00 15.22 ? 311 HOH A O   1 
HETATM 700 O  O   . HOH E 3 .  ? 7.977   5.007   10.423  1.00 20.49 ? 312 HOH A O   1 
HETATM 701 O  O   . HOH E 3 .  ? 9.034   6.066   2.543   0.50 18.99 ? 313 HOH A O   1 
HETATM 702 O  O   . HOH E 3 .  ? 15.392  -3.697  -2.961  1.00 29.57 ? 314 HOH A O   1 
HETATM 703 O  O   . HOH E 3 .  ? 12.420  -0.822  -6.383  1.00 21.56 ? 315 HOH A O   1 
HETATM 704 O  O   . HOH E 3 .  ? 7.189   4.530   3.664   1.00 21.01 ? 316 HOH A O   1 
HETATM 705 O  O   . HOH E 3 .  ? 8.030   -10.684 -10.431 1.00 39.21 ? 317 HOH A O   1 
# 
